data_3GSD
#
_entry.id   3GSD
#
_cell.length_a   140.782
_cell.length_b   157.914
_cell.length_c   157.132
_cell.angle_alpha   90.00
_cell.angle_beta   90.00
_cell.angle_gamma   90.00
#
_symmetry.space_group_name_H-M   'C 2 2 21'
#
loop_
_entity.id
_entity.type
_entity.pdbx_description
1 polymer 'Divalent-cation tolerance protein cutA'
2 non-polymer 'SODIUM ION'
3 non-polymer DI(HYDROXYETHYL)ETHER
4 non-polymer '4-(2-HYDROXYETHYL)-1-PIPERAZINE ETHANESULFONIC ACID'
5 non-polymer 1,2-ETHANEDIOL
6 water water
#
_entity_poly.entity_id   1
_entity_poly.type   'polypeptide(L)'
_entity_poly.pdbx_seq_one_letter_code
;SNA(MSE)SDSDA(MSE)TDPNAVSYSNAIVVLCTAPDEASAQNLAAQVLGEKLAACVTLLPGATSLYYWEGKLEQEYEV
QLLFKSNTDHQQALLTYIKQHHPYQTPELLVLPVRDGDKDYLSWLNASLL
;
_entity_poly.pdbx_strand_id   A,B,C,D,E,F,G,H,I,J,K,L
#
# COMPACT_ATOMS: atom_id res chain seq x y z
N TYR A 18 13.56 10.40 -22.77
CA TYR A 18 12.41 11.29 -23.13
C TYR A 18 11.62 10.83 -24.35
N SER A 19 10.31 11.06 -24.32
CA SER A 19 9.48 10.72 -25.45
C SER A 19 9.63 11.86 -26.46
N ASN A 20 9.01 11.70 -27.61
CA ASN A 20 9.07 12.72 -28.62
C ASN A 20 7.83 13.62 -28.58
N ALA A 21 6.91 13.34 -27.66
CA ALA A 21 5.71 14.19 -27.54
C ALA A 21 6.06 15.54 -26.93
N ILE A 22 5.26 16.55 -27.23
CA ILE A 22 5.45 17.89 -26.68
C ILE A 22 4.08 18.48 -26.36
N VAL A 23 4.06 19.48 -25.47
CA VAL A 23 2.83 20.21 -25.14
C VAL A 23 3.17 21.66 -25.34
N VAL A 24 2.51 22.31 -26.29
CA VAL A 24 2.80 23.69 -26.57
C VAL A 24 1.76 24.59 -25.94
N LEU A 25 2.24 25.51 -25.10
CA LEU A 25 1.36 26.49 -24.47
C LEU A 25 1.21 27.70 -25.35
N CYS A 26 0.00 28.24 -25.38
CA CYS A 26 -0.33 29.41 -26.18
C CYS A 26 -1.59 30.02 -25.56
N THR A 27 -1.81 31.31 -25.75
CA THR A 27 -3.05 31.94 -25.26
C THR A 27 -3.72 32.68 -26.41
N ALA A 28 -5.05 32.81 -26.32
CA ALA A 28 -5.86 33.50 -27.31
C ALA A 28 -6.78 34.47 -26.56
N PRO A 29 -7.23 35.55 -27.23
CA PRO A 29 -8.07 36.53 -26.52
C PRO A 29 -9.47 36.03 -26.17
N ASP A 30 -9.99 35.09 -26.94
CA ASP A 30 -11.34 34.59 -26.69
C ASP A 30 -11.54 33.20 -27.24
N GLU A 31 -12.68 32.58 -26.92
CA GLU A 31 -12.96 31.22 -27.35
C GLU A 31 -13.11 31.08 -28.85
N ALA A 32 -13.73 32.07 -29.49
CA ALA A 32 -13.93 32.02 -30.94
C ALA A 32 -12.61 31.91 -31.67
N SER A 33 -11.66 32.78 -31.36
CA SER A 33 -10.35 32.76 -32.02
C SER A 33 -9.56 31.49 -31.65
N ALA A 34 -9.70 31.05 -30.39
CA ALA A 34 -9.02 29.82 -29.92
C ALA A 34 -9.51 28.62 -30.72
N GLN A 35 -10.82 28.51 -30.88
CA GLN A 35 -11.43 27.41 -31.64
C GLN A 35 -11.03 27.43 -33.10
N ASN A 36 -11.04 28.61 -33.71
CA ASN A 36 -10.66 28.72 -35.11
C ASN A 36 -9.23 28.25 -35.33
N LEU A 37 -8.32 28.74 -34.48
CA LEU A 37 -6.92 28.35 -34.55
C LEU A 37 -6.74 26.83 -34.35
N ALA A 38 -7.46 26.26 -33.39
CA ALA A 38 -7.36 24.83 -33.11
C ALA A 38 -7.81 24.03 -34.33
N ALA A 39 -8.93 24.45 -34.93
CA ALA A 39 -9.47 23.76 -36.10
C ALA A 39 -8.48 23.80 -37.29
N GLN A 40 -7.88 24.97 -37.51
CA GLN A 40 -6.89 25.12 -38.59
C GLN A 40 -5.66 24.20 -38.37
N VAL A 41 -5.08 24.27 -37.18
CA VAL A 41 -3.94 23.43 -36.82
C VAL A 41 -4.23 21.91 -36.99
N LEU A 42 -5.41 21.49 -36.54
CA LEU A 42 -5.79 20.09 -36.64
C LEU A 42 -6.03 19.66 -38.11
N GLY A 43 -6.66 20.53 -38.90
CA GLY A 43 -6.87 20.28 -40.32
C GLY A 43 -5.51 20.12 -41.04
N GLU A 44 -4.50 20.89 -40.62
CA GLU A 44 -3.14 20.79 -41.18
C GLU A 44 -2.36 19.59 -40.57
N LYS A 45 -2.97 18.93 -39.58
CA LYS A 45 -2.37 17.77 -38.91
C LYS A 45 -1.05 18.11 -38.20
N LEU A 46 -1.01 19.31 -37.62
CA LEU A 46 0.18 19.80 -36.92
C LEU A 46 0.11 19.59 -35.40
N ALA A 47 -1.03 19.07 -34.93
CA ALA A 47 -1.22 18.69 -33.53
C ALA A 47 -2.23 17.56 -33.51
N ALA A 48 -2.20 16.72 -32.46
CA ALA A 48 -3.14 15.61 -32.36
C ALA A 48 -4.41 16.00 -31.59
N CYS A 49 -4.24 16.90 -30.63
CA CYS A 49 -5.33 17.33 -29.78
C CYS A 49 -5.00 18.72 -29.29
N VAL A 50 -6.01 19.58 -29.26
CA VAL A 50 -5.82 20.92 -28.76
C VAL A 50 -6.85 21.11 -27.66
N THR A 51 -6.39 21.40 -26.46
CA THR A 51 -7.28 21.64 -25.32
C THR A 51 -7.28 23.11 -24.94
N LEU A 52 -8.50 23.66 -24.84
CA LEU A 52 -8.74 25.06 -24.50
C LEU A 52 -9.24 25.21 -23.06
N LEU A 53 -8.65 26.13 -22.31
CA LEU A 53 -9.03 26.44 -20.94
C LEU A 53 -9.51 27.88 -20.94
N PRO A 54 -10.81 28.08 -21.17
CA PRO A 54 -11.35 29.45 -21.25
C PRO A 54 -11.56 30.09 -19.89
N GLY A 55 -11.81 31.39 -19.89
CA GLY A 55 -12.05 32.11 -18.64
C GLY A 55 -10.82 32.34 -17.80
N ALA A 56 -9.64 32.22 -18.42
CA ALA A 56 -8.38 32.47 -17.69
C ALA A 56 -8.16 33.96 -17.62
N THR A 57 -7.30 34.37 -16.71
CA THR A 57 -6.90 35.76 -16.60
C THR A 57 -5.39 35.82 -16.71
N SER A 58 -4.89 36.71 -17.55
CA SER A 58 -3.45 36.91 -17.62
C SER A 58 -3.07 38.32 -17.21
N LEU A 59 -2.00 38.42 -16.41
CA LEU A 59 -1.43 39.70 -16.01
C LEU A 59 -0.03 39.78 -16.59
N TYR A 60 0.31 40.96 -17.09
CA TYR A 60 1.62 41.19 -17.71
C TYR A 60 1.78 42.68 -18.00
N TYR A 61 3.03 43.11 -18.15
CA TYR A 61 3.30 44.47 -18.56
C TYR A 61 3.37 44.50 -20.06
N TRP A 62 2.72 45.49 -20.65
CA TRP A 62 2.76 45.67 -22.07
C TRP A 62 2.94 47.18 -22.27
N GLU A 63 4.02 47.53 -22.96
CA GLU A 63 4.36 48.94 -23.21
C GLU A 63 4.31 49.79 -21.96
N GLY A 64 4.89 49.27 -20.87
CA GLY A 64 4.98 50.00 -19.61
C GLY A 64 3.78 49.98 -18.67
N LYS A 65 2.66 49.41 -19.10
CA LYS A 65 1.46 49.34 -18.22
C LYS A 65 1.10 47.91 -17.83
N LEU A 66 0.69 47.73 -16.57
CA LEU A 66 0.26 46.43 -16.07
C LEU A 66 -1.16 46.14 -16.55
N GLU A 67 -1.29 45.12 -17.39
CA GLU A 67 -2.59 44.75 -17.93
C GLU A 67 -3.11 43.50 -17.26
N GLN A 68 -4.44 43.38 -17.21
CA GLN A 68 -5.09 42.21 -16.65
C GLN A 68 -6.24 41.90 -17.61
N GLU A 69 -6.07 40.85 -18.40
CA GLU A 69 -7.05 40.52 -19.44
C GLU A 69 -7.50 39.09 -19.39
N TYR A 70 -8.75 38.87 -19.83
CA TYR A 70 -9.29 37.54 -19.95
C TYR A 70 -8.67 36.90 -21.19
N GLU A 71 -8.32 35.62 -21.07
CA GLU A 71 -7.74 34.87 -22.18
C GLU A 71 -8.13 33.42 -22.11
N VAL A 72 -7.86 32.69 -23.19
CA VAL A 72 -8.05 31.26 -23.22
C VAL A 72 -6.64 30.68 -23.21
N GLN A 73 -6.35 29.74 -22.30
CA GLN A 73 -5.05 29.08 -22.28
C GLN A 73 -5.19 27.81 -23.12
N LEU A 74 -4.38 27.69 -24.16
CA LEU A 74 -4.42 26.52 -25.00
C LEU A 74 -3.24 25.57 -24.75
N LEU A 75 -3.50 24.29 -24.97
N LEU A 75 -3.50 24.28 -24.93
CA LEU A 75 -2.49 23.24 -24.85
CA LEU A 75 -2.44 23.26 -24.84
C LEU A 75 -2.52 22.45 -26.13
C LEU A 75 -2.49 22.44 -26.12
N PHE A 76 -1.48 22.59 -26.96
CA PHE A 76 -1.39 21.82 -28.21
C PHE A 76 -0.54 20.59 -27.94
N LYS A 77 -1.13 19.41 -28.08
CA LYS A 77 -0.43 18.17 -27.83
C LYS A 77 0.05 17.64 -29.17
N SER A 78 1.38 17.58 -29.33
CA SER A 78 2.00 17.23 -30.62
C SER A 78 3.31 16.47 -30.40
N ASN A 79 4.16 16.40 -31.43
CA ASN A 79 5.46 15.75 -31.27
C ASN A 79 6.61 16.58 -31.85
N THR A 80 7.84 16.20 -31.53
CA THR A 80 9.01 16.96 -31.96
C THR A 80 9.17 17.05 -33.47
N ASP A 81 8.77 16.00 -34.19
CA ASP A 81 8.86 16.01 -35.66
C ASP A 81 7.97 17.05 -36.33
N HIS A 82 6.99 17.58 -35.61
CA HIS A 82 6.07 18.56 -36.16
C HIS A 82 6.14 19.87 -35.39
N GLN A 83 7.10 19.96 -34.47
CA GLN A 83 7.25 21.13 -33.60
C GLN A 83 7.38 22.48 -34.32
N GLN A 84 8.40 22.62 -35.18
CA GLN A 84 8.59 23.89 -35.88
C GLN A 84 7.41 24.25 -36.79
N ALA A 85 6.89 23.27 -37.52
CA ALA A 85 5.75 23.50 -38.40
C ALA A 85 4.56 24.05 -37.60
N LEU A 86 4.34 23.48 -36.42
CA LEU A 86 3.25 23.92 -35.54
C LEU A 86 3.45 25.37 -35.08
N LEU A 87 4.64 25.67 -34.57
N LEU A 87 4.62 25.68 -34.52
CA LEU A 87 4.98 27.00 -34.06
CA LEU A 87 4.86 27.05 -34.05
C LEU A 87 4.84 28.05 -35.15
C LEU A 87 4.78 28.06 -35.18
N THR A 88 5.33 27.72 -36.33
CA THR A 88 5.29 28.61 -37.47
C THR A 88 3.85 28.86 -37.88
N TYR A 89 3.06 27.78 -37.92
CA TYR A 89 1.67 27.92 -38.31
C TYR A 89 0.91 28.83 -37.33
N ILE A 90 1.01 28.53 -36.03
CA ILE A 90 0.30 29.35 -35.04
C ILE A 90 0.72 30.80 -35.16
N LYS A 91 2.02 31.03 -35.25
CA LYS A 91 2.57 32.38 -35.35
C LYS A 91 1.95 33.16 -36.52
N GLN A 92 1.66 32.45 -37.62
N GLN A 92 1.66 32.46 -37.62
CA GLN A 92 1.10 33.08 -38.81
CA GLN A 92 1.09 33.09 -38.82
C GLN A 92 -0.42 33.04 -38.90
C GLN A 92 -0.43 33.21 -38.79
N HIS A 93 -1.08 32.48 -37.88
CA HIS A 93 -2.54 32.41 -37.83
C HIS A 93 -3.07 32.75 -36.44
N HIS A 94 -2.54 33.80 -35.84
CA HIS A 94 -2.93 34.16 -34.48
C HIS A 94 -3.41 35.61 -34.46
N PRO A 95 -4.42 35.91 -33.62
CA PRO A 95 -4.89 37.30 -33.52
C PRO A 95 -3.79 38.25 -33.00
N TYR A 96 -2.89 37.74 -32.14
CA TYR A 96 -1.82 38.58 -31.61
C TYR A 96 -0.61 38.56 -32.55
N GLN A 97 0.15 39.66 -32.53
N GLN A 97 0.16 39.65 -32.52
CA GLN A 97 1.37 39.76 -33.32
CA GLN A 97 1.38 39.75 -33.32
C GLN A 97 2.46 38.86 -32.70
C GLN A 97 2.51 38.92 -32.69
N THR A 98 2.52 38.89 -31.37
CA THR A 98 3.52 38.12 -30.63
C THR A 98 2.81 37.15 -29.68
N PRO A 99 2.31 36.02 -30.21
CA PRO A 99 1.63 35.11 -29.31
C PRO A 99 2.58 34.32 -28.42
N GLU A 100 2.09 33.92 -27.27
CA GLU A 100 2.81 33.05 -26.38
C GLU A 100 2.96 31.72 -27.08
N LEU A 101 4.19 31.23 -27.16
CA LEU A 101 4.47 29.93 -27.78
C LEU A 101 5.63 29.29 -27.03
N LEU A 102 5.29 28.36 -26.12
CA LEU A 102 6.25 27.70 -25.26
C LEU A 102 6.07 26.20 -25.34
N VAL A 103 7.16 25.52 -25.69
CA VAL A 103 7.13 24.09 -25.85
C VAL A 103 7.60 23.38 -24.60
N LEU A 104 6.72 22.59 -24.01
CA LEU A 104 7.06 21.80 -22.83
C LEU A 104 7.47 20.39 -23.29
N PRO A 105 8.61 19.88 -22.76
CA PRO A 105 8.99 18.51 -23.11
C PRO A 105 8.13 17.52 -22.34
N VAL A 106 8.03 16.31 -22.86
CA VAL A 106 7.28 15.22 -22.23
C VAL A 106 8.29 14.11 -21.97
N ARG A 107 8.49 13.75 -20.70
CA ARG A 107 9.52 12.75 -20.37
C ARG A 107 9.07 11.34 -20.73
N ASP A 108 7.76 11.09 -20.61
CA ASP A 108 7.22 9.77 -20.92
C ASP A 108 5.71 9.87 -21.12
N GLY A 109 5.12 8.79 -21.63
CA GLY A 109 3.68 8.74 -21.83
C GLY A 109 3.18 7.32 -22.00
N ASP A 110 1.87 7.15 -21.93
CA ASP A 110 1.30 5.85 -22.16
C ASP A 110 1.54 5.49 -23.63
N LYS A 111 2.08 4.29 -23.84
CA LYS A 111 2.39 3.74 -25.16
C LYS A 111 1.23 3.90 -26.17
N ASP A 112 0.03 3.47 -25.78
CA ASP A 112 -1.14 3.53 -26.67
C ASP A 112 -1.54 4.98 -27.01
N TYR A 113 -1.46 5.86 -26.03
CA TYR A 113 -1.80 7.25 -26.31
C TYR A 113 -0.77 7.89 -27.25
N LEU A 114 0.51 7.67 -26.97
CA LEU A 114 1.59 8.20 -27.84
C LEU A 114 1.45 7.67 -29.27
N SER A 115 1.08 6.39 -29.38
N SER A 115 1.09 6.40 -29.40
CA SER A 115 0.86 5.76 -30.67
CA SER A 115 0.90 5.78 -30.72
C SER A 115 -0.20 6.51 -31.46
C SER A 115 -0.21 6.49 -31.49
N TRP A 116 -1.30 6.81 -30.80
CA TRP A 116 -2.43 7.54 -31.42
C TRP A 116 -2.00 8.97 -31.77
N LEU A 117 -1.30 9.62 -30.84
CA LEU A 117 -0.82 10.97 -31.06
C LEU A 117 0.10 11.01 -32.29
N ASN A 118 1.07 10.10 -32.35
CA ASN A 118 2.00 10.05 -33.47
C ASN A 118 1.31 9.78 -34.80
N ALA A 119 0.39 8.82 -34.81
CA ALA A 119 -0.34 8.44 -36.03
C ALA A 119 -1.27 9.53 -36.58
N SER A 120 -1.68 10.47 -35.72
N SER A 120 -1.68 10.47 -35.73
CA SER A 120 -2.60 11.55 -36.11
CA SER A 120 -2.61 11.54 -36.16
C SER A 120 -1.93 12.65 -36.93
C SER A 120 -1.93 12.68 -36.91
N LEU A 121 -0.61 12.77 -36.80
CA LEU A 121 0.14 13.86 -37.41
C LEU A 121 0.54 13.67 -38.86
N LEU A 122 0.79 14.79 -39.54
CA LEU A 122 1.15 14.82 -40.96
C LEU A 122 2.29 13.85 -41.29
N TYR B 18 17.48 18.44 -12.07
CA TYR B 18 15.99 18.15 -12.03
C TYR B 18 15.58 17.47 -10.75
N SER B 19 14.43 17.89 -10.22
CA SER B 19 13.89 17.28 -9.01
C SER B 19 13.27 15.96 -9.43
N ASN B 20 12.76 15.20 -8.47
CA ASN B 20 12.11 13.94 -8.82
C ASN B 20 10.59 14.10 -9.01
N ALA B 21 10.10 15.34 -8.96
CA ALA B 21 8.66 15.59 -9.14
C ALA B 21 8.26 15.48 -10.61
N ILE B 22 7.00 15.17 -10.86
CA ILE B 22 6.45 15.11 -12.20
C ILE B 22 5.03 15.64 -12.19
N VAL B 23 4.56 16.12 -13.35
CA VAL B 23 3.18 16.53 -13.50
C VAL B 23 2.63 15.75 -14.67
N VAL B 24 1.63 14.91 -14.41
CA VAL B 24 1.04 14.09 -15.45
C VAL B 24 -0.27 14.71 -15.95
N LEU B 25 -0.32 14.97 -17.25
CA LEU B 25 -1.52 15.48 -17.90
C LEU B 25 -2.42 14.31 -18.29
N CYS B 26 -3.73 14.49 -18.08
CA CYS B 26 -4.72 13.50 -18.41
C CYS B 26 -6.04 14.26 -18.55
N THR B 27 -6.97 13.75 -19.33
CA THR B 27 -8.30 14.38 -19.43
C THR B 27 -9.40 13.36 -19.10
N ALA B 28 -10.52 13.85 -18.58
CA ALA B 28 -11.68 13.02 -18.29
C ALA B 28 -12.90 13.68 -18.95
N PRO B 29 -13.96 12.89 -19.24
CA PRO B 29 -15.16 13.44 -19.89
C PRO B 29 -15.98 14.41 -19.04
N ASP B 30 -15.91 14.28 -17.72
CA ASP B 30 -16.71 15.13 -16.82
C ASP B 30 -16.14 15.16 -15.43
N GLU B 31 -16.67 16.05 -14.58
CA GLU B 31 -16.14 16.20 -13.22
C GLU B 31 -16.36 14.97 -12.35
N ALA B 32 -17.53 14.36 -12.46
CA ALA B 32 -17.84 13.16 -11.68
C ALA B 32 -16.74 12.11 -11.84
N SER B 33 -16.42 11.77 -13.09
CA SER B 33 -15.40 10.75 -13.37
C SER B 33 -14.00 11.21 -12.99
N ALA B 34 -13.70 12.50 -13.20
CA ALA B 34 -12.40 13.06 -12.85
C ALA B 34 -12.22 12.99 -11.32
N GLN B 35 -13.27 13.36 -10.59
CA GLN B 35 -13.21 13.30 -9.13
C GLN B 35 -13.03 11.85 -8.62
N ASN B 36 -13.76 10.89 -9.20
CA ASN B 36 -13.64 9.51 -8.76
C ASN B 36 -12.23 8.97 -9.00
N LEU B 37 -11.67 9.28 -10.16
CA LEU B 37 -10.31 8.84 -10.51
C LEU B 37 -9.29 9.46 -9.54
N ALA B 38 -9.40 10.76 -9.30
CA ALA B 38 -8.50 11.47 -8.40
C ALA B 38 -8.53 10.84 -7.01
N ALA B 39 -9.74 10.59 -6.51
CA ALA B 39 -9.90 9.99 -5.19
C ALA B 39 -9.23 8.61 -5.13
N GLN B 40 -9.44 7.80 -6.16
CA GLN B 40 -8.85 6.48 -6.22
C GLN B 40 -7.31 6.56 -6.24
N VAL B 41 -6.77 7.41 -7.12
CA VAL B 41 -5.31 7.61 -7.20
C VAL B 41 -4.72 8.07 -5.86
N LEU B 42 -5.40 9.01 -5.22
CA LEU B 42 -4.91 9.52 -3.93
C LEU B 42 -4.97 8.46 -2.84
N GLY B 43 -6.04 7.66 -2.81
CA GLY B 43 -6.16 6.61 -1.80
C GLY B 43 -5.02 5.59 -1.97
N GLU B 44 -4.65 5.34 -3.23
CA GLU B 44 -3.55 4.41 -3.55
C GLU B 44 -2.16 5.04 -3.33
N LYS B 45 -2.14 6.32 -2.96
CA LYS B 45 -0.90 7.05 -2.73
C LYS B 45 0.03 7.03 -3.95
N LEU B 46 -0.57 7.28 -5.12
CA LEU B 46 0.16 7.32 -6.38
C LEU B 46 0.33 8.74 -6.93
N ALA B 47 -0.24 9.71 -6.23
CA ALA B 47 -0.08 11.13 -6.54
C ALA B 47 -0.29 11.87 -5.23
N ALA B 48 0.38 12.99 -5.04
CA ALA B 48 0.24 13.77 -3.81
C ALA B 48 -0.93 14.75 -3.95
N CYS B 49 -1.15 15.24 -5.16
CA CYS B 49 -2.23 16.19 -5.39
C CYS B 49 -2.72 16.05 -6.80
N VAL B 50 -4.05 16.13 -6.97
CA VAL B 50 -4.65 16.06 -8.29
C VAL B 50 -5.48 17.32 -8.49
N THR B 51 -5.15 18.10 -9.52
CA THR B 51 -5.88 19.33 -9.80
C THR B 51 -6.72 19.15 -11.06
N LEU B 52 -8.01 19.49 -10.93
CA LEU B 52 -9.01 19.38 -12.01
C LEU B 52 -9.36 20.75 -12.55
N LEU B 53 -9.33 20.89 -13.87
CA LEU B 53 -9.65 22.14 -14.58
C LEU B 53 -10.87 21.82 -15.43
N PRO B 54 -12.05 21.98 -14.86
CA PRO B 54 -13.27 21.60 -15.58
C PRO B 54 -13.68 22.63 -16.63
N GLY B 55 -14.63 22.25 -17.49
CA GLY B 55 -15.15 23.18 -18.50
C GLY B 55 -14.20 23.43 -19.65
N ALA B 56 -13.22 22.56 -19.83
CA ALA B 56 -12.31 22.72 -20.93
C ALA B 56 -12.97 22.19 -22.21
N THR B 57 -12.42 22.58 -23.35
CA THR B 57 -12.86 22.08 -24.63
C THR B 57 -11.65 21.47 -25.32
N SER B 58 -11.81 20.26 -25.83
CA SER B 58 -10.74 19.61 -26.58
C SER B 58 -11.19 19.36 -28.00
N LEU B 59 -10.33 19.70 -28.95
CA LEU B 59 -10.59 19.44 -30.35
C LEU B 59 -9.59 18.41 -30.85
N TYR B 60 -10.05 17.46 -31.64
CA TYR B 60 -9.19 16.40 -32.15
C TYR B 60 -9.92 15.64 -33.23
N TYR B 61 -9.16 14.94 -34.09
CA TYR B 61 -9.78 14.08 -35.06
C TYR B 61 -9.97 12.70 -34.44
N TRP B 62 -11.14 12.13 -34.60
CA TRP B 62 -11.40 10.80 -34.11
C TRP B 62 -12.13 10.07 -35.20
N GLU B 63 -11.54 8.97 -35.67
CA GLU B 63 -12.10 8.17 -36.75
C GLU B 63 -12.46 9.02 -37.96
N GLY B 64 -11.53 9.89 -38.35
CA GLY B 64 -11.72 10.74 -39.53
C GLY B 64 -12.56 12.01 -39.37
N LYS B 65 -13.18 12.21 -38.21
CA LYS B 65 -14.03 13.40 -38.02
C LYS B 65 -13.50 14.34 -36.93
N LEU B 66 -13.61 15.64 -37.18
CA LEU B 66 -13.18 16.64 -36.22
C LEU B 66 -14.19 16.76 -35.08
N GLU B 67 -13.75 16.39 -33.88
CA GLU B 67 -14.63 16.46 -32.72
C GLU B 67 -14.27 17.68 -31.87
N GLN B 68 -15.29 18.23 -31.20
CA GLN B 68 -15.10 19.34 -30.28
C GLN B 68 -15.89 18.95 -29.02
N GLU B 69 -15.19 18.53 -27.98
CA GLU B 69 -15.88 18.04 -26.76
C GLU B 69 -15.45 18.70 -25.47
N TYR B 70 -16.38 18.75 -24.52
CA TYR B 70 -16.06 19.24 -23.21
C TYR B 70 -15.30 18.15 -22.47
N GLU B 71 -14.27 18.57 -21.74
CA GLU B 71 -13.49 17.67 -20.91
C GLU B 71 -13.02 18.42 -19.68
N VAL B 72 -12.45 17.67 -18.75
CA VAL B 72 -11.81 18.21 -17.58
C VAL B 72 -10.34 17.93 -17.83
N GLN B 73 -9.48 18.94 -17.74
CA GLN B 73 -8.03 18.70 -17.84
C GLN B 73 -7.51 18.42 -16.43
N LEU B 74 -6.85 17.28 -16.24
CA LEU B 74 -6.30 16.93 -14.93
C LEU B 74 -4.77 17.05 -14.90
N LEU B 75 -4.26 17.41 -13.73
CA LEU B 75 -2.83 17.50 -13.46
C LEU B 75 -2.53 16.68 -12.20
N PHE B 76 -1.88 15.55 -12.38
CA PHE B 76 -1.47 14.69 -11.25
C PHE B 76 -0.07 15.08 -10.86
N LYS B 77 0.10 15.54 -9.64
CA LYS B 77 1.39 15.98 -9.15
C LYS B 77 1.96 14.80 -8.35
N SER B 78 3.02 14.18 -8.87
CA SER B 78 3.58 12.99 -8.28
C SER B 78 5.11 13.01 -8.37
N ASN B 79 5.76 11.84 -8.29
CA ASN B 79 7.21 11.80 -8.45
C ASN B 79 7.65 10.66 -9.37
N THR B 80 8.88 10.71 -9.86
CA THR B 80 9.40 9.68 -10.76
C THR B 80 9.37 8.30 -10.09
N ASP B 81 9.48 8.29 -8.76
CA ASP B 81 9.53 7.05 -7.96
C ASP B 81 8.20 6.25 -8.04
N HIS B 82 7.10 6.95 -8.36
CA HIS B 82 5.77 6.32 -8.48
C HIS B 82 5.17 6.50 -9.86
N GLN B 83 5.97 6.98 -10.80
CA GLN B 83 5.49 7.29 -12.15
C GLN B 83 4.86 6.12 -12.92
N GLN B 84 5.56 5.00 -13.03
N GLN B 84 5.58 5.00 -12.99
CA GLN B 84 4.98 3.88 -13.77
CA GLN B 84 5.11 3.80 -13.69
C GLN B 84 3.73 3.31 -13.09
C GLN B 84 3.80 3.27 -13.09
N ALA B 85 3.78 3.15 -11.76
CA ALA B 85 2.62 2.65 -11.02
C ALA B 85 1.42 3.59 -11.24
N LEU B 86 1.66 4.90 -11.18
CA LEU B 86 0.59 5.88 -11.43
C LEU B 86 -0.03 5.72 -12.83
N LEU B 87 0.82 5.73 -13.86
CA LEU B 87 0.34 5.57 -15.24
C LEU B 87 -0.46 4.28 -15.45
N THR B 88 0.06 3.17 -14.92
CA THR B 88 -0.63 1.90 -15.03
C THR B 88 -1.99 1.98 -14.34
N TYR B 89 -2.02 2.56 -13.13
CA TYR B 89 -3.26 2.66 -12.36
C TYR B 89 -4.33 3.49 -13.09
N ILE B 90 -3.93 4.65 -13.62
CA ILE B 90 -4.89 5.50 -14.33
C ILE B 90 -5.44 4.76 -15.52
N LYS B 91 -4.55 4.16 -16.30
CA LYS B 91 -4.92 3.41 -17.49
C LYS B 91 -6.00 2.34 -17.18
N GLN B 92 -5.93 1.74 -16.01
N GLN B 92 -5.91 1.74 -16.00
CA GLN B 92 -6.88 0.70 -15.63
CA GLN B 92 -6.83 0.68 -15.57
C GLN B 92 -8.14 1.21 -14.94
C GLN B 92 -8.06 1.18 -14.82
N HIS B 93 -8.15 2.50 -14.58
CA HIS B 93 -9.29 3.08 -13.89
C HIS B 93 -9.76 4.35 -14.55
N HIS B 94 -9.78 4.35 -15.87
CA HIS B 94 -10.19 5.51 -16.61
C HIS B 94 -11.42 5.21 -17.46
N PRO B 95 -12.34 6.19 -17.61
CA PRO B 95 -13.50 5.97 -18.47
C PRO B 95 -13.11 5.76 -19.96
N TYR B 96 -12.02 6.37 -20.42
CA TYR B 96 -11.59 6.16 -21.80
C TYR B 96 -10.73 4.91 -21.96
N GLN B 97 -10.81 4.30 -23.12
N GLN B 97 -10.82 4.30 -23.13
CA GLN B 97 -10.01 3.13 -23.41
CA GLN B 97 -10.02 3.11 -23.45
C GLN B 97 -8.55 3.53 -23.56
C GLN B 97 -8.55 3.49 -23.63
N THR B 98 -8.32 4.67 -24.21
CA THR B 98 -6.96 5.18 -24.43
C THR B 98 -6.88 6.62 -23.94
N PRO B 99 -6.75 6.82 -22.62
CA PRO B 99 -6.71 8.18 -22.11
C PRO B 99 -5.38 8.87 -22.36
N GLU B 100 -5.42 10.19 -22.37
CA GLU B 100 -4.24 11.03 -22.45
C GLU B 100 -3.43 10.84 -21.17
N LEU B 101 -2.15 10.50 -21.34
CA LEU B 101 -1.24 10.36 -20.20
C LEU B 101 0.12 10.84 -20.66
N LEU B 102 0.45 12.07 -20.31
CA LEU B 102 1.72 12.69 -20.66
C LEU B 102 2.42 13.17 -19.39
N VAL B 103 3.66 12.72 -19.20
CA VAL B 103 4.44 13.06 -18.02
C VAL B 103 5.38 14.23 -18.30
N LEU B 104 5.16 15.33 -17.58
CA LEU B 104 6.02 16.50 -17.71
C LEU B 104 7.06 16.43 -16.63
N PRO B 105 8.34 16.66 -16.99
CA PRO B 105 9.37 16.62 -15.97
C PRO B 105 9.35 17.92 -15.19
N VAL B 106 9.86 17.88 -13.98
CA VAL B 106 9.95 19.08 -13.15
C VAL B 106 11.44 19.37 -12.89
N ARG B 107 11.86 20.55 -13.29
CA ARG B 107 13.24 20.96 -13.19
C ARG B 107 13.66 21.30 -11.75
N ASP B 108 12.73 21.85 -10.98
CA ASP B 108 13.03 22.29 -9.63
C ASP B 108 11.72 22.68 -8.94
N GLY B 109 11.78 22.99 -7.66
CA GLY B 109 10.58 23.40 -6.93
C GLY B 109 10.94 23.80 -5.50
N ASP B 110 9.97 24.28 -4.74
CA ASP B 110 10.21 24.65 -3.35
C ASP B 110 10.54 23.39 -2.55
N LYS B 111 11.61 23.47 -1.76
CA LYS B 111 12.08 22.36 -0.95
C LYS B 111 11.00 21.78 -0.04
N ASP B 112 10.29 22.64 0.70
CA ASP B 112 9.23 22.19 1.60
C ASP B 112 8.08 21.51 0.84
N TYR B 113 7.69 22.08 -0.29
CA TYR B 113 6.64 21.47 -1.09
C TYR B 113 7.09 20.09 -1.63
N LEU B 114 8.31 20.03 -2.14
CA LEU B 114 8.84 18.74 -2.66
C LEU B 114 8.91 17.68 -1.52
N SER B 115 9.30 18.13 -0.34
N SER B 115 9.29 18.12 -0.33
CA SER B 115 9.37 17.23 0.81
CA SER B 115 9.38 17.22 0.82
C SER B 115 7.98 16.66 1.11
C SER B 115 8.01 16.69 1.23
N TRP B 116 6.97 17.53 1.11
CA TRP B 116 5.60 17.11 1.40
C TRP B 116 5.11 16.13 0.35
N LEU B 117 5.39 16.43 -0.90
CA LEU B 117 4.97 15.57 -2.02
C LEU B 117 5.59 14.17 -1.89
N ASN B 118 6.90 14.12 -1.63
CA ASN B 118 7.61 12.85 -1.46
C ASN B 118 7.12 12.03 -0.28
N ALA B 119 6.97 12.69 0.87
CA ALA B 119 6.50 12.05 2.10
C ALA B 119 5.08 11.50 1.96
N SER B 120 4.25 12.18 1.16
N SER B 120 4.24 12.18 1.17
CA SER B 120 2.87 11.76 0.96
CA SER B 120 2.86 11.75 0.98
C SER B 120 2.77 10.42 0.22
C SER B 120 2.73 10.47 0.15
N LEU B 121 3.79 10.09 -0.55
CA LEU B 121 3.76 8.89 -1.39
C LEU B 121 4.57 7.68 -0.89
N LEU B 122 5.54 7.93 -0.02
CA LEU B 122 6.43 6.85 0.44
C LEU B 122 5.67 5.62 0.95
N TYR C 18 17.45 23.20 -25.15
CA TYR C 18 16.45 23.78 -24.20
C TYR C 18 16.61 25.29 -24.03
N SER C 19 15.51 26.02 -24.15
CA SER C 19 15.53 27.47 -23.99
C SER C 19 15.72 27.78 -22.51
N ASN C 20 15.87 29.05 -22.18
N ASN C 20 15.86 29.07 -22.21
CA ASN C 20 16.03 29.41 -20.80
CA ASN C 20 16.03 29.53 -20.85
C ASN C 20 14.68 29.77 -20.13
C ASN C 20 14.69 29.80 -20.15
N ALA C 21 13.59 29.64 -20.88
CA ALA C 21 12.24 29.91 -20.32
C ALA C 21 11.79 28.81 -19.36
N ILE C 22 10.92 29.18 -18.42
CA ILE C 22 10.36 28.22 -17.48
C ILE C 22 8.91 28.57 -17.24
N VAL C 23 8.13 27.58 -16.81
CA VAL C 23 6.75 27.82 -16.44
C VAL C 23 6.60 27.26 -15.03
N VAL C 24 6.30 28.15 -14.09
CA VAL C 24 6.16 27.74 -12.69
C VAL C 24 4.70 27.55 -12.29
N LEU C 25 4.38 26.32 -11.91
CA LEU C 25 3.05 25.98 -11.42
C LEU C 25 2.92 26.34 -9.94
N CYS C 26 1.78 26.92 -9.59
CA CYS C 26 1.48 27.31 -8.21
C CYS C 26 -0.06 27.39 -8.10
N THR C 27 -0.59 27.19 -6.90
CA THR C 27 -2.03 27.33 -6.68
C THR C 27 -2.31 28.35 -5.58
N ALA C 28 -3.49 28.96 -5.62
CA ALA C 28 -3.88 29.94 -4.62
C ALA C 28 -5.33 29.62 -4.21
N PRO C 29 -5.72 30.01 -2.99
CA PRO C 29 -7.07 29.67 -2.54
C PRO C 29 -8.20 30.40 -3.27
N ASP C 30 -7.92 31.56 -3.86
CA ASP C 30 -8.96 32.32 -4.54
C ASP C 30 -8.38 33.33 -5.53
N GLU C 31 -9.24 33.93 -6.35
CA GLU C 31 -8.78 34.88 -7.36
C GLU C 31 -8.16 36.13 -6.80
N ALA C 32 -8.71 36.62 -5.69
CA ALA C 32 -8.18 37.84 -5.09
C ALA C 32 -6.71 37.65 -4.68
N SER C 33 -6.42 36.58 -3.95
CA SER C 33 -5.03 36.31 -3.51
C SER C 33 -4.12 36.03 -4.70
N ALA C 34 -4.65 35.34 -5.71
CA ALA C 34 -3.89 35.03 -6.92
C ALA C 34 -3.53 36.29 -7.69
N GLN C 35 -4.48 37.20 -7.80
CA GLN C 35 -4.24 38.45 -8.52
C GLN C 35 -3.21 39.31 -7.77
N ASN C 36 -3.33 39.37 -6.43
CA ASN C 36 -2.37 40.19 -5.66
C ASN C 36 -0.96 39.67 -5.80
N LEU C 37 -0.81 38.35 -5.71
CA LEU C 37 0.49 37.73 -5.86
C LEU C 37 1.07 38.01 -7.24
N ALA C 38 0.27 37.80 -8.28
CA ALA C 38 0.74 38.04 -9.66
C ALA C 38 1.16 39.50 -9.86
N ALA C 39 0.36 40.45 -9.37
CA ALA C 39 0.69 41.86 -9.51
C ALA C 39 2.04 42.18 -8.84
N GLN C 40 2.25 41.61 -7.66
CA GLN C 40 3.50 41.81 -6.91
C GLN C 40 4.71 41.22 -7.65
N VAL C 41 4.56 40.00 -8.16
CA VAL C 41 5.64 39.33 -8.89
C VAL C 41 6.00 40.12 -10.14
N LEU C 42 4.98 40.59 -10.83
CA LEU C 42 5.16 41.36 -12.05
C LEU C 42 5.82 42.71 -11.79
N GLY C 43 5.40 43.38 -10.71
CA GLY C 43 6.01 44.66 -10.36
C GLY C 43 7.48 44.47 -10.04
N GLU C 44 7.80 43.35 -9.38
CA GLU C 44 9.20 43.00 -9.04
C GLU C 44 9.97 42.52 -10.28
N LYS C 45 9.28 42.36 -11.40
CA LYS C 45 9.91 41.87 -12.65
C LYS C 45 10.50 40.45 -12.53
N LEU C 46 9.83 39.59 -11.76
CA LEU C 46 10.30 38.22 -11.54
C LEU C 46 9.60 37.20 -12.46
N ALA C 47 8.60 37.67 -13.18
CA ALA C 47 7.90 36.90 -14.19
C ALA C 47 7.51 37.87 -15.28
N ALA C 48 7.30 37.36 -16.48
CA ALA C 48 6.88 38.18 -17.62
C ALA C 48 5.37 38.17 -17.78
N CYS C 49 4.75 37.04 -17.47
CA CYS C 49 3.32 36.88 -17.58
C CYS C 49 2.85 35.88 -16.55
N VAL C 50 1.71 36.14 -15.93
CA VAL C 50 1.14 35.22 -14.95
C VAL C 50 -0.29 34.91 -15.39
N THR C 51 -0.57 33.64 -15.64
CA THR C 51 -1.91 33.21 -16.06
C THR C 51 -2.61 32.48 -14.94
N LEU C 52 -3.83 32.91 -14.65
CA LEU C 52 -4.67 32.33 -13.61
C LEU C 52 -5.77 31.53 -14.23
N LEU C 53 -5.96 30.29 -13.74
CA LEU C 53 -7.05 29.40 -14.16
C LEU C 53 -7.95 29.20 -12.92
N PRO C 54 -8.94 30.08 -12.74
CA PRO C 54 -9.80 30.00 -11.57
C PRO C 54 -10.80 28.85 -11.63
N GLY C 55 -11.41 28.58 -10.49
CA GLY C 55 -12.44 27.54 -10.39
C GLY C 55 -11.95 26.11 -10.52
N ALA C 56 -10.65 25.89 -10.31
CA ALA C 56 -10.13 24.54 -10.33
C ALA C 56 -10.53 23.84 -9.03
N THR C 57 -10.41 22.51 -9.03
CA THR C 57 -10.64 21.73 -7.83
C THR C 57 -9.37 20.92 -7.58
N SER C 58 -8.83 21.00 -6.37
CA SER C 58 -7.67 20.17 -6.00
C SER C 58 -8.07 19.14 -4.95
N LEU C 59 -7.66 17.89 -5.18
CA LEU C 59 -7.84 16.83 -4.19
C LEU C 59 -6.46 16.41 -3.70
N TYR C 60 -6.35 16.21 -2.39
CA TYR C 60 -5.09 15.86 -1.77
C TYR C 60 -5.35 15.47 -0.30
N TYR C 61 -4.44 14.69 0.28
CA TYR C 61 -4.51 14.36 1.69
C TYR C 61 -3.75 15.40 2.48
N TRP C 62 -4.35 15.87 3.56
CA TRP C 62 -3.69 16.83 4.40
C TRP C 62 -3.99 16.44 5.83
N GLU C 63 -2.94 16.17 6.58
CA GLU C 63 -3.09 15.72 7.97
C GLU C 63 -3.98 14.49 8.06
N GLY C 64 -3.79 13.56 7.14
CA GLY C 64 -4.51 12.31 7.15
C GLY C 64 -5.93 12.30 6.59
N LYS C 65 -6.41 13.46 6.14
CA LYS C 65 -7.78 13.55 5.59
C LYS C 65 -7.80 13.97 4.12
N LEU C 66 -8.67 13.33 3.35
CA LEU C 66 -8.82 13.65 1.94
C LEU C 66 -9.59 14.96 1.77
N GLU C 67 -8.93 15.97 1.27
CA GLU C 67 -9.57 17.27 1.07
C GLU C 67 -9.88 17.50 -0.39
N GLN C 68 -11.00 18.18 -0.64
CA GLN C 68 -11.41 18.58 -1.98
C GLN C 68 -11.75 20.05 -1.87
N GLU C 69 -10.90 20.90 -2.45
CA GLU C 69 -11.03 22.35 -2.33
C GLU C 69 -10.91 23.07 -3.66
N TYR C 70 -11.58 24.22 -3.76
CA TYR C 70 -11.49 25.05 -4.95
C TYR C 70 -10.18 25.82 -4.88
N GLU C 71 -9.52 25.98 -6.01
CA GLU C 71 -8.27 26.73 -6.04
C GLU C 71 -8.15 27.39 -7.38
N VAL C 72 -7.16 28.28 -7.48
CA VAL C 72 -6.81 28.89 -8.74
C VAL C 72 -5.45 28.26 -9.12
N GLN C 73 -5.35 27.70 -10.33
CA GLN C 73 -4.06 27.17 -10.79
C GLN C 73 -3.34 28.31 -11.49
N LEU C 74 -2.14 28.63 -11.04
CA LEU C 74 -1.36 29.66 -11.68
C LEU C 74 -0.21 29.13 -12.51
N LEU C 75 0.11 29.85 -13.57
N LEU C 75 0.12 29.85 -13.58
CA LEU C 75 1.24 29.57 -14.42
CA LEU C 75 1.28 29.55 -14.43
C LEU C 75 2.06 30.87 -14.45
C LEU C 75 2.11 30.82 -14.54
N PHE C 76 3.29 30.82 -13.94
CA PHE C 76 4.20 31.96 -13.99
C PHE C 76 5.19 31.69 -15.12
N LYS C 77 5.21 32.57 -16.12
CA LYS C 77 6.10 32.42 -17.26
C LYS C 77 7.30 33.33 -17.05
N SER C 78 8.48 32.73 -16.93
CA SER C 78 9.71 33.46 -16.59
C SER C 78 10.93 32.77 -17.21
N ASN C 79 12.13 33.02 -16.67
CA ASN C 79 13.32 32.33 -17.17
C ASN C 79 14.21 31.81 -16.04
N THR C 80 15.13 30.93 -16.39
CA THR C 80 16.00 30.29 -15.40
C THR C 80 16.82 31.29 -14.60
N ASP C 81 17.19 32.41 -15.22
CA ASP C 81 17.95 33.46 -14.55
C ASP C 81 17.20 34.09 -13.39
N HIS C 82 15.87 34.02 -13.43
CA HIS C 82 15.05 34.64 -12.38
C HIS C 82 14.32 33.61 -11.57
N GLN C 83 14.62 32.35 -11.87
CA GLN C 83 13.97 31.23 -11.22
C GLN C 83 14.04 31.23 -9.69
N GLN C 84 15.22 31.33 -9.12
N GLN C 84 15.25 31.34 -9.15
CA GLN C 84 15.34 31.27 -7.66
CA GLN C 84 15.49 31.32 -7.70
C GLN C 84 14.67 32.47 -6.97
C GLN C 84 14.77 32.46 -6.96
N ALA C 85 14.86 33.66 -7.50
CA ALA C 85 14.25 34.85 -6.90
C ALA C 85 12.72 34.75 -6.94
N LEU C 86 12.19 34.23 -8.05
CA LEU C 86 10.74 34.05 -8.20
C LEU C 86 10.22 33.08 -7.17
N LEU C 87 10.85 31.90 -7.08
CA LEU C 87 10.42 30.90 -6.10
C LEU C 87 10.46 31.47 -4.67
N THR C 88 11.55 32.14 -4.33
CA THR C 88 11.69 32.73 -2.98
C THR C 88 10.64 33.80 -2.75
N TYR C 89 10.41 34.64 -3.76
CA TYR C 89 9.40 35.69 -3.61
C TYR C 89 8.01 35.11 -3.35
N ILE C 90 7.56 34.17 -4.19
CA ILE C 90 6.22 33.57 -4.01
C ILE C 90 6.12 32.92 -2.64
N LYS C 91 7.13 32.15 -2.28
CA LYS C 91 7.16 31.49 -0.98
C LYS C 91 6.95 32.49 0.20
N GLN C 92 7.52 33.68 0.09
N GLN C 92 7.54 33.68 0.09
CA GLN C 92 7.41 34.67 1.15
CA GLN C 92 7.42 34.69 1.15
C GLN C 92 6.16 35.56 1.06
C GLN C 92 6.21 35.62 1.02
N HIS C 93 5.42 35.45 -0.04
CA HIS C 93 4.22 36.30 -0.25
C HIS C 93 2.99 35.49 -0.71
N HIS C 94 2.79 34.34 -0.08
CA HIS C 94 1.68 33.46 -0.47
C HIS C 94 0.79 33.23 0.75
N PRO C 95 -0.52 33.05 0.54
CA PRO C 95 -1.41 32.78 1.66
C PRO C 95 -1.10 31.44 2.37
N TYR C 96 -0.66 30.42 1.62
CA TYR C 96 -0.34 29.14 2.22
C TYR C 96 1.08 29.13 2.80
N GLN C 97 1.27 28.33 3.85
N GLN C 97 1.26 28.34 3.85
CA GLN C 97 2.59 28.18 4.45
CA GLN C 97 2.56 28.13 4.50
C GLN C 97 3.47 27.33 3.53
C GLN C 97 3.47 27.31 3.57
N THR C 98 2.88 26.31 2.90
CA THR C 98 3.63 25.44 1.97
C THR C 98 2.96 25.42 0.59
N PRO C 99 3.20 26.46 -0.22
CA PRO C 99 2.56 26.48 -1.53
C PRO C 99 3.24 25.59 -2.56
N GLU C 100 2.43 25.16 -3.52
CA GLU C 100 2.89 24.42 -4.66
C GLU C 100 3.81 25.32 -5.48
N LEU C 101 5.04 24.87 -5.71
CA LEU C 101 5.99 25.59 -6.53
C LEU C 101 6.76 24.56 -7.31
N LEU C 102 6.36 24.35 -8.57
CA LEU C 102 6.96 23.37 -9.45
C LEU C 102 7.41 24.05 -10.74
N VAL C 103 8.69 23.95 -11.04
CA VAL C 103 9.25 24.60 -12.22
C VAL C 103 9.29 23.62 -13.39
N LEU C 104 8.54 23.95 -14.45
CA LEU C 104 8.55 23.14 -15.66
C LEU C 104 9.58 23.74 -16.60
N PRO C 105 10.42 22.89 -17.23
CA PRO C 105 11.36 23.46 -18.19
C PRO C 105 10.67 23.71 -19.52
N VAL C 106 11.22 24.63 -20.30
CA VAL C 106 10.68 24.93 -21.61
C VAL C 106 11.77 24.52 -22.61
N ARG C 107 11.47 23.57 -23.48
N ARG C 107 11.41 23.58 -23.47
CA ARG C 107 12.44 23.11 -24.46
CA ARG C 107 12.28 23.02 -24.50
C ARG C 107 12.71 24.15 -25.54
C ARG C 107 12.62 23.99 -25.64
N ASP C 108 11.66 24.86 -25.97
CA ASP C 108 11.81 25.82 -27.06
C ASP C 108 10.62 26.77 -27.08
N GLY C 109 10.69 27.78 -27.93
CA GLY C 109 9.60 28.74 -28.07
C GLY C 109 9.79 29.64 -29.27
N ASP C 110 8.79 30.46 -29.56
CA ASP C 110 8.89 31.41 -30.65
C ASP C 110 9.89 32.46 -30.19
N LYS C 111 10.85 32.78 -31.06
CA LYS C 111 11.93 33.73 -30.71
C LYS C 111 11.43 35.13 -30.35
N ASP C 112 10.43 35.64 -31.06
CA ASP C 112 9.87 36.96 -30.73
C ASP C 112 9.22 36.93 -29.34
N TYR C 113 8.53 35.84 -29.02
CA TYR C 113 7.91 35.74 -27.70
C TYR C 113 8.97 35.60 -26.60
N LEU C 114 9.98 34.77 -26.85
CA LEU C 114 11.05 34.59 -25.89
C LEU C 114 11.82 35.88 -25.66
N SER C 115 11.99 36.64 -26.73
CA SER C 115 12.67 37.92 -26.67
C SER C 115 11.91 38.89 -25.75
N TRP C 116 10.59 38.97 -25.92
CA TRP C 116 9.77 39.82 -25.09
C TRP C 116 9.80 39.34 -23.63
N LEU C 117 9.73 38.03 -23.45
CA LEU C 117 9.75 37.46 -22.11
C LEU C 117 11.06 37.83 -21.39
N ASN C 118 12.20 37.59 -22.04
CA ASN C 118 13.50 37.90 -21.44
C ASN C 118 13.67 39.39 -21.13
N ALA C 119 13.22 40.24 -22.05
CA ALA C 119 13.33 41.70 -21.89
C ALA C 119 12.47 42.28 -20.78
N SER C 120 11.43 41.57 -20.38
N SER C 120 11.44 41.55 -20.38
CA SER C 120 10.54 42.07 -19.34
CA SER C 120 10.50 42.01 -19.35
C SER C 120 11.02 41.80 -17.91
C SER C 120 11.00 41.76 -17.93
N LEU C 121 12.07 40.97 -17.81
CA LEU C 121 12.60 40.58 -16.49
C LEU C 121 13.67 41.50 -15.92
N LEU C 122 13.83 41.45 -14.60
CA LEU C 122 14.77 42.29 -13.87
C LEU C 122 16.18 42.18 -14.43
N SER D 19 -24.62 -8.05 17.13
CA SER D 19 -24.39 -7.05 18.21
C SER D 19 -25.71 -6.65 18.82
N ASN D 20 -25.68 -5.78 19.83
CA ASN D 20 -26.91 -5.37 20.44
C ASN D 20 -27.50 -4.09 19.83
N ALA D 21 -26.86 -3.57 18.79
CA ALA D 21 -27.37 -2.37 18.09
C ALA D 21 -28.57 -2.73 17.20
N ILE D 22 -29.42 -1.73 16.95
CA ILE D 22 -30.60 -1.91 16.11
C ILE D 22 -30.86 -0.63 15.33
N VAL D 23 -31.56 -0.76 14.21
CA VAL D 23 -31.98 0.39 13.43
C VAL D 23 -33.50 0.23 13.28
N VAL D 24 -34.25 1.18 13.83
CA VAL D 24 -35.70 1.13 13.75
C VAL D 24 -36.21 2.02 12.61
N LEU D 25 -36.98 1.43 11.71
CA LEU D 25 -37.57 2.18 10.62
C LEU D 25 -38.92 2.71 11.05
N CYS D 26 -39.18 3.96 10.70
CA CYS D 26 -40.44 4.60 11.00
C CYS D 26 -40.64 5.69 9.94
N THR D 27 -41.89 6.07 9.65
CA THR D 27 -42.13 7.18 8.74
C THR D 27 -42.95 8.30 9.42
N ALA D 28 -42.82 9.52 8.93
CA ALA D 28 -43.55 10.65 9.45
C ALA D 28 -44.13 11.44 8.27
N PRO D 29 -45.26 12.13 8.48
CA PRO D 29 -45.90 12.87 7.38
C PRO D 29 -45.11 14.07 6.87
N ASP D 30 -44.22 14.62 7.70
CA ASP D 30 -43.44 15.80 7.28
C ASP D 30 -42.21 16.00 8.16
N GLU D 31 -41.30 16.88 7.74
CA GLU D 31 -40.07 17.12 8.49
C GLU D 31 -40.32 17.70 9.86
N ALA D 32 -41.31 18.58 9.98
CA ALA D 32 -41.57 19.21 11.27
C ALA D 32 -41.90 18.17 12.35
N SER D 33 -42.81 17.26 12.05
CA SER D 33 -43.18 16.24 13.03
C SER D 33 -42.04 15.25 13.26
N ALA D 34 -41.32 14.91 12.18
CA ALA D 34 -40.16 14.01 12.26
C ALA D 34 -39.09 14.59 13.21
N GLN D 35 -38.78 15.88 13.04
CA GLN D 35 -37.78 16.53 13.89
C GLN D 35 -38.21 16.57 15.35
N ASN D 36 -39.49 16.90 15.59
CA ASN D 36 -39.98 16.96 16.97
C ASN D 36 -39.89 15.60 17.66
N LEU D 37 -40.29 14.57 16.94
CA LEU D 37 -40.21 13.21 17.46
C LEU D 37 -38.74 12.84 17.75
N ALA D 38 -37.85 13.16 16.80
CA ALA D 38 -36.42 12.84 16.95
C ALA D 38 -35.87 13.51 18.20
N ALA D 39 -36.14 14.81 18.35
CA ALA D 39 -35.67 15.57 19.50
C ALA D 39 -36.16 14.96 20.81
N GLN D 40 -37.45 14.59 20.85
CA GLN D 40 -38.03 13.98 22.04
C GLN D 40 -37.35 12.64 22.38
N VAL D 41 -37.23 11.78 21.38
CA VAL D 41 -36.61 10.49 21.57
C VAL D 41 -35.17 10.65 22.09
N LEU D 42 -34.43 11.57 21.49
CA LEU D 42 -33.04 11.80 21.91
C LEU D 42 -32.94 12.34 23.33
N GLY D 43 -33.81 13.29 23.68
CA GLY D 43 -33.84 13.85 25.04
C GLY D 43 -34.14 12.77 26.07
N GLU D 44 -34.98 11.81 25.68
CA GLU D 44 -35.30 10.67 26.54
C GLU D 44 -34.16 9.63 26.53
N LYS D 45 -33.16 9.84 25.68
CA LYS D 45 -32.04 8.91 25.56
C LYS D 45 -32.51 7.51 25.17
N LEU D 46 -33.49 7.45 24.27
CA LEU D 46 -34.01 6.20 23.78
C LEU D 46 -33.38 5.78 22.45
N ALA D 47 -32.58 6.67 21.86
CA ALA D 47 -31.82 6.39 20.66
C ALA D 47 -30.55 7.26 20.70
N ALA D 48 -29.52 6.86 19.96
CA ALA D 48 -28.26 7.59 19.93
C ALA D 48 -28.24 8.61 18.79
N CYS D 49 -28.89 8.25 17.68
CA CYS D 49 -28.93 9.08 16.51
C CYS D 49 -30.20 8.79 15.74
N VAL D 50 -30.82 9.83 15.20
CA VAL D 50 -32.01 9.68 14.35
C VAL D 50 -31.71 10.36 13.00
N THR D 51 -31.83 9.59 11.93
CA THR D 51 -31.61 10.13 10.61
C THR D 51 -32.93 10.20 9.87
N LEU D 52 -33.20 11.39 9.31
CA LEU D 52 -34.41 11.68 8.55
C LEU D 52 -34.11 11.74 7.07
N LEU D 53 -34.93 11.06 6.27
CA LEU D 53 -34.79 11.05 4.81
C LEU D 53 -36.07 11.68 4.26
N PRO D 54 -36.08 13.03 4.14
CA PRO D 54 -37.28 13.72 3.69
C PRO D 54 -37.57 13.59 2.21
N GLY D 55 -38.80 13.96 1.82
CA GLY D 55 -39.17 13.95 0.41
C GLY D 55 -39.37 12.56 -0.18
N ALA D 56 -39.61 11.58 0.67
CA ALA D 56 -39.87 10.22 0.21
C ALA D 56 -41.32 10.12 -0.24
N THR D 57 -41.62 9.10 -1.03
CA THR D 57 -42.99 8.83 -1.44
C THR D 57 -43.34 7.43 -0.96
N SER D 58 -44.46 7.30 -0.27
CA SER D 58 -44.92 5.96 0.13
C SER D 58 -46.22 5.64 -0.57
N LEU D 59 -46.31 4.41 -1.09
CA LEU D 59 -47.54 3.91 -1.72
C LEU D 59 -48.03 2.74 -0.91
N TYR D 60 -49.34 2.67 -0.70
CA TYR D 60 -49.94 1.62 0.11
C TYR D 60 -51.44 1.70 -0.02
N TYR D 61 -52.12 0.60 0.23
CA TYR D 61 -53.57 0.62 0.26
C TYR D 61 -54.02 1.00 1.66
N TRP D 62 -55.01 1.88 1.73
CA TRP D 62 -55.56 2.26 3.01
C TRP D 62 -57.06 2.41 2.84
N GLU D 63 -57.80 1.59 3.58
CA GLU D 63 -59.26 1.57 3.48
C GLU D 63 -59.72 1.30 2.04
N GLY D 64 -59.06 0.35 1.39
CA GLY D 64 -59.42 -0.08 0.04
C GLY D 64 -58.92 0.78 -1.11
N LYS D 65 -58.27 1.90 -0.81
CA LYS D 65 -57.77 2.81 -1.84
C LYS D 65 -56.24 2.88 -1.91
N LEU D 66 -55.70 2.86 -3.12
CA LEU D 66 -54.26 2.99 -3.31
C LEU D 66 -53.85 4.43 -3.05
N GLU D 67 -53.08 4.66 -1.99
CA GLU D 67 -52.62 6.01 -1.65
C GLU D 67 -51.15 6.19 -2.02
N GLN D 68 -50.80 7.41 -2.39
CA GLN D 68 -49.43 7.77 -2.72
C GLN D 68 -49.17 9.09 -2.00
N GLU D 69 -48.37 9.04 -0.94
CA GLU D 69 -48.15 10.22 -0.10
C GLU D 69 -46.68 10.50 0.17
N TYR D 70 -46.38 11.80 0.35
CA TYR D 70 -45.04 12.21 0.69
C TYR D 70 -44.82 11.92 2.16
N GLU D 71 -43.65 11.39 2.49
CA GLU D 71 -43.32 11.07 3.87
C GLU D 71 -41.86 11.30 4.14
N VAL D 72 -41.49 11.25 5.40
CA VAL D 72 -40.11 11.30 5.79
C VAL D 72 -39.78 9.90 6.32
N GLN D 73 -38.75 9.27 5.79
CA GLN D 73 -38.32 7.97 6.29
C GLN D 73 -37.30 8.22 7.40
N LEU D 74 -37.56 7.67 8.58
CA LEU D 74 -36.64 7.84 9.69
C LEU D 74 -35.91 6.55 10.04
N LEU D 75 -34.67 6.71 10.49
N LEU D 75 -34.66 6.69 10.46
CA LEU D 75 -33.86 5.59 10.95
CA LEU D 75 -33.87 5.56 10.96
C LEU D 75 -33.40 5.93 12.37
C LEU D 75 -33.36 5.89 12.36
N PHE D 76 -33.94 5.23 13.37
CA PHE D 76 -33.54 5.43 14.77
C PHE D 76 -32.45 4.41 15.09
N LYS D 77 -31.26 4.91 15.42
CA LYS D 77 -30.12 4.06 15.71
C LYS D 77 -30.01 3.92 17.22
N SER D 78 -30.22 2.70 17.71
CA SER D 78 -30.28 2.44 19.15
C SER D 78 -29.76 1.03 19.45
N ASN D 79 -30.11 0.50 20.62
CA ASN D 79 -29.71 -0.89 20.94
C ASN D 79 -30.86 -1.72 21.51
N THR D 80 -30.65 -3.03 21.61
CA THR D 80 -31.67 -3.96 22.10
C THR D 80 -32.17 -3.64 23.53
N ASP D 81 -31.27 -3.14 24.39
CA ASP D 81 -31.66 -2.78 25.76
C ASP D 81 -32.71 -1.67 25.81
N HIS D 82 -32.76 -0.86 24.76
CA HIS D 82 -33.69 0.25 24.71
C HIS D 82 -34.78 0.08 23.68
N GLN D 83 -34.77 -1.08 23.02
CA GLN D 83 -35.74 -1.37 21.97
C GLN D 83 -37.21 -1.21 22.39
N GLN D 84 -37.64 -1.91 23.44
CA GLN D 84 -39.06 -1.82 23.81
C GLN D 84 -39.48 -0.39 24.23
N ALA D 85 -38.64 0.28 25.01
CA ALA D 85 -38.93 1.63 25.47
C ALA D 85 -39.04 2.60 24.29
N LEU D 86 -38.16 2.42 23.30
CA LEU D 86 -38.16 3.27 22.09
C LEU D 86 -39.45 3.07 21.31
N LEU D 87 -39.78 1.81 21.00
CA LEU D 87 -41.01 1.50 20.27
C LEU D 87 -42.26 2.08 20.96
N THR D 88 -42.32 1.93 22.28
CA THR D 88 -43.46 2.40 23.06
C THR D 88 -43.54 3.94 23.02
N TYR D 89 -42.39 4.59 23.20
CA TYR D 89 -42.34 6.04 23.18
C TYR D 89 -42.82 6.60 21.83
N ILE D 90 -42.28 6.08 20.73
CA ILE D 90 -42.65 6.55 19.40
C ILE D 90 -44.15 6.38 19.18
N LYS D 91 -44.65 5.18 19.51
CA LYS D 91 -46.07 4.85 19.35
C LYS D 91 -46.94 5.87 20.06
N GLN D 92 -46.50 6.33 21.23
N GLN D 92 -46.50 6.32 21.24
CA GLN D 92 -47.25 7.28 22.03
CA GLN D 92 -47.23 7.28 22.05
C GLN D 92 -46.97 8.75 21.67
C GLN D 92 -46.95 8.74 21.70
N HIS D 93 -45.98 8.98 20.82
CA HIS D 93 -45.63 10.36 20.43
C HIS D 93 -45.55 10.57 18.93
N HIS D 94 -46.44 9.91 18.19
CA HIS D 94 -46.39 9.97 16.74
C HIS D 94 -47.66 10.59 16.19
N PRO D 95 -47.56 11.33 15.07
CA PRO D 95 -48.79 11.88 14.51
C PRO D 95 -49.76 10.75 14.03
N TYR D 96 -49.24 9.64 13.54
CA TYR D 96 -50.15 8.56 13.11
C TYR D 96 -50.61 7.68 14.27
N GLN D 97 -51.78 7.07 14.11
N GLN D 97 -51.78 7.08 14.10
CA GLN D 97 -52.30 6.14 15.11
CA GLN D 97 -52.33 6.15 15.08
C GLN D 97 -51.57 4.81 15.01
C GLN D 97 -51.58 4.82 15.00
N THR D 98 -51.22 4.43 13.79
CA THR D 98 -50.51 3.17 13.56
C THR D 98 -49.24 3.44 12.76
N PRO D 99 -48.21 4.02 13.41
CA PRO D 99 -46.99 4.27 12.67
C PRO D 99 -46.22 3.00 12.34
N GLU D 100 -45.45 3.08 11.28
CA GLU D 100 -44.54 2.04 10.88
C GLU D 100 -43.46 1.95 11.96
N LEU D 101 -43.21 0.76 12.47
CA LEU D 101 -42.17 0.55 13.47
C LEU D 101 -41.62 -0.82 13.22
N LEU D 102 -40.47 -0.86 12.56
CA LEU D 102 -39.80 -2.10 12.19
C LEU D 102 -38.36 -2.11 12.71
N VAL D 103 -38.01 -3.09 13.54
CA VAL D 103 -36.67 -3.16 14.10
C VAL D 103 -35.76 -4.07 13.26
N LEU D 104 -34.71 -3.47 12.68
CA LEU D 104 -33.74 -4.23 11.90
C LEU D 104 -32.59 -4.61 12.82
N PRO D 105 -32.17 -5.89 12.77
CA PRO D 105 -31.03 -6.30 13.60
C PRO D 105 -29.71 -5.76 13.01
N VAL D 106 -28.71 -5.59 13.85
CA VAL D 106 -27.38 -5.15 13.38
C VAL D 106 -26.41 -6.30 13.66
N ARG D 107 -25.81 -6.80 12.60
CA ARG D 107 -24.92 -7.96 12.66
C ARG D 107 -23.63 -7.62 13.39
N ASP D 108 -23.08 -6.45 13.10
CA ASP D 108 -21.82 -6.05 13.64
C ASP D 108 -21.66 -4.55 13.33
N GLY D 109 -20.57 -3.97 13.79
CA GLY D 109 -20.30 -2.56 13.54
C GLY D 109 -18.94 -2.16 14.05
N ASP D 110 -18.51 -0.94 13.72
CA ASP D 110 -17.22 -0.43 14.21
C ASP D 110 -17.28 -0.35 15.74
N LYS D 111 -16.24 -0.82 16.41
CA LYS D 111 -16.21 -0.82 17.89
C LYS D 111 -16.33 0.56 18.49
N ASP D 112 -15.64 1.54 17.94
CA ASP D 112 -15.73 2.90 18.48
C ASP D 112 -17.12 3.49 18.33
N TYR D 113 -17.75 3.29 17.18
CA TYR D 113 -19.10 3.79 16.96
C TYR D 113 -20.07 3.10 17.92
N LEU D 114 -19.97 1.78 18.02
CA LEU D 114 -20.84 1.03 18.93
C LEU D 114 -20.69 1.48 20.38
N SER D 115 -19.46 1.80 20.80
N SER D 115 -19.46 1.80 20.80
CA SER D 115 -19.26 2.25 22.18
CA SER D 115 -19.23 2.26 22.17
C SER D 115 -19.92 3.62 22.39
C SER D 115 -19.94 3.60 22.38
N TRP D 116 -19.81 4.49 21.40
CA TRP D 116 -20.44 5.80 21.48
C TRP D 116 -21.97 5.63 21.54
N LEU D 117 -22.51 4.77 20.66
CA LEU D 117 -23.95 4.53 20.62
C LEU D 117 -24.45 4.02 21.97
N ASN D 118 -23.76 3.02 22.52
CA ASN D 118 -24.11 2.44 23.82
C ASN D 118 -23.97 3.45 24.96
N ALA D 119 -22.90 4.23 24.95
CA ALA D 119 -22.68 5.21 26.01
C ALA D 119 -23.71 6.35 26.02
N SER D 120 -24.29 6.66 24.86
N SER D 120 -24.28 6.63 24.84
CA SER D 120 -25.24 7.76 24.78
CA SER D 120 -25.26 7.70 24.63
C SER D 120 -26.62 7.40 25.36
C SER D 120 -26.68 7.36 25.10
N LEU D 121 -26.90 6.11 25.44
CA LEU D 121 -28.23 5.64 25.88
C LEU D 121 -28.54 5.67 27.38
N LEU D 122 -29.84 5.81 27.67
CA LEU D 122 -30.36 5.88 29.03
C LEU D 122 -29.81 4.76 29.93
N SER E 19 -21.30 -16.94 0.71
CA SER E 19 -21.22 -15.70 1.54
C SER E 19 -22.46 -14.86 1.33
N ASN E 20 -23.28 -14.67 2.36
N ASN E 20 -23.25 -14.67 2.39
CA ASN E 20 -24.46 -13.89 2.15
CA ASN E 20 -24.45 -13.85 2.32
C ASN E 20 -24.18 -12.39 2.19
C ASN E 20 -24.14 -12.37 2.18
N ALA E 21 -25.06 -11.64 1.57
CA ALA E 21 -24.89 -10.21 1.41
C ALA E 21 -25.05 -9.48 2.73
N ILE E 22 -24.61 -8.22 2.74
CA ILE E 22 -24.77 -7.33 3.86
C ILE E 22 -24.98 -5.92 3.31
N VAL E 23 -25.58 -5.04 4.12
CA VAL E 23 -25.75 -3.64 3.74
C VAL E 23 -25.17 -2.87 4.90
N VAL E 24 -24.13 -2.09 4.64
CA VAL E 24 -23.51 -1.35 5.73
C VAL E 24 -23.97 0.09 5.68
N LEU E 25 -24.51 0.58 6.80
CA LEU E 25 -24.97 1.97 6.90
C LEU E 25 -23.83 2.83 7.39
N CYS E 26 -23.72 4.04 6.84
CA CYS E 26 -22.67 4.96 7.17
C CYS E 26 -23.13 6.35 6.73
N THR E 27 -22.70 7.40 7.42
CA THR E 27 -23.08 8.77 6.99
C THR E 27 -21.83 9.59 6.67
N ALA E 28 -21.99 10.58 5.79
CA ALA E 28 -20.91 11.48 5.41
C ALA E 28 -21.42 12.92 5.51
N PRO E 29 -20.53 13.89 5.74
CA PRO E 29 -20.98 15.27 5.93
C PRO E 29 -21.55 15.91 4.67
N ASP E 30 -21.11 15.44 3.49
CA ASP E 30 -21.55 16.03 2.22
C ASP E 30 -21.39 15.05 1.07
N GLU E 31 -21.95 15.40 -0.08
CA GLU E 31 -21.90 14.54 -1.26
C GLU E 31 -20.50 14.33 -1.78
N ALA E 32 -19.68 15.38 -1.75
CA ALA E 32 -18.30 15.30 -2.22
C ALA E 32 -17.50 14.19 -1.50
N SER E 33 -17.52 14.21 -0.17
CA SER E 33 -16.77 13.23 0.61
C SER E 33 -17.39 11.85 0.48
N ALA E 34 -18.73 11.79 0.36
CA ALA E 34 -19.42 10.51 0.17
C ALA E 34 -19.01 9.85 -1.15
N GLN E 35 -18.94 10.65 -2.22
CA GLN E 35 -18.54 10.13 -3.54
C GLN E 35 -17.09 9.65 -3.55
N ASN E 36 -16.19 10.46 -2.97
CA ASN E 36 -14.76 10.09 -2.88
C ASN E 36 -14.58 8.76 -2.12
N LEU E 37 -15.28 8.65 -0.98
CA LEU E 37 -15.23 7.41 -0.18
C LEU E 37 -15.76 6.21 -1.00
N ALA E 38 -16.91 6.39 -1.65
CA ALA E 38 -17.51 5.32 -2.48
C ALA E 38 -16.54 4.87 -3.57
N ALA E 39 -15.97 5.85 -4.29
CA ALA E 39 -15.02 5.54 -5.36
C ALA E 39 -13.81 4.74 -4.85
N GLN E 40 -13.29 5.12 -3.69
CA GLN E 40 -12.14 4.43 -3.09
C GLN E 40 -12.50 3.00 -2.68
N VAL E 41 -13.62 2.86 -1.98
CA VAL E 41 -14.12 1.54 -1.57
C VAL E 41 -14.34 0.61 -2.79
N LEU E 42 -14.90 1.17 -3.85
CA LEU E 42 -15.17 0.39 -5.07
C LEU E 42 -13.89 0.01 -5.80
N GLY E 43 -12.92 0.92 -5.85
CA GLY E 43 -11.63 0.60 -6.48
C GLY E 43 -10.95 -0.56 -5.74
N GLU E 44 -11.13 -0.62 -4.42
CA GLU E 44 -10.54 -1.66 -3.56
C GLU E 44 -11.35 -2.95 -3.60
N LYS E 45 -12.46 -2.91 -4.35
CA LYS E 45 -13.38 -4.04 -4.47
C LYS E 45 -13.87 -4.54 -3.12
N LEU E 46 -14.23 -3.61 -2.24
CA LEU E 46 -14.74 -3.94 -0.90
C LEU E 46 -16.28 -3.82 -0.80
N ALA E 47 -16.91 -3.40 -1.90
CA ALA E 47 -18.36 -3.31 -2.00
C ALA E 47 -18.71 -3.42 -3.47
N ALA E 48 -19.92 -3.91 -3.77
CA ALA E 48 -20.38 -4.07 -5.15
C ALA E 48 -21.09 -2.81 -5.64
N CYS E 49 -21.76 -2.14 -4.71
CA CYS E 49 -22.50 -0.95 -5.03
C CYS E 49 -22.60 -0.09 -3.79
N VAL E 50 -22.50 1.22 -3.97
CA VAL E 50 -22.62 2.17 -2.87
C VAL E 50 -23.70 3.17 -3.28
N THR E 51 -24.76 3.23 -2.48
CA THR E 51 -25.88 4.14 -2.74
C THR E 51 -25.86 5.29 -1.74
N LEU E 52 -25.89 6.52 -2.28
CA LEU E 52 -25.90 7.74 -1.48
C LEU E 52 -27.29 8.37 -1.43
N LEU E 53 -27.73 8.75 -0.24
CA LEU E 53 -29.01 9.41 -0.03
C LEU E 53 -28.69 10.80 0.53
N PRO E 54 -28.50 11.78 -0.35
CA PRO E 54 -28.14 13.11 0.10
C PRO E 54 -29.31 13.90 0.70
N GLY E 55 -28.99 15.00 1.37
CA GLY E 55 -30.03 15.88 1.91
C GLY E 55 -30.72 15.36 3.14
N ALA E 56 -30.12 14.36 3.79
CA ALA E 56 -30.66 13.81 5.02
C ALA E 56 -30.31 14.73 6.18
N THR E 57 -31.02 14.55 7.28
CA THR E 57 -30.80 15.31 8.49
C THR E 57 -30.60 14.31 9.60
N SER E 58 -29.52 14.47 10.37
CA SER E 58 -29.29 13.61 11.51
C SER E 58 -29.34 14.42 12.79
N LEU E 59 -30.02 13.89 13.79
CA LEU E 59 -30.04 14.50 15.10
C LEU E 59 -29.37 13.55 16.09
N TYR E 60 -28.56 14.11 16.98
CA TYR E 60 -27.82 13.33 17.97
C TYR E 60 -27.17 14.28 18.97
N TYR E 61 -26.82 13.74 20.13
CA TYR E 61 -26.08 14.48 21.14
C TYR E 61 -24.61 14.27 20.87
N TRP E 62 -23.86 15.36 20.92
CA TRP E 62 -22.43 15.32 20.76
C TRP E 62 -21.83 16.26 21.78
N GLU E 63 -21.06 15.72 22.71
CA GLU E 63 -20.45 16.53 23.77
C GLU E 63 -21.51 17.29 24.59
N GLY E 64 -22.61 16.62 24.90
CA GLY E 64 -23.69 17.20 25.69
C GLY E 64 -24.67 18.12 24.99
N LYS E 65 -24.46 18.41 23.71
CA LYS E 65 -25.34 19.30 22.96
C LYS E 65 -26.13 18.57 21.88
N LEU E 66 -27.40 18.91 21.71
CA LEU E 66 -28.24 18.31 20.69
C LEU E 66 -27.96 18.98 19.34
N GLU E 67 -27.38 18.21 18.42
CA GLU E 67 -27.03 18.72 17.11
C GLU E 67 -28.04 18.24 16.07
N GLN E 68 -28.22 19.04 15.03
CA GLN E 68 -29.08 18.70 13.91
C GLN E 68 -28.28 19.14 12.70
N GLU E 69 -27.80 18.17 11.93
CA GLU E 69 -26.92 18.42 10.79
C GLU E 69 -27.34 17.69 9.55
N TYR E 70 -27.08 18.29 8.40
CA TYR E 70 -27.29 17.65 7.13
C TYR E 70 -26.20 16.61 6.93
N GLU E 71 -26.59 15.47 6.39
CA GLU E 71 -25.64 14.41 6.12
C GLU E 71 -26.11 13.66 4.91
N VAL E 72 -25.22 12.84 4.37
CA VAL E 72 -25.54 11.94 3.28
C VAL E 72 -25.63 10.54 3.96
N GLN E 73 -26.73 9.82 3.76
CA GLN E 73 -26.82 8.45 4.31
C GLN E 73 -26.31 7.55 3.24
N LEU E 74 -25.34 6.70 3.57
CA LEU E 74 -24.82 5.78 2.56
C LEU E 74 -25.20 4.34 2.86
N LEU E 75 -25.32 3.54 1.81
N LEU E 75 -25.35 3.54 1.81
CA LEU E 75 -25.63 2.12 1.91
CA LEU E 75 -25.62 2.10 1.94
C LEU E 75 -24.59 1.37 1.11
C LEU E 75 -24.58 1.37 1.12
N PHE E 76 -23.70 0.65 1.79
CA PHE E 76 -22.68 -0.11 1.11
C PHE E 76 -23.20 -1.54 0.96
N LYS E 77 -23.36 -1.98 -0.28
CA LYS E 77 -23.85 -3.33 -0.57
C LYS E 77 -22.63 -4.22 -0.84
N SER E 78 -22.42 -5.20 0.04
CA SER E 78 -21.24 -6.07 0.01
C SER E 78 -21.59 -7.49 0.52
N ASN E 79 -20.59 -8.26 0.94
CA ASN E 79 -20.86 -9.57 1.54
C ASN E 79 -20.04 -9.82 2.82
N THR E 80 -20.42 -10.85 3.58
CA THR E 80 -19.75 -11.14 4.85
C THR E 80 -18.25 -11.40 4.69
N ASP E 81 -17.85 -12.00 3.57
CA ASP E 81 -16.42 -12.25 3.29
C ASP E 81 -15.58 -10.98 3.24
N HIS E 82 -16.21 -9.86 2.87
CA HIS E 82 -15.48 -8.59 2.78
C HIS E 82 -15.90 -7.60 3.85
N GLN E 83 -16.67 -8.10 4.81
CA GLN E 83 -17.21 -7.25 5.88
C GLN E 83 -16.16 -6.51 6.72
N GLN E 84 -15.25 -7.25 7.33
CA GLN E 84 -14.23 -6.63 8.16
C GLN E 84 -13.33 -5.68 7.37
N ALA E 85 -12.90 -6.11 6.19
CA ALA E 85 -12.05 -5.29 5.33
C ALA E 85 -12.73 -3.95 4.95
N LEU E 86 -14.03 -4.03 4.63
CA LEU E 86 -14.81 -2.83 4.29
C LEU E 86 -14.91 -1.87 5.48
N LEU E 87 -15.27 -2.41 6.64
CA LEU E 87 -15.36 -1.60 7.86
C LEU E 87 -14.05 -0.89 8.20
N THR E 88 -12.96 -1.64 8.14
CA THR E 88 -11.65 -1.08 8.44
C THR E 88 -11.26 -0.01 7.42
N TYR E 89 -11.54 -0.27 6.14
CA TYR E 89 -11.19 0.69 5.10
C TYR E 89 -11.95 2.02 5.32
N ILE E 90 -13.27 1.93 5.51
CA ILE E 90 -14.08 3.12 5.70
C ILE E 90 -13.58 3.89 6.92
N LYS E 91 -13.39 3.17 8.02
CA LYS E 91 -12.88 3.78 9.25
C LYS E 91 -11.61 4.61 9.01
N GLN E 92 -10.73 4.11 8.16
N GLN E 92 -10.70 4.10 8.18
CA GLN E 92 -9.45 4.78 7.88
CA GLN E 92 -9.44 4.78 7.89
C GLN E 92 -9.51 5.82 6.77
C GLN E 92 -9.50 5.81 6.75
N HIS E 93 -10.66 5.94 6.10
CA HIS E 93 -10.80 6.88 4.97
C HIS E 93 -12.08 7.69 5.07
N HIS E 94 -12.34 8.23 6.25
CA HIS E 94 -13.59 8.95 6.47
C HIS E 94 -13.30 10.31 7.03
N PRO E 95 -14.08 11.32 6.65
CA PRO E 95 -13.84 12.64 7.22
C PRO E 95 -14.04 12.67 8.75
N TYR E 96 -14.93 11.83 9.27
CA TYR E 96 -15.16 11.80 10.72
C TYR E 96 -14.18 10.87 11.42
N GLN E 97 -13.89 11.15 12.68
N GLN E 97 -13.90 11.15 12.69
CA GLN E 97 -13.04 10.28 13.48
CA GLN E 97 -13.04 10.30 13.50
C GLN E 97 -13.85 9.03 13.89
C GLN E 97 -13.83 9.07 13.97
N THR E 98 -15.13 9.24 14.17
CA THR E 98 -15.99 8.13 14.62
C THR E 98 -17.22 7.97 13.73
N PRO E 99 -17.01 7.51 12.48
CA PRO E 99 -18.14 7.39 11.57
C PRO E 99 -19.09 6.28 11.94
N GLU E 100 -20.35 6.47 11.57
CA GLU E 100 -21.36 5.47 11.73
C GLU E 100 -20.99 4.30 10.83
N LEU E 101 -20.95 3.10 11.39
CA LEU E 101 -20.68 1.87 10.63
C LEU E 101 -21.51 0.77 11.25
N LEU E 102 -22.62 0.42 10.60
CA LEU E 102 -23.55 -0.57 11.09
C LEU E 102 -23.84 -1.61 10.01
N VAL E 103 -23.56 -2.87 10.31
CA VAL E 103 -23.78 -3.93 9.33
C VAL E 103 -25.17 -4.55 9.47
N LEU E 104 -25.98 -4.42 8.43
CA LEU E 104 -27.31 -5.05 8.41
C LEU E 104 -27.19 -6.38 7.65
N PRO E 105 -27.74 -7.46 8.23
CA PRO E 105 -27.71 -8.77 7.53
C PRO E 105 -28.78 -8.85 6.43
N VAL E 106 -28.51 -9.63 5.39
CA VAL E 106 -29.44 -9.87 4.31
C VAL E 106 -29.77 -11.36 4.42
N ARG E 107 -31.04 -11.70 4.57
CA ARG E 107 -31.44 -13.10 4.73
C ARG E 107 -31.57 -13.81 3.39
N ASP E 108 -31.89 -13.05 2.34
CA ASP E 108 -32.11 -13.59 1.00
C ASP E 108 -31.99 -12.50 -0.07
N GLY E 109 -31.93 -12.93 -1.31
CA GLY E 109 -31.90 -12.00 -2.44
C GLY E 109 -32.04 -12.75 -3.73
N ASP E 110 -32.22 -12.00 -4.83
CA ASP E 110 -32.29 -12.59 -6.15
C ASP E 110 -30.94 -13.25 -6.46
N LYS E 111 -30.99 -14.47 -7.00
N LYS E 111 -30.99 -14.48 -6.99
CA LYS E 111 -29.77 -15.24 -7.28
CA LYS E 111 -29.79 -15.26 -7.31
C LYS E 111 -28.85 -14.56 -8.31
C LYS E 111 -28.86 -14.56 -8.31
N ASP E 112 -29.45 -13.99 -9.36
CA ASP E 112 -28.66 -13.29 -10.38
C ASP E 112 -27.98 -12.07 -9.78
N TYR E 113 -28.71 -11.34 -8.95
CA TYR E 113 -28.14 -10.15 -8.33
C TYR E 113 -26.99 -10.52 -7.37
N LEU E 114 -27.25 -11.50 -6.51
CA LEU E 114 -26.25 -11.94 -5.56
C LEU E 114 -24.98 -12.46 -6.26
N SER E 115 -25.18 -13.14 -7.40
N SER E 115 -25.17 -13.13 -7.40
CA SER E 115 -24.06 -13.63 -8.19
CA SER E 115 -24.04 -13.63 -8.18
C SER E 115 -23.20 -12.46 -8.66
C SER E 115 -23.19 -12.47 -8.70
N TRP E 116 -23.88 -11.41 -9.14
CA TRP E 116 -23.19 -10.22 -9.63
C TRP E 116 -22.44 -9.56 -8.49
N LEU E 117 -23.12 -9.40 -7.35
CA LEU E 117 -22.51 -8.81 -6.17
C LEU E 117 -21.25 -9.56 -5.72
N ASN E 118 -21.36 -10.89 -5.58
CA ASN E 118 -20.21 -11.72 -5.17
C ASN E 118 -19.03 -11.65 -6.17
N ALA E 119 -19.35 -11.71 -7.46
CA ALA E 119 -18.33 -11.65 -8.52
C ALA E 119 -17.65 -10.31 -8.62
N SER E 120 -18.26 -9.27 -8.04
N SER E 120 -18.25 -9.26 -8.05
CA SER E 120 -17.72 -7.91 -8.08
CA SER E 120 -17.66 -7.93 -8.12
C SER E 120 -16.69 -7.66 -7.00
C SER E 120 -16.60 -7.72 -7.05
N LEU E 121 -16.65 -8.53 -6.00
CA LEU E 121 -15.75 -8.37 -4.83
C LEU E 121 -14.32 -8.95 -4.95
N LEU E 122 -13.41 -8.39 -4.16
CA LEU E 122 -12.00 -8.80 -4.18
C LEU E 122 -11.83 -10.31 -4.01
N TYR F 18 -37.62 -13.49 15.94
CA TYR F 18 -37.85 -12.55 14.79
C TYR F 18 -39.30 -12.54 14.33
N SER F 19 -39.79 -11.38 13.93
CA SER F 19 -41.15 -11.28 13.40
C SER F 19 -41.11 -11.81 11.98
N ASN F 20 -42.25 -11.92 11.32
CA ASN F 20 -42.26 -12.37 9.93
C ASN F 20 -42.17 -11.22 8.91
N ALA F 21 -42.01 -10.00 9.41
CA ALA F 21 -41.88 -8.85 8.49
C ALA F 21 -40.52 -8.86 7.81
N ILE F 22 -40.45 -8.28 6.62
CA ILE F 22 -39.20 -8.13 5.87
C ILE F 22 -39.22 -6.78 5.16
N VAL F 23 -38.02 -6.25 4.88
CA VAL F 23 -37.87 -5.03 4.12
C VAL F 23 -36.95 -5.38 2.96
N VAL F 24 -37.47 -5.27 1.74
CA VAL F 24 -36.68 -5.63 0.57
C VAL F 24 -36.15 -4.37 -0.09
N LEU F 25 -34.82 -4.30 -0.24
CA LEU F 25 -34.18 -3.19 -0.93
C LEU F 25 -34.11 -3.48 -2.40
N CYS F 26 -34.42 -2.45 -3.20
CA CYS F 26 -34.38 -2.53 -4.64
C CYS F 26 -34.16 -1.07 -5.14
N THR F 27 -33.60 -0.90 -6.34
CA THR F 27 -33.41 0.45 -6.92
C THR F 27 -34.01 0.52 -8.32
N ALA F 28 -34.39 1.71 -8.75
CA ALA F 28 -34.96 1.91 -10.07
C ALA F 28 -34.27 3.11 -10.71
N PRO F 29 -34.28 3.19 -12.04
CA PRO F 29 -33.58 4.30 -12.71
C PRO F 29 -34.22 5.69 -12.50
N ASP F 30 -35.53 5.74 -12.24
CA ASP F 30 -36.24 7.01 -12.09
C ASP F 30 -37.54 6.85 -11.30
N GLU F 31 -38.17 7.97 -10.97
CA GLU F 31 -39.41 7.93 -10.18
C GLU F 31 -40.56 7.29 -10.90
N ALA F 32 -40.65 7.51 -12.22
CA ALA F 32 -41.76 6.95 -13.01
C ALA F 32 -41.78 5.42 -12.95
N SER F 33 -40.65 4.79 -13.27
CA SER F 33 -40.58 3.35 -13.25
C SER F 33 -40.73 2.82 -11.82
N ALA F 34 -40.24 3.58 -10.83
CA ALA F 34 -40.35 3.17 -9.43
C ALA F 34 -41.81 3.16 -8.98
N GLN F 35 -42.55 4.21 -9.36
CA GLN F 35 -43.96 4.31 -9.00
C GLN F 35 -44.78 3.21 -9.67
N ASN F 36 -44.52 2.96 -10.95
CA ASN F 36 -45.23 1.92 -11.70
C ASN F 36 -45.02 0.54 -11.07
N LEU F 37 -43.79 0.24 -10.73
CA LEU F 37 -43.47 -1.04 -10.08
C LEU F 37 -44.18 -1.17 -8.71
N ALA F 38 -44.13 -0.10 -7.92
CA ALA F 38 -44.77 -0.09 -6.61
C ALA F 38 -46.27 -0.35 -6.77
N ALA F 39 -46.90 0.37 -7.70
CA ALA F 39 -48.35 0.24 -7.91
C ALA F 39 -48.74 -1.21 -8.27
N GLN F 40 -47.97 -1.82 -9.15
CA GLN F 40 -48.19 -3.20 -9.58
C GLN F 40 -48.04 -4.20 -8.43
N VAL F 41 -46.95 -4.08 -7.66
CA VAL F 41 -46.69 -4.95 -6.50
C VAL F 41 -47.82 -4.86 -5.46
N LEU F 42 -48.27 -3.64 -5.19
N LEU F 42 -48.28 -3.64 -5.18
CA LEU F 42 -49.34 -3.39 -4.23
CA LEU F 42 -49.36 -3.43 -4.22
C LEU F 42 -50.67 -3.97 -4.72
C LEU F 42 -50.67 -4.01 -4.72
N GLY F 43 -50.95 -3.81 -6.01
CA GLY F 43 -52.20 -4.36 -6.61
C GLY F 43 -52.18 -5.89 -6.55
N GLU F 44 -50.99 -6.47 -6.69
CA GLU F 44 -50.83 -7.94 -6.58
C GLU F 44 -50.81 -8.39 -5.13
N LYS F 45 -50.86 -7.44 -4.20
CA LYS F 45 -50.81 -7.73 -2.76
C LYS F 45 -49.54 -8.48 -2.39
N LEU F 46 -48.41 -8.07 -2.97
CA LEU F 46 -47.13 -8.70 -2.68
C LEU F 46 -46.27 -7.91 -1.68
N ALA F 47 -46.73 -6.71 -1.31
CA ALA F 47 -46.12 -5.88 -0.27
C ALA F 47 -47.23 -5.02 0.33
N ALA F 48 -47.04 -4.57 1.57
CA ALA F 48 -48.06 -3.75 2.24
C ALA F 48 -47.82 -2.26 2.01
N CYS F 49 -46.56 -1.90 1.89
CA CYS F 49 -46.16 -0.50 1.69
C CYS F 49 -44.86 -0.45 0.92
N VAL F 50 -44.74 0.48 -0.02
CA VAL F 50 -43.52 0.63 -0.77
C VAL F 50 -43.06 2.10 -0.63
N THR F 51 -41.85 2.30 -0.11
CA THR F 51 -41.33 3.66 0.05
C THR F 51 -40.21 3.93 -0.95
N LEU F 52 -40.32 5.07 -1.62
CA LEU F 52 -39.35 5.48 -2.63
C LEU F 52 -38.52 6.60 -2.10
N LEU F 53 -37.21 6.49 -2.28
CA LEU F 53 -36.25 7.54 -1.86
C LEU F 53 -35.59 8.03 -3.13
N PRO F 54 -36.20 9.03 -3.81
CA PRO F 54 -35.64 9.50 -5.08
C PRO F 54 -34.40 10.40 -4.94
N GLY F 55 -33.73 10.63 -6.06
CA GLY F 55 -32.58 11.52 -6.08
C GLY F 55 -31.32 10.92 -5.48
N ALA F 56 -31.30 9.60 -5.40
CA ALA F 56 -30.15 8.91 -4.87
C ALA F 56 -29.09 8.80 -5.96
N THR F 57 -27.85 8.56 -5.55
CA THR F 57 -26.76 8.31 -6.48
C THR F 57 -26.17 6.96 -6.12
N SER F 58 -25.99 6.11 -7.13
CA SER F 58 -25.32 4.83 -6.92
C SER F 58 -24.03 4.79 -7.71
N LEU F 59 -22.98 4.30 -7.07
CA LEU F 59 -21.70 4.07 -7.77
C LEU F 59 -21.45 2.58 -7.73
N TYR F 60 -20.91 2.06 -8.84
CA TYR F 60 -20.65 0.64 -8.99
C TYR F 60 -19.86 0.44 -10.26
N TYR F 61 -19.20 -0.70 -10.35
CA TYR F 61 -18.53 -1.07 -11.57
C TYR F 61 -19.49 -1.85 -12.41
N TRP F 62 -19.54 -1.53 -13.69
CA TRP F 62 -20.37 -2.28 -14.62
C TRP F 62 -19.56 -2.50 -15.88
N GLU F 63 -19.35 -3.76 -16.24
CA GLU F 63 -18.57 -4.11 -17.44
C GLU F 63 -17.19 -3.43 -17.44
N GLY F 64 -16.53 -3.45 -16.28
CA GLY F 64 -15.20 -2.90 -16.15
C GLY F 64 -15.06 -1.39 -15.93
N LYS F 65 -16.15 -0.63 -15.98
CA LYS F 65 -16.06 0.83 -15.77
C LYS F 65 -16.83 1.31 -14.54
N LEU F 66 -16.25 2.27 -13.82
CA LEU F 66 -16.88 2.84 -12.65
C LEU F 66 -18.02 3.79 -13.05
N GLU F 67 -19.26 3.39 -12.75
CA GLU F 67 -20.44 4.21 -13.09
C GLU F 67 -20.95 4.97 -11.87
N GLN F 68 -21.57 6.13 -12.11
CA GLN F 68 -22.16 6.95 -11.07
C GLN F 68 -23.48 7.45 -11.65
N GLU F 69 -24.59 6.89 -11.19
CA GLU F 69 -25.91 7.20 -11.78
C GLU F 69 -26.97 7.53 -10.76
N TYR F 70 -27.91 8.36 -11.18
CA TYR F 70 -29.03 8.67 -10.34
C TYR F 70 -29.98 7.48 -10.30
N GLU F 71 -30.54 7.21 -9.13
CA GLU F 71 -31.48 6.13 -8.94
C GLU F 71 -32.47 6.48 -7.84
N VAL F 72 -33.53 5.68 -7.76
CA VAL F 72 -34.48 5.77 -6.67
C VAL F 72 -34.21 4.52 -5.82
N GLN F 73 -34.03 4.69 -4.52
CA GLN F 73 -33.86 3.53 -3.63
C GLN F 73 -35.24 3.17 -3.13
N LEU F 74 -35.65 1.92 -3.32
CA LEU F 74 -36.94 1.46 -2.85
C LEU F 74 -36.87 0.54 -1.64
N LEU F 75 -37.89 0.65 -0.79
N LEU F 75 -37.87 0.65 -0.77
CA LEU F 75 -38.03 -0.20 0.37
CA LEU F 75 -38.00 -0.25 0.39
C LEU F 75 -39.40 -0.87 0.27
C LEU F 75 -39.38 -0.89 0.36
N PHE F 76 -39.41 -2.18 0.00
CA PHE F 76 -40.69 -2.93 -0.05
C PHE F 76 -40.92 -3.53 1.34
N LYS F 77 -42.02 -3.16 1.97
CA LYS F 77 -42.34 -3.66 3.32
C LYS F 77 -43.35 -4.79 3.15
N SER F 78 -42.93 -6.01 3.51
CA SER F 78 -43.74 -7.22 3.27
C SER F 78 -43.51 -8.22 4.38
N ASN F 79 -43.84 -9.49 4.12
CA ASN F 79 -43.59 -10.53 5.10
C ASN F 79 -42.95 -11.75 4.46
N THR F 80 -42.38 -12.63 5.29
CA THR F 80 -41.71 -13.83 4.77
C THR F 80 -42.67 -14.72 3.97
N ASP F 81 -43.95 -14.68 4.32
CA ASP F 81 -44.97 -15.52 3.69
C ASP F 81 -45.16 -15.17 2.22
N HIS F 82 -44.74 -13.96 1.83
CA HIS F 82 -44.85 -13.51 0.43
C HIS F 82 -43.53 -13.13 -0.18
N GLN F 83 -42.44 -13.42 0.53
CA GLN F 83 -41.09 -13.09 0.08
C GLN F 83 -40.74 -13.62 -1.31
N GLN F 84 -40.81 -14.94 -1.52
CA GLN F 84 -40.47 -15.49 -2.85
C GLN F 84 -41.32 -14.90 -3.96
N ALA F 85 -42.63 -14.82 -3.76
CA ALA F 85 -43.54 -14.27 -4.75
C ALA F 85 -43.18 -12.80 -5.08
N LEU F 86 -42.85 -12.03 -4.05
CA LEU F 86 -42.45 -10.62 -4.27
C LEU F 86 -41.18 -10.51 -5.11
N LEU F 87 -40.15 -11.27 -4.74
N LEU F 87 -40.13 -11.24 -4.74
CA LEU F 87 -38.89 -11.27 -5.48
CA LEU F 87 -38.89 -11.20 -5.52
C LEU F 87 -39.06 -11.64 -6.95
C LEU F 87 -39.05 -11.64 -6.98
N THR F 88 -39.87 -12.66 -7.22
CA THR F 88 -40.13 -13.13 -8.59
C THR F 88 -40.89 -12.10 -9.41
N TYR F 89 -41.89 -11.47 -8.79
CA TYR F 89 -42.69 -10.47 -9.48
C TYR F 89 -41.83 -9.26 -9.88
N ILE F 90 -41.09 -8.71 -8.93
CA ILE F 90 -40.23 -7.58 -9.21
C ILE F 90 -39.25 -7.93 -10.32
N LYS F 91 -38.63 -9.10 -10.21
CA LYS F 91 -37.67 -9.57 -11.20
C LYS F 91 -38.27 -9.56 -12.63
N GLN F 92 -39.54 -9.94 -12.75
N GLN F 92 -39.54 -9.97 -12.73
CA GLN F 92 -40.19 -10.00 -14.05
CA GLN F 92 -40.25 -10.05 -14.01
C GLN F 92 -40.75 -8.66 -14.52
C GLN F 92 -40.95 -8.74 -14.42
N HIS F 93 -40.80 -7.68 -13.63
CA HIS F 93 -41.41 -6.38 -13.94
C HIS F 93 -40.51 -5.21 -13.62
N HIS F 94 -39.23 -5.33 -13.94
CA HIS F 94 -38.29 -4.28 -13.59
C HIS F 94 -37.62 -3.77 -14.86
N PRO F 95 -37.28 -2.46 -14.91
CA PRO F 95 -36.60 -1.97 -16.11
C PRO F 95 -35.23 -2.60 -16.30
N TYR F 96 -34.55 -2.96 -15.20
CA TYR F 96 -33.23 -3.59 -15.30
C TYR F 96 -33.35 -5.10 -15.50
N GLN F 97 -32.36 -5.68 -16.16
N GLN F 97 -32.34 -5.68 -16.15
CA GLN F 97 -32.30 -7.12 -16.35
CA GLN F 97 -32.31 -7.12 -16.36
C GLN F 97 -31.87 -7.78 -15.03
C GLN F 97 -31.83 -7.80 -15.07
N THR F 98 -30.99 -7.10 -14.30
CA THR F 98 -30.48 -7.62 -13.03
C THR F 98 -30.72 -6.61 -11.90
N PRO F 99 -31.98 -6.48 -11.45
CA PRO F 99 -32.24 -5.53 -10.40
C PRO F 99 -31.73 -5.97 -9.04
N GLU F 100 -31.44 -4.98 -8.22
CA GLU F 100 -31.06 -5.19 -6.84
C GLU F 100 -32.28 -5.73 -6.11
N LEU F 101 -32.08 -6.81 -5.37
CA LEU F 101 -33.13 -7.42 -4.57
C LEU F 101 -32.49 -8.04 -3.34
N LEU F 102 -32.52 -7.31 -2.24
CA LEU F 102 -31.90 -7.75 -0.99
C LEU F 102 -32.96 -7.75 0.10
N VAL F 103 -33.19 -8.91 0.71
CA VAL F 103 -34.21 -9.01 1.76
C VAL F 103 -33.60 -8.83 3.14
N LEU F 104 -34.01 -7.77 3.85
CA LEU F 104 -33.56 -7.55 5.23
C LEU F 104 -34.56 -8.17 6.20
N PRO F 105 -34.06 -8.92 7.20
CA PRO F 105 -34.99 -9.46 8.17
C PRO F 105 -35.37 -8.39 9.20
N VAL F 106 -36.45 -8.62 9.91
CA VAL F 106 -36.94 -7.70 10.93
C VAL F 106 -37.06 -8.49 12.24
N ARG F 107 -36.32 -8.05 13.25
N ARG F 107 -36.34 -8.06 13.26
CA ARG F 107 -36.34 -8.67 14.57
CA ARG F 107 -36.36 -8.78 14.53
C ARG F 107 -37.70 -8.56 15.22
C ARG F 107 -37.62 -8.52 15.36
N ASP F 108 -38.27 -7.37 15.15
CA ASP F 108 -39.48 -7.05 15.87
C ASP F 108 -40.13 -5.81 15.27
N GLY F 109 -41.35 -5.50 15.72
CA GLY F 109 -42.05 -4.31 15.27
C GLY F 109 -43.27 -4.05 16.14
N ASP F 110 -43.95 -2.95 15.87
CA ASP F 110 -45.18 -2.65 16.61
C ASP F 110 -46.25 -3.68 16.22
N LYS F 111 -46.91 -4.25 17.23
CA LYS F 111 -47.94 -5.29 17.02
C LYS F 111 -49.08 -4.85 16.10
N ASP F 112 -49.57 -3.62 16.27
CA ASP F 112 -50.63 -3.10 15.43
C ASP F 112 -50.17 -2.92 13.99
N TYR F 113 -48.93 -2.43 13.81
CA TYR F 113 -48.39 -2.26 12.47
C TYR F 113 -48.18 -3.60 11.74
N LEU F 114 -47.62 -4.58 12.45
CA LEU F 114 -47.39 -5.92 11.89
C LEU F 114 -48.71 -6.61 11.54
N SER F 115 -49.71 -6.42 12.40
CA SER F 115 -51.01 -6.99 12.17
C SER F 115 -51.60 -6.42 10.88
N TRP F 116 -51.46 -5.11 10.70
CA TRP F 116 -51.92 -4.46 9.48
C TRP F 116 -51.15 -4.99 8.26
N LEU F 117 -49.84 -5.11 8.40
N LEU F 117 -49.84 -5.12 8.41
CA LEU F 117 -49.02 -5.61 7.29
CA LEU F 117 -48.96 -5.61 7.37
C LEU F 117 -49.46 -7.02 6.89
C LEU F 117 -49.39 -7.01 6.91
N ASN F 118 -49.59 -7.90 7.88
CA ASN F 118 -50.02 -9.27 7.61
C ASN F 118 -51.42 -9.41 6.99
N ALA F 119 -52.39 -8.65 7.51
CA ALA F 119 -53.76 -8.72 7.00
C ALA F 119 -53.88 -8.16 5.57
N SER F 120 -53.01 -7.20 5.24
N SER F 120 -53.04 -7.19 5.25
CA SER F 120 -53.03 -6.58 3.91
CA SER F 120 -53.07 -6.60 3.90
C SER F 120 -52.50 -7.49 2.78
C SER F 120 -52.70 -7.63 2.81
N LEU F 121 -51.80 -8.56 3.15
CA LEU F 121 -51.24 -9.50 2.17
C LEU F 121 -51.94 -10.86 2.04
N LEU F 122 -52.69 -11.25 3.06
CA LEU F 122 -53.33 -12.57 3.11
C LEU F 122 -54.16 -12.86 1.84
N TYR G 18 37.50 13.83 -15.32
CA TYR G 18 37.24 12.35 -15.30
C TYR G 18 38.23 11.57 -16.16
N SER G 19 38.99 10.67 -15.51
CA SER G 19 39.96 9.82 -16.20
C SER G 19 39.20 8.87 -17.12
N ASN G 20 39.93 8.05 -17.86
CA ASN G 20 39.29 7.14 -18.76
C ASN G 20 39.09 5.74 -18.15
N ALA G 21 39.48 5.55 -16.89
CA ALA G 21 39.30 4.23 -16.22
C ALA G 21 37.84 3.96 -15.87
N ILE G 22 37.47 2.68 -15.83
CA ILE G 22 36.11 2.26 -15.44
C ILE G 22 36.16 1.04 -14.53
N VAL G 23 35.11 0.84 -13.74
CA VAL G 23 34.99 -0.36 -12.93
C VAL G 23 33.64 -0.98 -13.31
N VAL G 24 33.68 -2.19 -13.83
CA VAL G 24 32.45 -2.86 -14.22
C VAL G 24 32.07 -3.88 -13.17
N LEU G 25 30.84 -3.73 -12.66
CA LEU G 25 30.30 -4.66 -11.71
C LEU G 25 29.61 -5.78 -12.44
N CYS G 26 29.79 -7.00 -11.95
CA CYS G 26 29.19 -8.19 -12.55
C CYS G 26 29.12 -9.26 -11.46
N THR G 27 28.16 -10.18 -11.54
CA THR G 27 28.15 -11.28 -10.58
C THR G 27 28.23 -12.62 -11.31
N ALA G 28 28.73 -13.64 -10.62
CA ALA G 28 28.81 -14.98 -11.18
C ALA G 28 28.25 -15.92 -10.10
N PRO G 29 27.75 -17.10 -10.52
CA PRO G 29 27.14 -18.01 -9.53
C PRO G 29 28.13 -18.69 -8.59
N ASP G 30 29.40 -18.81 -8.98
CA ASP G 30 30.38 -19.48 -8.14
C ASP G 30 31.80 -19.05 -8.51
N GLU G 31 32.77 -19.40 -7.68
CA GLU G 31 34.16 -18.98 -7.95
C GLU G 31 34.74 -19.58 -9.23
N ALA G 32 34.39 -20.83 -9.51
CA ALA G 32 34.92 -21.51 -10.70
C ALA G 32 34.60 -20.74 -11.98
N SER G 33 33.33 -20.40 -12.17
CA SER G 33 32.93 -19.67 -13.36
C SER G 33 33.46 -18.24 -13.33
N ALA G 34 33.56 -17.65 -12.14
CA ALA G 34 34.11 -16.30 -12.01
C ALA G 34 35.57 -16.27 -12.47
N GLN G 35 36.34 -17.25 -12.02
CA GLN G 35 37.78 -17.35 -12.37
C GLN G 35 37.98 -17.59 -13.86
N ASN G 36 37.18 -18.49 -14.43
CA ASN G 36 37.27 -18.79 -15.85
C ASN G 36 36.99 -17.56 -16.70
N LEU G 37 35.92 -16.84 -16.33
CA LEU G 37 35.57 -15.60 -17.05
C LEU G 37 36.71 -14.57 -16.93
N ALA G 38 37.20 -14.36 -15.71
CA ALA G 38 38.31 -13.42 -15.48
C ALA G 38 39.52 -13.77 -16.37
N ALA G 39 39.88 -15.05 -16.38
CA ALA G 39 41.04 -15.53 -17.14
C ALA G 39 40.88 -15.22 -18.61
N GLN G 40 39.70 -15.53 -19.14
CA GLN G 40 39.39 -15.26 -20.54
C GLN G 40 39.45 -13.77 -20.89
N VAL G 41 38.81 -12.95 -20.06
CA VAL G 41 38.78 -11.50 -20.28
C VAL G 41 40.19 -10.91 -20.28
N LEU G 42 41.02 -11.39 -19.37
CA LEU G 42 42.40 -10.92 -19.26
C LEU G 42 43.26 -11.39 -20.42
N GLY G 43 43.03 -12.61 -20.88
CA GLY G 43 43.78 -13.13 -22.02
C GLY G 43 43.44 -12.31 -23.26
N GLU G 44 42.19 -11.84 -23.33
CA GLU G 44 41.73 -11.01 -24.45
C GLU G 44 42.17 -9.56 -24.27
N LYS G 45 42.79 -9.26 -23.13
CA LYS G 45 43.24 -7.90 -22.82
C LYS G 45 42.10 -6.88 -22.83
N LEU G 46 40.94 -7.31 -22.31
CA LEU G 46 39.77 -6.44 -22.23
C LEU G 46 39.58 -5.82 -20.84
N ALA G 47 40.44 -6.21 -19.90
CA ALA G 47 40.49 -5.61 -18.56
C ALA G 47 41.92 -5.74 -18.03
N ALA G 48 42.32 -4.84 -17.14
CA ALA G 48 43.68 -4.86 -16.55
C ALA G 48 43.75 -5.77 -15.31
N CYS G 49 42.69 -5.75 -14.52
CA CYS G 49 42.63 -6.55 -13.29
C CYS G 49 41.19 -6.93 -13.02
N VAL G 50 40.96 -8.16 -12.55
CA VAL G 50 39.59 -8.59 -12.18
C VAL G 50 39.62 -9.06 -10.73
N THR G 51 38.77 -8.48 -9.89
CA THR G 51 38.70 -8.83 -8.48
C THR G 51 37.40 -9.53 -8.18
N LEU G 52 37.52 -10.67 -7.51
CA LEU G 52 36.39 -11.51 -7.14
C LEU G 52 36.14 -11.41 -5.64
N LEU G 53 34.89 -11.15 -5.28
CA LEU G 53 34.47 -11.07 -3.90
C LEU G 53 33.51 -12.25 -3.69
N PRO G 54 34.06 -13.41 -3.31
CA PRO G 54 33.20 -14.61 -3.13
C PRO G 54 32.35 -14.58 -1.85
N GLY G 55 31.39 -15.49 -1.77
CA GLY G 55 30.55 -15.65 -0.56
C GLY G 55 29.53 -14.54 -0.35
N ALA G 56 29.20 -13.84 -1.43
CA ALA G 56 28.22 -12.76 -1.37
C ALA G 56 26.84 -13.37 -1.44
N THR G 57 25.85 -12.59 -1.01
CA THR G 57 24.45 -12.98 -1.12
C THR G 57 23.71 -11.89 -1.93
N SER G 58 22.95 -12.30 -2.94
CA SER G 58 22.12 -11.36 -3.68
C SER G 58 20.64 -11.71 -3.50
N LEU G 59 19.84 -10.68 -3.25
CA LEU G 59 18.40 -10.81 -3.16
C LEU G 59 17.77 -9.99 -4.28
N TYR G 60 16.78 -10.59 -4.93
CA TYR G 60 16.12 -9.97 -6.05
C TYR G 60 14.87 -10.80 -6.37
N TYR G 61 13.94 -10.17 -7.06
CA TYR G 61 12.77 -10.88 -7.56
C TYR G 61 13.10 -11.44 -8.93
N TRP G 62 12.77 -12.71 -9.13
CA TRP G 62 12.98 -13.33 -10.41
C TRP G 62 11.73 -14.11 -10.69
N GLU G 63 11.05 -13.74 -11.78
CA GLU G 63 9.80 -14.37 -12.19
C GLU G 63 8.76 -14.37 -11.09
N GLY G 64 8.64 -13.24 -10.40
CA GLY G 64 7.64 -13.08 -9.35
C GLY G 64 7.98 -13.59 -7.96
N LYS G 65 9.12 -14.26 -7.81
N LYS G 65 9.13 -14.24 -7.82
CA LYS G 65 9.53 -14.81 -6.52
CA LYS G 65 9.55 -14.83 -6.55
C LYS G 65 10.80 -14.13 -5.99
C LYS G 65 10.83 -14.19 -5.99
N LEU G 66 10.82 -13.89 -4.68
CA LEU G 66 11.99 -13.31 -4.02
C LEU G 66 13.04 -14.38 -3.86
N GLU G 67 14.16 -14.23 -4.56
CA GLU G 67 15.25 -15.20 -4.47
C GLU G 67 16.36 -14.63 -3.59
N GLN G 68 17.13 -15.53 -2.96
CA GLN G 68 18.27 -15.17 -2.14
C GLN G 68 19.33 -16.22 -2.45
N GLU G 69 20.35 -15.83 -3.23
CA GLU G 69 21.38 -16.75 -3.70
C GLU G 69 22.80 -16.29 -3.42
N TYR G 70 23.71 -17.25 -3.31
CA TYR G 70 25.11 -16.95 -3.15
C TYR G 70 25.65 -16.62 -4.51
N GLU G 71 26.53 -15.65 -4.56
CA GLU G 71 27.14 -15.22 -5.80
C GLU G 71 28.52 -14.71 -5.51
N VAL G 72 29.30 -14.52 -6.56
CA VAL G 72 30.58 -13.88 -6.43
C VAL G 72 30.36 -12.51 -7.08
N GLN G 73 30.69 -11.43 -6.36
CA GLN G 73 30.62 -10.09 -6.96
C GLN G 73 31.98 -9.84 -7.62
N LEU G 74 31.97 -9.49 -8.91
CA LEU G 74 33.19 -9.18 -9.64
C LEU G 74 33.35 -7.69 -9.92
N LEU G 75 34.61 -7.25 -9.95
CA LEU G 75 34.97 -5.88 -10.29
C LEU G 75 35.98 -5.97 -11.40
N PHE G 76 35.58 -5.57 -12.61
CA PHE G 76 36.50 -5.55 -13.76
C PHE G 76 37.06 -4.15 -13.87
N LYS G 77 38.37 -4.04 -13.76
CA LYS G 77 39.03 -2.73 -13.81
C LYS G 77 39.60 -2.54 -15.23
N SER G 78 39.04 -1.57 -15.95
CA SER G 78 39.38 -1.38 -17.38
C SER G 78 39.31 0.10 -17.75
N ASN G 79 39.16 0.42 -19.04
CA ASN G 79 39.02 1.82 -19.43
C ASN G 79 37.89 2.00 -20.43
N THR G 80 37.52 3.25 -20.68
CA THR G 80 36.40 3.55 -21.57
C THR G 80 36.64 3.05 -22.99
N ASP G 81 37.91 3.05 -23.42
CA ASP G 81 38.29 2.57 -24.76
C ASP G 81 37.87 1.13 -25.02
N HIS G 82 37.89 0.32 -23.98
CA HIS G 82 37.59 -1.11 -24.11
C HIS G 82 36.29 -1.51 -23.47
N GLN G 83 35.48 -0.52 -23.12
CA GLN G 83 34.24 -0.74 -22.42
C GLN G 83 33.23 -1.62 -23.16
N GLN G 84 32.92 -1.29 -24.40
CA GLN G 84 31.93 -2.07 -25.14
C GLN G 84 32.40 -3.47 -25.45
N ALA G 85 33.66 -3.60 -25.83
CA ALA G 85 34.22 -4.92 -26.13
C ALA G 85 34.22 -5.80 -24.89
N LEU G 86 34.52 -5.20 -23.73
CA LEU G 86 34.48 -5.94 -22.47
C LEU G 86 33.03 -6.40 -22.16
N LEU G 87 32.07 -5.48 -22.20
CA LEU G 87 30.67 -5.85 -21.94
C LEU G 87 30.17 -6.93 -22.90
N THR G 88 30.52 -6.79 -24.17
CA THR G 88 30.11 -7.77 -25.18
C THR G 88 30.74 -9.13 -24.93
N TYR G 89 32.02 -9.14 -24.58
CA TYR G 89 32.68 -10.41 -24.30
C TYR G 89 32.04 -11.11 -23.09
N ILE G 90 31.87 -10.36 -21.99
CA ILE G 90 31.24 -10.93 -20.80
C ILE G 90 29.86 -11.52 -21.12
N LYS G 91 29.03 -10.73 -21.78
CA LYS G 91 27.69 -11.17 -22.15
C LYS G 91 27.71 -12.50 -22.93
N GLN G 92 28.73 -12.70 -23.75
N GLN G 92 28.74 -12.68 -23.76
CA GLN G 92 28.83 -13.91 -24.55
CA GLN G 92 28.87 -13.88 -24.58
C GLN G 92 29.52 -15.07 -23.86
C GLN G 92 29.64 -15.03 -23.93
N HIS G 93 30.20 -14.80 -22.74
CA HIS G 93 30.96 -15.84 -22.02
C HIS G 93 30.58 -15.97 -20.55
N HIS G 94 29.29 -15.80 -20.25
CA HIS G 94 28.84 -15.82 -18.86
C HIS G 94 27.84 -16.97 -18.66
N PRO G 95 27.86 -17.61 -17.47
CA PRO G 95 26.88 -18.69 -17.26
C PRO G 95 25.41 -18.20 -17.28
N TYR G 96 25.15 -16.94 -16.91
CA TYR G 96 23.75 -16.44 -16.95
C TYR G 96 23.40 -15.90 -18.32
N GLN G 97 22.11 -15.87 -18.63
N GLN G 97 22.10 -15.88 -18.63
CA GLN G 97 21.66 -15.32 -19.91
CA GLN G 97 21.60 -15.34 -19.89
C GLN G 97 21.64 -13.80 -19.84
C GLN G 97 21.59 -13.81 -19.85
N THR G 98 21.32 -13.27 -18.67
CA THR G 98 21.26 -11.82 -18.46
C THR G 98 22.11 -11.42 -17.26
N PRO G 99 23.44 -11.43 -17.42
CA PRO G 99 24.27 -11.08 -16.26
C PRO G 99 24.23 -9.58 -15.94
N GLU G 100 24.48 -9.28 -14.68
CA GLU G 100 24.61 -7.93 -14.22
C GLU G 100 25.87 -7.36 -14.90
N LEU G 101 25.73 -6.20 -15.52
CA LEU G 101 26.83 -5.50 -16.19
C LEU G 101 26.57 -4.02 -16.00
N LEU G 102 27.29 -3.42 -15.06
CA LEU G 102 27.13 -2.01 -14.73
C LEU G 102 28.48 -1.35 -14.72
N VAL G 103 28.63 -0.30 -15.54
CA VAL G 103 29.89 0.42 -15.63
C VAL G 103 29.91 1.65 -14.72
N LEU G 104 30.81 1.65 -13.74
CA LEU G 104 31.00 2.79 -12.85
C LEU G 104 32.10 3.66 -13.41
N PRO G 105 31.87 4.98 -13.46
CA PRO G 105 32.93 5.85 -13.94
C PRO G 105 33.99 6.09 -12.84
N VAL G 106 35.21 6.39 -13.26
CA VAL G 106 36.30 6.72 -12.33
C VAL G 106 36.68 8.16 -12.62
N ARG G 107 36.60 9.03 -11.62
N ARG G 107 36.58 9.03 -11.61
CA ARG G 107 36.91 10.44 -11.87
CA ARG G 107 36.89 10.45 -11.82
C ARG G 107 38.42 10.69 -11.92
C ARG G 107 38.38 10.80 -11.77
N ASP G 108 39.17 9.96 -11.09
CA ASP G 108 40.61 10.16 -11.00
C ASP G 108 41.28 8.92 -10.42
N GLY G 109 42.60 8.92 -10.36
CA GLY G 109 43.36 7.81 -9.77
C GLY G 109 44.84 8.15 -9.76
N ASP G 110 45.64 7.23 -9.23
CA ASP G 110 47.08 7.41 -9.20
C ASP G 110 47.62 7.32 -10.64
N LYS G 111 48.43 8.30 -11.05
CA LYS G 111 48.97 8.34 -12.41
C LYS G 111 49.72 7.05 -12.79
N ASP G 112 50.54 6.54 -11.88
CA ASP G 112 51.26 5.29 -12.14
C ASP G 112 50.33 4.09 -12.31
N TYR G 113 49.32 3.98 -11.45
CA TYR G 113 48.38 2.88 -11.57
C TYR G 113 47.61 2.97 -12.90
N LEU G 114 47.12 4.17 -13.20
CA LEU G 114 46.38 4.39 -14.45
C LEU G 114 47.25 4.07 -15.66
N SER G 115 48.53 4.42 -15.55
CA SER G 115 49.48 4.16 -16.61
C SER G 115 49.62 2.66 -16.87
N TRP G 116 49.75 1.88 -15.80
CA TRP G 116 49.83 0.42 -15.92
C TRP G 116 48.50 -0.15 -16.45
N LEU G 117 47.39 0.35 -15.93
CA LEU G 117 46.07 -0.13 -16.38
C LEU G 117 45.92 0.06 -17.89
N ASN G 118 46.18 1.28 -18.38
CA ASN G 118 46.09 1.55 -19.82
C ASN G 118 47.04 0.72 -20.68
N ALA G 119 48.30 0.64 -20.27
CA ALA G 119 49.30 -0.13 -21.03
C ALA G 119 48.97 -1.63 -21.11
N SER G 120 48.22 -2.12 -20.12
N SER G 120 48.23 -2.14 -20.13
CA SER G 120 47.85 -3.54 -20.06
CA SER G 120 47.88 -3.54 -20.10
C SER G 120 46.73 -3.91 -21.03
C SER G 120 46.79 -3.91 -21.12
N LEU G 121 46.01 -2.91 -21.54
CA LEU G 121 44.88 -3.16 -22.43
C LEU G 121 45.23 -3.29 -23.92
N LEU G 122 44.34 -4.00 -24.63
CA LEU G 122 44.47 -4.27 -26.05
C LEU G 122 44.70 -2.99 -26.85
N TYR H 18 27.72 16.14 -9.27
CA TYR H 18 27.55 15.16 -8.15
C TYR H 18 27.78 15.84 -6.77
N SER H 19 27.80 15.04 -5.71
CA SER H 19 28.09 15.55 -4.36
C SER H 19 29.61 15.60 -4.23
N ASN H 20 30.11 16.01 -3.07
CA ASN H 20 31.54 16.08 -2.91
C ASN H 20 32.18 14.84 -2.25
N ALA H 21 31.36 13.83 -1.95
CA ALA H 21 31.89 12.58 -1.39
C ALA H 21 32.53 11.75 -2.49
N ILE H 22 33.49 10.90 -2.13
CA ILE H 22 34.15 9.99 -3.07
C ILE H 22 34.38 8.63 -2.40
N VAL H 23 34.58 7.60 -3.21
CA VAL H 23 34.92 6.27 -2.69
C VAL H 23 36.14 5.83 -3.44
N VAL H 24 37.25 5.66 -2.73
CA VAL H 24 38.48 5.25 -3.36
C VAL H 24 38.70 3.76 -3.22
N LEU H 25 38.85 3.09 -4.35
CA LEU H 25 39.13 1.67 -4.36
C LEU H 25 40.64 1.48 -4.30
N CYS H 26 41.05 0.51 -3.48
CA CYS H 26 42.46 0.16 -3.33
C CYS H 26 42.50 -1.29 -2.89
N THR H 27 43.58 -2.01 -3.18
CA THR H 27 43.70 -3.39 -2.68
C THR H 27 44.98 -3.51 -1.87
N ALA H 28 45.02 -4.48 -0.96
CA ALA H 28 46.19 -4.74 -0.13
C ALA H 28 46.46 -6.26 -0.13
N PRO H 29 47.71 -6.67 0.09
CA PRO H 29 48.02 -8.12 0.06
C PRO H 29 47.37 -8.96 1.19
N ASP H 30 47.10 -8.33 2.34
CA ASP H 30 46.52 -9.08 3.47
C ASP H 30 45.84 -8.14 4.44
N GLU H 31 45.09 -8.70 5.39
CA GLU H 31 44.36 -7.89 6.38
C GLU H 31 45.27 -7.05 7.27
N ALA H 32 46.43 -7.58 7.65
CA ALA H 32 47.37 -6.86 8.52
C ALA H 32 47.74 -5.51 7.90
N SER H 33 48.24 -5.54 6.67
CA SER H 33 48.66 -4.32 6.00
C SER H 33 47.49 -3.37 5.71
N ALA H 34 46.32 -3.94 5.36
CA ALA H 34 45.13 -3.13 5.08
C ALA H 34 44.66 -2.40 6.35
N GLN H 35 44.67 -3.09 7.47
CA GLN H 35 44.30 -2.46 8.74
C GLN H 35 45.29 -1.33 9.10
N ASN H 36 46.60 -1.61 8.95
CA ASN H 36 47.62 -0.62 9.26
C ASN H 36 47.44 0.64 8.42
N LEU H 37 47.24 0.46 7.11
CA LEU H 37 47.03 1.58 6.21
C LEU H 37 45.76 2.33 6.59
N ALA H 38 44.70 1.58 6.88
CA ALA H 38 43.42 2.20 7.27
C ALA H 38 43.60 3.08 8.52
N ALA H 39 44.25 2.52 9.54
CA ALA H 39 44.47 3.23 10.79
C ALA H 39 45.25 4.52 10.56
N GLN H 40 46.30 4.46 9.72
CA GLN H 40 47.12 5.62 9.41
C GLN H 40 46.32 6.72 8.69
N VAL H 41 45.60 6.33 7.64
CA VAL H 41 44.74 7.24 6.88
C VAL H 41 43.72 7.94 7.77
N LEU H 42 43.12 7.17 8.66
CA LEU H 42 42.12 7.70 9.58
C LEU H 42 42.74 8.66 10.61
N GLY H 43 43.92 8.31 11.12
CA GLY H 43 44.63 9.17 12.06
C GLY H 43 45.00 10.49 11.40
N GLU H 44 45.32 10.43 10.11
CA GLU H 44 45.66 11.64 9.33
C GLU H 44 44.38 12.39 8.89
N LYS H 45 43.20 11.85 9.23
N LYS H 45 43.21 11.84 9.22
CA LYS H 45 41.91 12.46 8.85
CA LYS H 45 41.90 12.43 8.85
C LYS H 45 41.78 12.67 7.34
C LYS H 45 41.76 12.65 7.34
N LEU H 46 42.18 11.66 6.57
CA LEU H 46 42.11 11.73 5.10
C LEU H 46 40.94 10.91 4.54
N ALA H 47 40.25 10.19 5.42
CA ALA H 47 39.04 9.46 5.06
C ALA H 47 38.18 9.42 6.32
N ALA H 48 36.87 9.27 6.14
CA ALA H 48 35.95 9.19 7.28
C ALA H 48 35.74 7.74 7.71
N CYS H 49 35.77 6.84 6.73
CA CYS H 49 35.57 5.42 7.00
C CYS H 49 36.34 4.58 6.00
N VAL H 50 36.94 3.50 6.45
CA VAL H 50 37.65 2.59 5.54
C VAL H 50 37.05 1.21 5.71
N THR H 51 36.53 0.64 4.63
CA THR H 51 35.93 -0.68 4.70
C THR H 51 36.82 -1.67 4.00
N LEU H 52 37.14 -2.76 4.69
CA LEU H 52 37.97 -3.86 4.17
C LEU H 52 37.11 -5.04 3.78
N LEU H 53 37.36 -5.60 2.59
CA LEU H 53 36.67 -6.80 2.11
C LEU H 53 37.75 -7.87 1.93
N PRO H 54 38.05 -8.63 2.99
CA PRO H 54 39.12 -9.63 2.88
C PRO H 54 38.72 -10.87 2.11
N GLY H 55 39.71 -11.71 1.84
CA GLY H 55 39.47 -12.97 1.15
C GLY H 55 39.09 -12.83 -0.31
N ALA H 56 39.40 -11.69 -0.89
CA ALA H 56 39.14 -11.48 -2.30
C ALA H 56 40.25 -12.16 -3.11
N THR H 57 39.99 -12.35 -4.40
CA THR H 57 40.96 -12.90 -5.33
C THR H 57 41.07 -11.94 -6.49
N SER H 58 42.28 -11.53 -6.84
CA SER H 58 42.50 -10.70 -8.01
C SER H 58 43.32 -11.45 -9.05
N LEU H 59 42.88 -11.34 -10.31
CA LEU H 59 43.62 -11.88 -11.45
C LEU H 59 44.09 -10.70 -12.31
N TYR H 60 45.31 -10.80 -12.83
CA TYR H 60 45.91 -9.72 -13.63
C TYR H 60 47.23 -10.23 -14.20
N TYR H 61 47.67 -9.61 -15.30
CA TYR H 61 48.97 -9.94 -15.84
C TYR H 61 50.02 -9.08 -15.17
N TRP H 62 51.15 -9.70 -14.82
CA TRP H 62 52.23 -8.98 -14.21
C TRP H 62 53.54 -9.53 -14.75
N GLU H 63 54.26 -8.69 -15.48
CA GLU H 63 55.50 -9.10 -16.12
C GLU H 63 55.26 -10.25 -17.10
N GLY H 64 54.15 -10.16 -17.82
CA GLY H 64 53.83 -11.15 -18.82
C GLY H 64 53.19 -12.44 -18.35
N LYS H 65 53.00 -12.58 -17.04
CA LYS H 65 52.38 -13.80 -16.49
C LYS H 65 51.05 -13.51 -15.84
N LEU H 66 50.11 -14.44 -16.02
CA LEU H 66 48.78 -14.33 -15.43
C LEU H 66 48.86 -14.78 -13.98
N GLU H 67 48.65 -13.83 -13.07
CA GLU H 67 48.69 -14.13 -11.65
C GLU H 67 47.29 -14.16 -11.08
N GLN H 68 47.12 -14.95 -10.02
CA GLN H 68 45.86 -15.06 -9.28
C GLN H 68 46.25 -15.05 -7.83
N GLU H 69 45.92 -13.97 -7.15
CA GLU H 69 46.34 -13.81 -5.75
C GLU H 69 45.23 -13.39 -4.85
N TYR H 70 45.34 -13.76 -3.58
CA TYR H 70 44.40 -13.31 -2.57
C TYR H 70 44.72 -11.87 -2.24
N GLU H 71 43.68 -11.07 -2.03
CA GLU H 71 43.86 -9.68 -1.67
C GLU H 71 42.73 -9.21 -0.79
N VAL H 72 42.92 -8.05 -0.17
CA VAL H 72 41.84 -7.40 0.56
C VAL H 72 41.43 -6.25 -0.35
N GLN H 73 40.14 -6.12 -0.63
CA GLN H 73 39.66 -4.97 -1.42
C GLN H 73 39.25 -3.89 -0.43
N LEU H 74 39.78 -2.70 -0.58
CA LEU H 74 39.41 -1.61 0.33
C LEU H 74 38.57 -0.52 -0.30
N LEU H 75 37.69 0.07 0.50
N LEU H 75 37.67 0.06 0.48
CA LEU H 75 36.85 1.19 0.09
CA LEU H 75 36.88 1.21 0.05
C LEU H 75 37.12 2.33 1.07
C LEU H 75 37.10 2.35 1.05
N PHE H 76 37.73 3.42 0.58
CA PHE H 76 37.99 4.58 1.42
C PHE H 76 36.87 5.58 1.13
N LYS H 77 36.11 5.93 2.17
CA LYS H 77 35.00 6.86 2.03
C LYS H 77 35.51 8.23 2.49
N SER H 78 35.58 9.18 1.55
CA SER H 78 36.15 10.50 1.80
C SER H 78 35.44 11.56 0.95
N ASN H 79 36.05 12.72 0.77
CA ASN H 79 35.45 13.76 -0.09
C ASN H 79 36.44 14.39 -1.04
N THR H 80 35.94 15.14 -2.02
CA THR H 80 36.79 15.75 -3.04
C THR H 80 37.86 16.68 -2.45
N ASP H 81 37.53 17.33 -1.32
CA ASP H 81 38.48 18.24 -0.66
C ASP H 81 39.73 17.55 -0.14
N HIS H 82 39.63 16.25 0.09
CA HIS H 82 40.75 15.47 0.64
C HIS H 82 41.24 14.42 -0.34
N GLN H 83 40.78 14.50 -1.58
CA GLN H 83 41.12 13.51 -2.60
C GLN H 83 42.61 13.38 -2.91
N GLN H 84 43.26 14.48 -3.24
CA GLN H 84 44.67 14.42 -3.62
C GLN H 84 45.54 13.98 -2.45
N ALA H 85 45.26 14.54 -1.27
CA ALA H 85 46.03 14.21 -0.06
C ALA H 85 45.88 12.73 0.27
N LEU H 86 44.68 12.19 0.08
CA LEU H 86 44.44 10.78 0.34
C LEU H 86 45.23 9.88 -0.62
N LEU H 87 45.13 10.17 -1.92
N LEU H 87 45.13 10.19 -1.92
CA LEU H 87 45.85 9.38 -2.93
CA LEU H 87 45.82 9.43 -2.97
C LEU H 87 47.34 9.41 -2.70
C LEU H 87 47.32 9.43 -2.74
N THR H 88 47.86 10.61 -2.43
CA THR H 88 49.30 10.79 -2.18
C THR H 88 49.72 10.00 -0.94
N TYR H 89 48.94 10.12 0.13
CA TYR H 89 49.27 9.41 1.36
C TYR H 89 49.30 7.88 1.14
N ILE H 90 48.24 7.32 0.56
CA ILE H 90 48.22 5.86 0.28
C ILE H 90 49.42 5.42 -0.54
N LYS H 91 49.69 6.14 -1.62
CA LYS H 91 50.81 5.82 -2.50
C LYS H 91 52.14 5.71 -1.71
N GLN H 92 52.31 6.58 -0.73
N GLN H 92 52.32 6.59 -0.73
CA GLN H 92 53.54 6.59 0.06
CA GLN H 92 53.53 6.63 0.07
C GLN H 92 53.54 5.62 1.26
C GLN H 92 53.49 5.75 1.34
N HIS H 93 52.39 5.03 1.57
CA HIS H 93 52.28 4.14 2.75
C HIS H 93 51.62 2.79 2.40
N HIS H 94 52.02 2.21 1.28
CA HIS H 94 51.42 0.96 0.81
C HIS H 94 52.49 -0.08 0.60
N PRO H 95 52.17 -1.35 0.86
CA PRO H 95 53.13 -2.44 0.63
C PRO H 95 53.52 -2.53 -0.86
N TYR H 96 52.58 -2.22 -1.76
CA TYR H 96 52.89 -2.29 -3.18
C TYR H 96 53.53 -1.01 -3.67
N GLN H 97 54.36 -1.12 -4.69
N GLN H 97 54.38 -1.12 -4.68
CA GLN H 97 55.02 0.02 -5.28
CA GLN H 97 55.02 0.04 -5.31
C GLN H 97 54.01 0.79 -6.15
C GLN H 97 54.03 0.80 -6.18
N THR H 98 53.12 0.04 -6.81
CA THR H 98 52.08 0.63 -7.69
C THR H 98 50.67 0.14 -7.28
N PRO H 99 50.15 0.64 -6.14
CA PRO H 99 48.85 0.18 -5.68
C PRO H 99 47.70 0.70 -6.51
N GLU H 100 46.62 -0.08 -6.52
CA GLU H 100 45.39 0.30 -7.17
C GLU H 100 44.83 1.51 -6.43
N LEU H 101 44.50 2.56 -7.17
CA LEU H 101 43.95 3.79 -6.58
C LEU H 101 43.00 4.41 -7.60
N LEU H 102 41.70 4.18 -7.40
CA LEU H 102 40.66 4.61 -8.34
C LEU H 102 39.61 5.35 -7.55
N VAL H 103 39.38 6.61 -7.91
CA VAL H 103 38.40 7.42 -7.23
C VAL H 103 37.05 7.32 -7.94
N LEU H 104 36.04 6.81 -7.22
CA LEU H 104 34.69 6.73 -7.75
C LEU H 104 33.92 7.96 -7.29
N PRO H 105 33.25 8.66 -8.23
CA PRO H 105 32.46 9.83 -7.84
C PRO H 105 31.17 9.38 -7.14
N VAL H 106 30.66 10.22 -6.25
CA VAL H 106 29.42 9.96 -5.55
C VAL H 106 28.40 11.01 -5.99
N ARG H 107 27.31 10.54 -6.59
N ARG H 107 27.32 10.54 -6.61
CA ARG H 107 26.25 11.39 -7.13
CA ARG H 107 26.24 11.39 -7.14
C ARG H 107 25.49 12.14 -6.03
C ARG H 107 25.45 12.12 -6.05
N ASP H 108 25.12 11.41 -4.97
CA ASP H 108 24.33 11.97 -3.90
C ASP H 108 24.47 11.05 -2.70
N GLY H 109 23.81 11.43 -1.61
CA GLY H 109 23.86 10.61 -0.39
C GLY H 109 22.92 11.17 0.65
N ASP H 110 22.76 10.43 1.75
CA ASP H 110 21.96 10.90 2.83
C ASP H 110 22.63 12.13 3.43
N LYS H 111 21.85 13.19 3.66
CA LYS H 111 22.39 14.43 4.24
C LYS H 111 23.11 14.24 5.58
N ASP H 112 22.50 13.51 6.50
CA ASP H 112 23.11 13.29 7.81
C ASP H 112 24.43 12.56 7.70
N TYR H 113 24.50 11.57 6.80
CA TYR H 113 25.73 10.81 6.60
C TYR H 113 26.83 11.66 5.96
N LEU H 114 26.46 12.41 4.91
CA LEU H 114 27.42 13.29 4.24
C LEU H 114 27.97 14.33 5.23
N SER H 115 27.11 14.82 6.11
CA SER H 115 27.49 15.79 7.11
C SER H 115 28.51 15.18 8.09
N TRP H 116 28.25 13.96 8.55
CA TRP H 116 29.18 13.28 9.45
C TRP H 116 30.50 13.06 8.71
N LEU H 117 30.41 12.58 7.47
CA LEU H 117 31.60 12.33 6.67
C LEU H 117 32.44 13.60 6.52
N ASN H 118 31.80 14.72 6.12
CA ASN H 118 32.53 15.98 5.96
C ASN H 118 33.13 16.47 7.27
N ALA H 119 32.39 16.38 8.36
CA ALA H 119 32.88 16.83 9.67
C ALA H 119 34.07 16.00 10.23
N SER H 120 34.20 14.76 9.76
N SER H 120 34.22 14.78 9.77
CA SER H 120 35.28 13.88 10.21
CA SER H 120 35.31 13.93 10.26
C SER H 120 36.64 14.17 9.56
C SER H 120 36.66 14.22 9.60
N LEU H 121 36.62 14.90 8.46
CA LEU H 121 37.84 15.18 7.70
C LEU H 121 38.71 16.38 8.14
N LEU H 122 40.01 16.27 7.84
CA LEU H 122 41.01 17.31 8.19
C LEU H 122 40.59 18.72 7.84
N TYR I 18 25.98 8.66 -19.70
CA TYR I 18 25.56 8.21 -18.33
C TYR I 18 24.13 7.68 -18.30
N SER I 19 23.98 6.39 -17.98
CA SER I 19 22.66 5.76 -17.89
C SER I 19 21.93 6.26 -16.65
N ASN I 20 20.74 5.76 -16.39
CA ASN I 20 20.02 6.19 -15.23
C ASN I 20 20.12 5.22 -14.03
N ALA I 21 20.87 4.12 -14.20
CA ALA I 21 21.07 3.17 -13.10
C ALA I 21 21.99 3.77 -12.02
N ILE I 22 21.85 3.29 -10.80
CA ILE I 22 22.71 3.73 -9.70
C ILE I 22 23.04 2.51 -8.83
N VAL I 23 24.10 2.64 -8.05
CA VAL I 23 24.47 1.62 -7.07
C VAL I 23 24.64 2.37 -5.77
N VAL I 24 23.81 2.04 -4.79
CA VAL I 24 23.87 2.72 -3.52
C VAL I 24 24.64 1.86 -2.51
N LEU I 25 25.68 2.45 -1.93
CA LEU I 25 26.47 1.76 -0.90
C LEU I 25 25.87 2.05 0.46
N CYS I 26 25.84 1.02 1.30
CA CYS I 26 25.29 1.09 2.65
C CYS I 26 25.92 -0.07 3.45
N THR I 27 26.09 0.10 4.76
CA THR I 27 26.60 -1.03 5.58
C THR I 27 25.60 -1.36 6.68
N ALA I 28 25.63 -2.60 7.16
CA ALA I 28 24.75 -3.05 8.23
C ALA I 28 25.61 -3.77 9.27
N PRO I 29 25.16 -3.83 10.54
CA PRO I 29 26.00 -4.46 11.54
C PRO I 29 26.18 -5.96 11.38
N ASP I 30 25.22 -6.62 10.72
CA ASP I 30 25.26 -8.08 10.58
C ASP I 30 24.37 -8.58 9.45
N GLU I 31 24.53 -9.85 9.10
CA GLU I 31 23.76 -10.45 8.00
C GLU I 31 22.27 -10.46 8.23
N ALA I 32 21.84 -10.75 9.46
CA ALA I 32 20.40 -10.76 9.75
C ALA I 32 19.74 -9.42 9.39
N SER I 33 20.30 -8.31 9.88
CA SER I 33 19.71 -6.99 9.60
C SER I 33 19.89 -6.57 8.15
N ALA I 34 20.99 -6.99 7.52
CA ALA I 34 21.21 -6.65 6.11
C ALA I 34 20.14 -7.33 5.24
N GLN I 35 19.83 -8.58 5.56
CA GLN I 35 18.82 -9.37 4.82
C GLN I 35 17.42 -8.81 5.02
N ASN I 36 17.08 -8.49 6.27
CA ASN I 36 15.79 -7.92 6.56
C ASN I 36 15.58 -6.62 5.78
N LEU I 37 16.58 -5.76 5.78
CA LEU I 37 16.51 -4.49 5.06
C LEU I 37 16.37 -4.72 3.55
N ALA I 38 17.17 -5.63 3.01
CA ALA I 38 17.12 -5.97 1.59
C ALA I 38 15.73 -6.46 1.20
N ALA I 39 15.20 -7.41 1.97
CA ALA I 39 13.88 -7.97 1.68
C ALA I 39 12.80 -6.86 1.68
N GLN I 40 12.90 -5.95 2.64
CA GLN I 40 11.92 -4.85 2.75
C GLN I 40 11.99 -3.90 1.57
N VAL I 41 13.20 -3.49 1.22
CA VAL I 41 13.44 -2.62 0.05
C VAL I 41 12.94 -3.29 -1.25
N LEU I 42 13.21 -4.59 -1.40
CA LEU I 42 12.76 -5.32 -2.60
C LEU I 42 11.24 -5.44 -2.68
N GLY I 43 10.60 -5.67 -1.53
CA GLY I 43 9.14 -5.74 -1.47
C GLY I 43 8.53 -4.39 -1.84
N GLU I 44 9.20 -3.29 -1.47
CA GLU I 44 8.71 -1.93 -1.79
C GLU I 44 9.03 -1.56 -3.25
N LYS I 45 9.76 -2.47 -3.92
CA LYS I 45 10.21 -2.29 -5.30
C LYS I 45 11.05 -1.03 -5.46
N LEU I 46 11.91 -0.76 -4.48
CA LEU I 46 12.76 0.43 -4.53
C LEU I 46 14.19 0.14 -5.00
N ALA I 47 14.48 -1.13 -5.25
CA ALA I 47 15.75 -1.59 -5.82
C ALA I 47 15.44 -2.86 -6.58
N ALA I 48 16.25 -3.18 -7.60
CA ALA I 48 16.06 -4.41 -8.38
C ALA I 48 16.81 -5.59 -7.78
N CYS I 49 18.00 -5.32 -7.22
CA CYS I 49 18.83 -6.36 -6.67
C CYS I 49 19.65 -5.75 -5.54
N VAL I 50 19.79 -6.48 -4.45
CA VAL I 50 20.61 -6.04 -3.33
C VAL I 50 21.66 -7.12 -3.06
N THR I 51 22.93 -6.73 -3.12
CA THR I 51 24.05 -7.65 -2.91
C THR I 51 24.71 -7.35 -1.59
N LEU I 52 24.89 -8.39 -0.77
CA LEU I 52 25.50 -8.29 0.55
C LEU I 52 26.91 -8.89 0.56
N LEU I 53 27.86 -8.17 1.14
CA LEU I 53 29.24 -8.62 1.25
C LEU I 53 29.54 -8.71 2.73
N PRO I 54 29.26 -9.88 3.33
CA PRO I 54 29.46 -10.02 4.77
C PRO I 54 30.92 -10.25 5.16
N GLY I 55 31.20 -10.16 6.45
CA GLY I 55 32.55 -10.41 6.98
C GLY I 55 33.51 -9.27 6.71
N ALA I 56 32.96 -8.11 6.38
CA ALA I 56 33.78 -6.94 6.14
C ALA I 56 34.17 -6.34 7.48
N THR I 57 35.22 -5.50 7.44
CA THR I 57 35.68 -4.77 8.59
C THR I 57 35.70 -3.28 8.22
N SER I 58 35.06 -2.44 9.05
CA SER I 58 35.10 -1.01 8.84
C SER I 58 35.83 -0.34 9.99
N LEU I 59 36.76 0.55 9.64
CA LEU I 59 37.47 1.36 10.62
C LEU I 59 37.03 2.82 10.42
N TYR I 60 36.79 3.51 11.53
CA TYR I 60 36.33 4.88 11.48
C TYR I 60 36.43 5.47 12.89
N TYR I 61 36.45 6.79 12.97
CA TYR I 61 36.41 7.44 14.29
C TYR I 61 34.97 7.69 14.65
N TRP I 62 34.61 7.34 15.87
CA TRP I 62 33.27 7.58 16.33
C TRP I 62 33.36 8.21 17.69
N GLU I 63 32.94 9.47 17.77
CA GLU I 63 32.99 10.23 19.02
C GLU I 63 34.41 10.27 19.60
N GLY I 64 35.36 10.57 18.71
CA GLY I 64 36.75 10.69 19.11
C GLY I 64 37.54 9.41 19.35
N LYS I 65 36.94 8.27 19.06
N LYS I 65 36.93 8.25 19.09
CA LYS I 65 37.60 6.99 19.29
CA LYS I 65 37.61 6.98 19.29
C LYS I 65 37.66 6.15 18.01
C LYS I 65 37.67 6.17 18.01
N LEU I 66 38.82 5.56 17.75
CA LEU I 66 39.01 4.74 16.56
C LEU I 66 38.39 3.37 16.75
N GLU I 67 37.31 3.13 16.01
CA GLU I 67 36.60 1.87 16.09
C GLU I 67 37.00 0.97 14.92
N GLN I 68 36.92 -0.33 15.17
CA GLN I 68 37.20 -1.34 14.14
C GLN I 68 36.13 -2.38 14.35
N GLU I 69 35.13 -2.38 13.47
CA GLU I 69 33.97 -3.25 13.62
C GLU I 69 33.65 -4.09 12.39
N TYR I 70 33.08 -5.28 12.62
CA TYR I 70 32.62 -6.11 11.54
C TYR I 70 31.30 -5.53 11.01
N GLU I 71 31.16 -5.54 9.69
CA GLU I 71 29.96 -5.05 9.03
C GLU I 71 29.72 -5.84 7.76
N VAL I 72 28.52 -5.64 7.20
CA VAL I 72 28.18 -6.21 5.92
C VAL I 72 28.16 -4.99 4.97
N GLN I 73 28.84 -5.08 3.84
CA GLN I 73 28.80 -4.00 2.87
C GLN I 73 27.68 -4.30 1.89
N LEU I 74 26.70 -3.40 1.78
CA LEU I 74 25.60 -3.62 0.83
C LEU I 74 25.68 -2.78 -0.45
N LEU I 75 25.25 -3.37 -1.57
N LEU I 75 25.22 -3.38 -1.55
CA LEU I 75 25.15 -2.66 -2.85
CA LEU I 75 25.15 -2.72 -2.84
C LEU I 75 23.71 -2.76 -3.37
C LEU I 75 23.68 -2.79 -3.31
N PHE I 76 22.99 -1.65 -3.33
CA PHE I 76 21.59 -1.59 -3.83
C PHE I 76 21.65 -1.15 -5.29
N LYS I 77 21.15 -2.00 -6.19
CA LYS I 77 21.15 -1.70 -7.61
C LYS I 77 19.75 -1.18 -7.97
N SER I 78 19.68 0.09 -8.33
CA SER I 78 18.39 0.74 -8.61
C SER I 78 18.59 1.74 -9.74
N ASN I 79 17.69 2.73 -9.85
CA ASN I 79 17.83 3.80 -10.86
C ASN I 79 17.53 5.18 -10.26
N THR I 80 17.85 6.24 -11.01
CA THR I 80 17.65 7.61 -10.52
C THR I 80 16.18 7.92 -10.25
N ASP I 81 15.27 7.34 -11.04
CA ASP I 81 13.84 7.53 -10.82
C ASP I 81 13.38 7.11 -9.41
N HIS I 82 14.09 6.15 -8.80
CA HIS I 82 13.71 5.66 -7.46
C HIS I 82 14.74 5.97 -6.39
N GLN I 83 15.69 6.83 -6.73
CA GLN I 83 16.76 7.20 -5.81
C GLN I 83 16.31 7.83 -4.49
N GLN I 84 15.45 8.84 -4.56
N GLN I 84 15.45 8.84 -4.56
CA GLN I 84 15.02 9.54 -3.33
CA GLN I 84 15.00 9.54 -3.34
C GLN I 84 14.20 8.66 -2.41
C GLN I 84 14.21 8.65 -2.42
N ALA I 85 13.29 7.89 -2.99
CA ALA I 85 12.45 6.96 -2.21
C ALA I 85 13.32 5.89 -1.58
N LEU I 86 14.29 5.38 -2.36
CA LEU I 86 15.20 4.35 -1.83
C LEU I 86 16.02 4.89 -0.65
N LEU I 87 16.63 6.06 -0.83
CA LEU I 87 17.41 6.64 0.26
C LEU I 87 16.59 6.89 1.51
N THR I 88 15.37 7.42 1.32
CA THR I 88 14.50 7.73 2.46
C THR I 88 14.06 6.46 3.18
N TYR I 89 13.70 5.44 2.40
CA TYR I 89 13.27 4.18 2.99
C TYR I 89 14.38 3.55 3.85
N ILE I 90 15.58 3.44 3.29
CA ILE I 90 16.70 2.85 4.05
C ILE I 90 16.95 3.65 5.33
N LYS I 91 16.99 4.97 5.20
CA LYS I 91 17.19 5.86 6.37
C LYS I 91 16.19 5.54 7.49
N GLN I 92 14.92 5.32 7.11
CA GLN I 92 13.86 5.01 8.08
C GLN I 92 13.82 3.55 8.56
N HIS I 93 14.52 2.63 7.88
CA HIS I 93 14.46 1.21 8.26
C HIS I 93 15.83 0.59 8.53
N HIS I 94 16.73 1.37 9.09
CA HIS I 94 18.06 0.89 9.32
C HIS I 94 18.34 0.78 10.81
N PRO I 95 19.15 -0.21 11.22
CA PRO I 95 19.49 -0.31 12.66
C PRO I 95 20.32 0.89 13.16
N TYR I 96 21.10 1.51 12.28
CA TYR I 96 21.90 2.66 12.69
C TYR I 96 21.09 3.94 12.60
N GLN I 97 21.42 4.91 13.43
N GLN I 97 21.42 4.91 13.44
CA GLN I 97 20.72 6.18 13.38
CA GLN I 97 20.76 6.21 13.42
C GLN I 97 21.22 6.96 12.16
C GLN I 97 21.23 6.98 12.19
N THR I 98 22.51 6.86 11.87
CA THR I 98 23.12 7.55 10.71
C THR I 98 23.82 6.54 9.82
N PRO I 99 23.06 5.81 8.99
CA PRO I 99 23.68 4.81 8.12
C PRO I 99 24.41 5.42 6.91
N GLU I 100 25.39 4.68 6.41
CA GLU I 100 26.10 5.04 5.21
C GLU I 100 25.12 4.91 4.04
N LEU I 101 25.03 5.95 3.23
CA LEU I 101 24.16 5.97 2.05
C LEU I 101 24.85 6.85 1.02
N LEU I 102 25.49 6.21 0.04
CA LEU I 102 26.26 6.89 -0.99
C LEU I 102 25.82 6.38 -2.33
N VAL I 103 25.38 7.29 -3.21
CA VAL I 103 24.91 6.88 -4.52
C VAL I 103 26.00 7.01 -5.55
N LEU I 104 26.38 5.87 -6.14
CA LEU I 104 27.37 5.84 -7.19
C LEU I 104 26.64 5.90 -8.53
N PRO I 105 27.06 6.81 -9.42
CA PRO I 105 26.42 6.86 -10.74
C PRO I 105 26.90 5.72 -11.62
N VAL I 106 26.04 5.26 -12.53
CA VAL I 106 26.38 4.23 -13.51
C VAL I 106 26.42 4.92 -14.87
N ARG I 107 27.57 4.83 -15.52
N ARG I 107 27.56 4.84 -15.55
CA ARG I 107 27.83 5.44 -16.81
CA ARG I 107 27.71 5.51 -16.83
C ARG I 107 27.09 4.71 -17.94
C ARG I 107 27.10 4.71 -17.99
N ASP I 108 26.99 3.39 -17.82
CA ASP I 108 26.40 2.54 -18.86
C ASP I 108 26.24 1.10 -18.34
N GLY I 109 25.57 0.24 -19.10
CA GLY I 109 25.40 -1.15 -18.73
C GLY I 109 24.79 -1.96 -19.86
N ASP I 110 24.69 -3.26 -19.67
CA ASP I 110 24.08 -4.10 -20.68
C ASP I 110 22.62 -3.69 -20.81
N LYS I 111 22.15 -3.56 -22.04
CA LYS I 111 20.78 -3.14 -22.34
C LYS I 111 19.73 -4.07 -21.74
N ASP I 112 19.96 -5.37 -21.89
CA ASP I 112 19.06 -6.39 -21.37
C ASP I 112 19.01 -6.36 -19.86
N TYR I 113 20.17 -6.17 -19.23
CA TYR I 113 20.20 -6.09 -17.77
C TYR I 113 19.48 -4.83 -17.28
N LEU I 114 19.77 -3.69 -17.94
CA LEU I 114 19.13 -2.42 -17.58
C LEU I 114 17.62 -2.46 -17.81
N SER I 115 17.20 -3.17 -18.85
N SER I 115 17.18 -3.18 -18.85
CA SER I 115 15.77 -3.35 -19.13
CA SER I 115 15.74 -3.33 -19.11
C SER I 115 15.10 -4.08 -17.96
C SER I 115 15.09 -4.08 -17.95
N TRP I 116 15.73 -5.16 -17.50
CA TRP I 116 15.22 -5.93 -16.38
C TRP I 116 15.19 -5.09 -15.10
N LEU I 117 16.26 -4.35 -14.86
CA LEU I 117 16.37 -3.52 -13.68
C LEU I 117 15.29 -2.44 -13.64
N ASN I 118 15.13 -1.70 -14.73
CA ASN I 118 14.13 -0.65 -14.79
C ASN I 118 12.70 -1.20 -14.62
N ALA I 119 12.43 -2.36 -15.23
CA ALA I 119 11.09 -2.98 -15.16
C ALA I 119 10.71 -3.55 -13.78
N SER I 120 11.69 -3.81 -12.93
N SER I 120 11.73 -3.80 -12.95
CA SER I 120 11.40 -4.39 -11.60
CA SER I 120 11.53 -4.38 -11.60
C SER I 120 10.94 -3.31 -10.61
C SER I 120 11.16 -3.33 -10.54
N LEU I 121 11.24 -2.06 -10.90
CA LEU I 121 10.98 -0.96 -9.97
C LEU I 121 9.54 -0.40 -9.98
N LEU I 122 9.16 0.22 -8.86
CA LEU I 122 7.82 0.78 -8.67
C LEU I 122 7.39 1.76 -9.81
N TYR J 18 -14.96 -12.96 20.85
CA TYR J 18 -13.47 -12.97 21.01
C TYR J 18 -12.87 -11.57 20.97
N SER J 19 -11.58 -11.47 21.28
CA SER J 19 -10.87 -10.19 21.22
C SER J 19 -10.56 -9.96 19.75
N ASN J 20 -9.97 -8.82 19.43
CA ASN J 20 -9.66 -8.53 18.05
C ASN J 20 -8.30 -9.10 17.60
N ALA J 21 -7.56 -9.69 18.54
CA ALA J 21 -6.27 -10.31 18.19
C ALA J 21 -6.46 -11.62 17.42
N ILE J 22 -5.50 -11.94 16.54
CA ILE J 22 -5.50 -13.18 15.78
C ILE J 22 -4.06 -13.73 15.68
N VAL J 23 -3.95 -15.03 15.40
CA VAL J 23 -2.67 -15.65 15.15
C VAL J 23 -2.80 -16.41 13.85
N VAL J 24 -2.03 -16.02 12.84
CA VAL J 24 -2.12 -16.67 11.55
C VAL J 24 -0.97 -17.67 11.39
N LEU J 25 -1.33 -18.92 11.09
CA LEU J 25 -0.36 -19.99 10.89
C LEU J 25 0.00 -20.03 9.41
N CYS J 26 1.28 -20.17 9.15
CA CYS J 26 1.80 -20.24 7.79
C CYS J 26 3.08 -21.06 7.87
N THR J 27 3.43 -21.76 6.79
CA THR J 27 4.73 -22.47 6.76
C THR J 27 5.59 -21.98 5.58
N ALA J 28 6.92 -22.01 5.74
CA ALA J 28 7.86 -21.62 4.70
C ALA J 28 8.85 -22.78 4.51
N PRO J 29 9.45 -22.90 3.32
CA PRO J 29 10.35 -24.03 3.07
C PRO J 29 11.66 -23.95 3.87
N ASP J 30 12.07 -22.74 4.28
CA ASP J 30 13.33 -22.58 4.99
C ASP J 30 13.37 -21.27 5.79
N GLU J 31 14.42 -21.11 6.60
CA GLU J 31 14.56 -19.94 7.45
C GLU J 31 14.77 -18.65 6.69
N ALA J 32 15.54 -18.72 5.60
CA ALA J 32 15.79 -17.52 4.79
C ALA J 32 14.47 -16.92 4.28
N SER J 33 13.64 -17.74 3.65
CA SER J 33 12.39 -17.23 3.08
C SER J 33 11.41 -16.81 4.18
N ALA J 34 11.41 -17.55 5.29
CA ALA J 34 10.56 -17.20 6.44
C ALA J 34 10.95 -15.82 7.00
N GLN J 35 12.26 -15.59 7.13
CA GLN J 35 12.76 -14.30 7.65
C GLN J 35 12.44 -13.15 6.71
N ASN J 36 12.61 -13.39 5.41
CA ASN J 36 12.33 -12.36 4.41
C ASN J 36 10.86 -11.95 4.44
N LEU J 37 9.97 -12.93 4.47
CA LEU J 37 8.54 -12.70 4.53
C LEU J 37 8.17 -11.95 5.81
N ALA J 38 8.71 -12.40 6.95
CA ALA J 38 8.42 -11.76 8.24
C ALA J 38 8.81 -10.28 8.20
N ALA J 39 9.99 -10.01 7.67
CA ALA J 39 10.52 -8.67 7.62
C ALA J 39 9.63 -7.78 6.73
N GLN J 40 9.22 -8.31 5.60
CA GLN J 40 8.35 -7.59 4.66
C GLN J 40 7.00 -7.26 5.31
N VAL J 41 6.39 -8.25 5.95
CA VAL J 41 5.11 -8.08 6.64
C VAL J 41 5.21 -7.06 7.77
N LEU J 42 6.31 -7.10 8.53
CA LEU J 42 6.53 -6.15 9.63
C LEU J 42 6.76 -4.73 9.10
N GLY J 43 7.50 -4.63 7.99
CA GLY J 43 7.73 -3.32 7.38
C GLY J 43 6.41 -2.69 6.97
N GLU J 44 5.51 -3.51 6.43
CA GLU J 44 4.19 -3.06 6.01
C GLU J 44 3.24 -2.86 7.20
N LYS J 45 3.70 -3.21 8.40
CA LYS J 45 2.88 -3.05 9.62
C LYS J 45 1.59 -3.85 9.56
N LEU J 46 1.68 -5.06 9.02
CA LEU J 46 0.52 -5.93 8.89
C LEU J 46 0.48 -7.03 9.96
N ALA J 47 1.52 -7.07 10.79
CA ALA J 47 1.58 -7.95 11.96
C ALA J 47 2.44 -7.21 12.99
N ALA J 48 2.25 -7.53 14.27
CA ALA J 48 3.01 -6.90 15.33
C ALA J 48 4.25 -7.73 15.66
N CYS J 49 4.13 -9.04 15.49
CA CYS J 49 5.22 -9.94 15.82
C CYS J 49 5.10 -11.17 14.97
N VAL J 50 6.24 -11.66 14.48
CA VAL J 50 6.23 -12.88 13.68
C VAL J 50 7.19 -13.87 14.33
N THR J 51 6.66 -15.02 14.75
CA THR J 51 7.50 -16.04 15.40
C THR J 51 7.75 -17.23 14.47
N LEU J 52 9.02 -17.56 14.29
CA LEU J 52 9.47 -18.65 13.43
C LEU J 52 9.90 -19.85 14.25
N LEU J 53 9.37 -21.02 13.91
CA LEU J 53 9.68 -22.30 14.54
C LEU J 53 10.36 -23.18 13.47
N PRO J 54 11.67 -23.04 13.31
CA PRO J 54 12.37 -23.78 12.27
C PRO J 54 12.59 -25.25 12.61
N GLY J 55 12.97 -26.04 11.61
CA GLY J 55 13.26 -27.45 11.80
C GLY J 55 12.05 -28.34 11.98
N ALA J 56 10.90 -27.84 11.57
CA ALA J 56 9.68 -28.62 11.68
C ALA J 56 9.64 -29.60 10.52
N THR J 57 8.76 -30.59 10.63
CA THR J 57 8.56 -31.54 9.55
C THR J 57 7.07 -31.55 9.22
N SER J 58 6.75 -31.43 7.93
CA SER J 58 5.36 -31.51 7.50
C SER J 58 5.14 -32.71 6.60
N LEU J 59 4.07 -33.46 6.87
CA LEU J 59 3.68 -34.55 6.04
C LEU J 59 2.34 -34.20 5.42
N TYR J 60 2.17 -34.58 4.17
CA TYR J 60 0.95 -34.27 3.42
C TYR J 60 1.03 -34.93 2.08
N TYR J 61 -0.13 -35.12 1.46
CA TYR J 61 -0.19 -35.63 0.09
C TYR J 61 -0.15 -34.47 -0.88
N TRP J 62 0.68 -34.61 -1.92
CA TRP J 62 0.73 -33.60 -2.95
C TRP J 62 0.80 -34.32 -4.28
N GLU J 63 -0.17 -34.02 -5.14
CA GLU J 63 -0.23 -34.66 -6.45
C GLU J 63 -0.18 -36.20 -6.33
N GLY J 64 -0.90 -36.74 -5.34
CA GLY J 64 -1.01 -38.17 -5.16
C GLY J 64 0.07 -38.87 -4.38
N LYS J 65 1.16 -38.17 -4.04
CA LYS J 65 2.26 -38.81 -3.28
C LYS J 65 2.40 -38.25 -1.87
N LEU J 66 2.75 -39.11 -0.92
CA LEU J 66 2.97 -38.68 0.44
C LEU J 66 4.35 -38.03 0.54
N GLU J 67 4.38 -36.75 0.90
CA GLU J 67 5.64 -36.03 1.06
C GLU J 67 5.92 -35.83 2.54
N GLN J 68 7.21 -35.73 2.87
CA GLN J 68 7.66 -35.45 4.22
C GLN J 68 8.80 -34.46 4.02
N GLU J 69 8.54 -33.20 4.35
CA GLU J 69 9.51 -32.14 4.11
C GLU J 69 9.78 -31.27 5.31
N TYR J 70 10.99 -30.72 5.37
CA TYR J 70 11.32 -29.79 6.42
C TYR J 70 10.67 -28.45 6.12
N GLU J 71 10.16 -27.79 7.14
CA GLU J 71 9.55 -26.48 6.99
C GLU J 71 9.75 -25.68 8.25
N VAL J 72 9.51 -24.38 8.13
CA VAL J 72 9.49 -23.48 9.27
C VAL J 72 7.99 -23.19 9.50
N GLN J 73 7.52 -23.37 10.71
CA GLN J 73 6.16 -23.02 11.08
C GLN J 73 6.16 -21.58 11.58
N LEU J 74 5.38 -20.72 10.93
CA LEU J 74 5.29 -19.33 11.35
C LEU J 74 4.00 -18.99 12.07
N LEU J 75 4.11 -18.02 12.98
N LEU J 75 4.11 -18.05 13.01
CA LEU J 75 2.97 -17.52 13.73
CA LEU J 75 2.93 -17.53 13.73
C LEU J 75 2.98 -16.01 13.58
C LEU J 75 2.92 -16.01 13.64
N PHE J 76 1.98 -15.48 12.86
CA PHE J 76 1.85 -14.04 12.70
C PHE J 76 0.85 -13.54 13.74
N LYS J 77 1.30 -12.67 14.62
CA LYS J 77 0.43 -12.15 15.67
C LYS J 77 -0.04 -10.76 15.20
N SER J 78 -1.33 -10.64 14.93
CA SER J 78 -1.92 -9.41 14.37
C SER J 78 -3.34 -9.20 14.94
N ASN J 79 -4.15 -8.38 14.27
CA ASN J 79 -5.54 -8.19 14.73
C ASN J 79 -6.52 -8.24 13.56
N THR J 80 -7.80 -8.37 13.88
CA THR J 80 -8.85 -8.46 12.84
C THR J 80 -8.85 -7.28 11.86
N ASP J 81 -8.45 -6.09 12.32
CA ASP J 81 -8.36 -4.89 11.47
C ASP J 81 -7.34 -5.00 10.35
N HIS J 82 -6.40 -5.92 10.46
CA HIS J 82 -5.36 -6.08 9.45
C HIS J 82 -5.33 -7.48 8.90
N GLN J 83 -6.37 -8.24 9.19
CA GLN J 83 -6.45 -9.63 8.78
C GLN J 83 -6.40 -9.89 7.27
N GLN J 84 -7.31 -9.28 6.53
CA GLN J 84 -7.32 -9.52 5.08
C GLN J 84 -6.05 -8.98 4.40
N ALA J 85 -5.62 -7.80 4.82
CA ALA J 85 -4.42 -7.21 4.25
C ALA J 85 -3.21 -8.16 4.47
N LEU J 86 -3.12 -8.74 5.66
CA LEU J 86 -2.03 -9.68 5.98
C LEU J 86 -2.11 -10.91 5.07
N LEU J 87 -3.29 -11.52 4.99
N LEU J 87 -3.28 -11.56 5.00
CA LEU J 87 -3.50 -12.72 4.18
CA LEU J 87 -3.44 -12.74 4.16
C LEU J 87 -3.13 -12.46 2.72
C LEU J 87 -3.14 -12.48 2.69
N THR J 88 -3.60 -11.33 2.18
CA THR J 88 -3.32 -10.95 0.79
C THR J 88 -1.83 -10.69 0.59
N TYR J 89 -1.19 -10.00 1.54
CA TYR J 89 0.22 -9.72 1.40
C TYR J 89 1.05 -11.03 1.38
N ILE J 90 0.82 -11.91 2.34
CA ILE J 90 1.54 -13.19 2.39
C ILE J 90 1.32 -13.99 1.12
N LYS J 91 0.06 -14.12 0.73
CA LYS J 91 -0.30 -14.84 -0.49
C LYS J 91 0.51 -14.38 -1.73
N GLN J 92 0.77 -13.08 -1.81
N GLN J 92 0.77 -13.07 -1.81
CA GLN J 92 1.49 -12.53 -2.97
CA GLN J 92 1.49 -12.51 -2.95
C GLN J 92 3.01 -12.47 -2.77
C GLN J 92 3.00 -12.36 -2.73
N HIS J 93 3.49 -12.80 -1.57
CA HIS J 93 4.93 -12.71 -1.26
C HIS J 93 5.45 -13.99 -0.62
N HIS J 94 5.04 -15.12 -1.15
CA HIS J 94 5.43 -16.40 -0.56
C HIS J 94 6.09 -17.29 -1.61
N PRO J 95 7.11 -18.08 -1.20
CA PRO J 95 7.74 -19.01 -2.14
C PRO J 95 6.74 -19.99 -2.72
N TYR J 96 5.72 -20.36 -1.93
CA TYR J 96 4.75 -21.33 -2.44
C TYR J 96 3.64 -20.65 -3.19
N GLN J 97 3.02 -21.39 -4.11
N GLN J 97 3.02 -21.40 -4.12
CA GLN J 97 1.89 -20.89 -4.87
CA GLN J 97 1.89 -20.89 -4.87
C GLN J 97 0.65 -20.91 -3.97
C GLN J 97 0.64 -20.93 -3.98
N THR J 98 0.53 -21.98 -3.18
CA THR J 98 -0.61 -22.13 -2.28
C THR J 98 -0.11 -22.28 -0.84
N PRO J 99 0.32 -21.16 -0.23
CA PRO J 99 0.80 -21.30 1.14
C PRO J 99 -0.31 -21.57 2.15
N GLU J 100 0.06 -22.24 3.23
CA GLU J 100 -0.81 -22.45 4.37
C GLU J 100 -1.11 -21.08 4.98
N LEU J 101 -2.40 -20.78 5.18
CA LEU J 101 -2.81 -19.53 5.79
C LEU J 101 -4.07 -19.80 6.57
N LEU J 102 -3.93 -19.93 7.88
CA LEU J 102 -5.04 -20.25 8.78
C LEU J 102 -5.08 -19.26 9.91
N VAL J 103 -6.22 -18.59 10.06
CA VAL J 103 -6.38 -17.58 11.08
C VAL J 103 -7.02 -18.16 12.33
N LEU J 104 -6.29 -18.13 13.43
CA LEU J 104 -6.83 -18.64 14.71
C LEU J 104 -7.35 -17.43 15.47
N PRO J 105 -8.58 -17.55 16.02
CA PRO J 105 -9.16 -16.47 16.84
C PRO J 105 -8.49 -16.47 18.22
N VAL J 106 -8.46 -15.30 18.84
CA VAL J 106 -7.88 -15.15 20.16
C VAL J 106 -9.07 -14.72 21.02
N ARG J 107 -9.35 -15.46 22.09
CA ARG J 107 -10.52 -15.13 22.86
C ARG J 107 -10.25 -14.04 23.89
N ASP J 108 -8.99 -13.89 24.27
CA ASP J 108 -8.64 -12.89 25.27
C ASP J 108 -7.12 -12.79 25.33
N GLY J 109 -6.64 -11.75 25.99
CA GLY J 109 -5.21 -11.56 26.14
C GLY J 109 -4.89 -10.50 27.17
N ASP J 110 -3.62 -10.38 27.51
CA ASP J 110 -3.21 -9.35 28.45
C ASP J 110 -3.47 -7.96 27.86
N LYS J 111 -4.14 -7.09 28.64
CA LYS J 111 -4.46 -5.73 28.21
C LYS J 111 -3.26 -4.96 27.68
N ASP J 112 -2.16 -4.97 28.44
CA ASP J 112 -0.94 -4.26 28.02
C ASP J 112 -0.36 -4.83 26.72
N TYR J 113 -0.33 -6.15 26.59
CA TYR J 113 0.19 -6.75 25.37
C TYR J 113 -0.69 -6.41 24.17
N LEU J 114 -2.00 -6.53 24.35
CA LEU J 114 -2.96 -6.19 23.28
C LEU J 114 -2.83 -4.74 22.84
N SER J 115 -2.59 -3.84 23.80
N SER J 115 -2.59 -3.85 23.81
CA SER J 115 -2.41 -2.43 23.49
CA SER J 115 -2.40 -2.43 23.51
C SER J 115 -1.18 -2.24 22.61
C SER J 115 -1.19 -2.24 22.62
N TRP J 116 -0.08 -2.89 22.99
CA TRP J 116 1.14 -2.82 22.20
C TRP J 116 0.90 -3.39 20.80
N LEU J 117 0.25 -4.53 20.74
CA LEU J 117 -0.02 -5.17 19.45
C LEU J 117 -0.86 -4.24 18.53
N ASN J 118 -1.91 -3.67 19.08
CA ASN J 118 -2.78 -2.78 18.33
C ASN J 118 -2.05 -1.54 17.85
N ALA J 119 -1.22 -0.98 18.72
CA ALA J 119 -0.47 0.22 18.41
C ALA J 119 0.64 0.02 17.38
N SER J 120 1.06 -1.22 17.15
N SER J 120 1.06 -1.22 17.15
CA SER J 120 2.14 -1.53 16.21
CA SER J 120 2.14 -1.49 16.20
C SER J 120 1.65 -1.64 14.76
C SER J 120 1.66 -1.62 14.76
N LEU J 121 0.35 -1.77 14.59
CA LEU J 121 -0.22 -1.96 13.27
C LEU J 121 -0.52 -0.67 12.48
N LEU J 122 -0.63 -0.84 11.15
CA LEU J 122 -0.86 0.25 10.21
C LEU J 122 -2.10 1.10 10.53
N TYR K 18 -19.93 -24.45 31.04
CA TYR K 18 -19.40 -23.41 32.01
C TYR K 18 -17.89 -23.20 31.87
N SER K 19 -17.17 -24.26 31.51
CA SER K 19 -15.74 -24.19 31.35
C SER K 19 -15.26 -25.07 30.21
N ASN K 20 -14.22 -24.61 29.52
CA ASN K 20 -13.56 -25.43 28.52
C ASN K 20 -12.09 -25.07 28.40
N ALA K 21 -11.36 -25.90 27.69
CA ALA K 21 -9.92 -25.77 27.58
C ALA K 21 -9.52 -24.51 26.84
N ILE K 22 -8.31 -24.06 27.12
CA ILE K 22 -7.71 -22.91 26.45
C ILE K 22 -6.24 -23.22 26.27
N VAL K 23 -5.61 -22.56 25.31
CA VAL K 23 -4.17 -22.69 25.11
C VAL K 23 -3.64 -21.27 25.07
N VAL K 24 -2.82 -20.93 26.05
CA VAL K 24 -2.28 -19.57 26.12
C VAL K 24 -0.88 -19.52 25.51
N LEU K 25 -0.71 -18.61 24.54
CA LEU K 25 0.57 -18.40 23.92
C LEU K 25 1.32 -17.34 24.70
N CYS K 26 2.61 -17.58 24.91
CA CYS K 26 3.49 -16.69 25.63
C CYS K 26 4.89 -17.00 25.14
N THR K 27 5.79 -16.01 25.18
CA THR K 27 7.19 -16.28 24.79
C THR K 27 8.12 -15.86 25.91
N ALA K 28 9.29 -16.45 25.92
CA ALA K 28 10.28 -16.14 26.95
C ALA K 28 11.65 -15.98 26.28
N PRO K 29 12.57 -15.24 26.93
CA PRO K 29 13.86 -15.01 26.28
C PRO K 29 14.79 -16.24 26.14
N ASP K 30 14.65 -17.23 27.01
CA ASP K 30 15.53 -18.41 26.98
C ASP K 30 14.88 -19.59 27.69
N GLU K 31 15.49 -20.77 27.58
CA GLU K 31 14.92 -21.97 28.19
C GLU K 31 14.88 -21.92 29.71
N ALA K 32 15.91 -21.33 30.33
CA ALA K 32 15.97 -21.26 31.78
C ALA K 32 14.78 -20.50 32.36
N SER K 33 14.52 -19.30 31.84
CA SER K 33 13.38 -18.52 32.33
C SER K 33 12.06 -19.18 31.95
N ALA K 34 12.00 -19.84 30.78
CA ALA K 34 10.75 -20.51 30.37
C ALA K 34 10.41 -21.67 31.32
N GLN K 35 11.44 -22.44 31.69
CA GLN K 35 11.28 -23.58 32.59
C GLN K 35 10.92 -23.11 34.00
N ASN K 36 11.57 -22.04 34.46
CA ASN K 36 11.26 -21.50 35.79
C ASN K 36 9.82 -21.04 35.86
N LEU K 37 9.37 -20.35 34.81
CA LEU K 37 8.00 -19.84 34.77
C LEU K 37 7.02 -21.01 34.73
N ALA K 38 7.32 -22.01 33.90
CA ALA K 38 6.44 -23.17 33.77
C ALA K 38 6.30 -23.89 35.13
N ALA K 39 7.42 -24.17 35.77
CA ALA K 39 7.43 -24.84 37.08
C ALA K 39 6.59 -24.09 38.13
N GLN K 40 6.72 -22.76 38.15
CA GLN K 40 5.94 -21.94 39.09
C GLN K 40 4.45 -22.04 38.80
N VAL K 41 4.09 -21.87 37.54
CA VAL K 41 2.68 -21.97 37.13
C VAL K 41 2.08 -23.32 37.50
N LEU K 42 2.83 -24.38 37.26
CA LEU K 42 2.37 -25.75 37.55
C LEU K 42 2.27 -25.99 39.05
N GLY K 43 3.20 -25.43 39.81
CA GLY K 43 3.14 -25.55 41.26
C GLY K 43 1.87 -24.86 41.79
N GLU K 44 1.52 -23.72 41.19
CA GLU K 44 0.31 -22.97 41.58
C GLU K 44 -0.96 -23.65 41.06
N LYS K 45 -0.77 -24.67 40.22
CA LYS K 45 -1.87 -25.44 39.60
C LYS K 45 -2.76 -24.56 38.68
N LEU K 46 -2.13 -23.65 37.94
CA LEU K 46 -2.84 -22.74 37.06
C LEU K 46 -2.81 -23.15 35.58
N ALA K 47 -2.09 -24.24 35.31
CA ALA K 47 -2.05 -24.88 33.98
C ALA K 47 -1.86 -26.36 34.26
N ALA K 48 -2.28 -27.21 33.32
CA ALA K 48 -2.13 -28.65 33.45
C ALA K 48 -0.82 -29.12 32.82
N CYS K 49 -0.45 -28.49 31.71
CA CYS K 49 0.75 -28.83 30.98
C CYS K 49 1.27 -27.59 30.33
N VAL K 50 2.58 -27.40 30.38
CA VAL K 50 3.19 -26.27 29.72
C VAL K 50 4.23 -26.83 28.73
N THR K 51 4.03 -26.54 27.45
CA THR K 51 4.94 -27.01 26.40
C THR K 51 5.81 -25.86 25.92
N LEU K 52 7.12 -26.11 25.88
CA LEU K 52 8.11 -25.13 25.44
C LEU K 52 8.68 -25.54 24.08
N LEU K 53 8.75 -24.56 23.18
CA LEU K 53 9.31 -24.75 21.83
C LEU K 53 10.52 -23.83 21.75
N PRO K 54 11.70 -24.35 22.13
CA PRO K 54 12.90 -23.52 22.13
C PRO K 54 13.51 -23.29 20.75
N GLY K 55 14.45 -22.38 20.66
CA GLY K 55 15.15 -22.13 19.42
C GLY K 55 14.35 -21.37 18.38
N ALA K 56 13.24 -20.76 18.82
CA ALA K 56 12.40 -19.99 17.91
C ALA K 56 13.08 -18.64 17.64
N THR K 57 12.64 -17.98 16.57
CA THR K 57 13.08 -16.64 16.24
C THR K 57 11.86 -15.75 16.18
N SER K 58 11.87 -14.64 16.90
CA SER K 58 10.77 -13.67 16.81
C SER K 58 11.28 -12.39 16.16
N LEU K 59 10.51 -11.86 15.20
CA LEU K 59 10.81 -10.56 14.60
C LEU K 59 9.69 -9.61 14.95
N TYR K 60 10.04 -8.37 15.28
CA TYR K 60 9.07 -7.36 15.71
C TYR K 60 9.75 -5.99 15.79
N TYR K 61 8.96 -4.93 15.72
CA TYR K 61 9.49 -3.59 15.91
C TYR K 61 9.42 -3.26 17.37
N TRP K 62 10.50 -2.68 17.87
CA TRP K 62 10.53 -2.26 19.25
C TRP K 62 11.22 -0.92 19.27
N GLU K 63 10.51 0.10 19.76
N GLU K 63 10.51 0.10 19.76
CA GLU K 63 11.05 1.47 19.81
CA GLU K 63 11.03 1.48 19.81
C GLU K 63 11.59 1.91 18.45
C GLU K 63 11.56 1.94 18.46
N GLY K 64 10.82 1.63 17.40
CA GLY K 64 11.19 2.05 16.03
C GLY K 64 12.21 1.21 15.26
N LYS K 65 12.78 0.18 15.91
CA LYS K 65 13.77 -0.67 15.23
C LYS K 65 13.30 -2.12 15.08
N LEU K 66 13.57 -2.69 13.91
CA LEU K 66 13.22 -4.08 13.65
C LEU K 66 14.18 -5.03 14.37
N GLU K 67 13.67 -5.76 15.36
CA GLU K 67 14.48 -6.70 16.12
C GLU K 67 14.27 -8.11 15.63
N GLN K 68 15.31 -8.94 15.77
CA GLN K 68 15.23 -10.34 15.39
C GLN K 68 15.94 -11.08 16.52
N GLU K 69 15.18 -11.75 17.36
CA GLU K 69 15.73 -12.38 18.56
C GLU K 69 15.28 -13.82 18.77
N TYR K 70 16.12 -14.61 19.42
CA TYR K 70 15.78 -15.97 19.77
C TYR K 70 14.84 -15.94 20.93
N GLU K 71 13.81 -16.79 20.89
CA GLU K 71 12.86 -16.91 21.98
C GLU K 71 12.40 -18.34 22.11
N VAL K 72 11.73 -18.62 23.21
CA VAL K 72 11.08 -19.90 23.44
C VAL K 72 9.57 -19.58 23.33
N GLN K 73 8.86 -20.30 22.46
CA GLN K 73 7.42 -20.13 22.35
C GLN K 73 6.82 -21.12 23.35
N LEU K 74 5.97 -20.63 24.24
CA LEU K 74 5.32 -21.48 25.19
C LEU K 74 3.83 -21.64 24.92
N LEU K 75 3.31 -22.81 25.28
N LEU K 75 3.30 -22.82 25.24
CA LEU K 75 1.92 -23.15 25.15
CA LEU K 75 1.88 -23.12 25.15
C LEU K 75 1.43 -23.61 26.53
C LEU K 75 1.41 -23.61 26.51
N PHE K 76 0.62 -22.80 27.18
CA PHE K 76 0.05 -23.16 28.50
C PHE K 76 -1.32 -23.78 28.26
N LYS K 77 -1.44 -25.05 28.58
CA LYS K 77 -2.69 -25.75 28.38
C LYS K 77 -3.49 -25.72 29.69
N SER K 78 -4.64 -25.05 29.65
CA SER K 78 -5.43 -24.84 30.87
C SER K 78 -6.92 -24.79 30.52
N ASN K 79 -7.73 -24.19 31.38
CA ASN K 79 -9.17 -24.05 31.10
C ASN K 79 -9.66 -22.66 31.52
N THR K 80 -10.85 -22.27 31.04
CA THR K 80 -11.41 -20.94 31.31
C THR K 80 -11.62 -20.69 32.79
N ASP K 81 -11.89 -21.74 33.56
CA ASP K 81 -12.06 -21.63 35.01
C ASP K 81 -10.82 -21.06 35.70
N HIS K 82 -9.65 -21.21 35.08
CA HIS K 82 -8.37 -20.73 35.66
C HIS K 82 -7.67 -19.68 34.82
N GLN K 83 -8.37 -19.20 33.80
CA GLN K 83 -7.82 -18.24 32.86
C GLN K 83 -7.34 -16.93 33.51
N GLN K 84 -8.18 -16.33 34.36
CA GLN K 84 -7.84 -15.06 34.99
C GLN K 84 -6.62 -15.16 35.92
N ALA K 85 -6.61 -16.16 36.78
CA ALA K 85 -5.49 -16.35 37.69
C ALA K 85 -4.21 -16.66 36.91
N LEU K 86 -4.33 -17.50 35.89
CA LEU K 86 -3.16 -17.85 35.06
C LEU K 86 -2.56 -16.60 34.40
N LEU K 87 -3.41 -15.80 33.76
N LEU K 87 -3.38 -15.80 33.73
CA LEU K 87 -2.93 -14.59 33.10
CA LEU K 87 -2.86 -14.59 33.09
C LEU K 87 -2.29 -13.63 34.11
C LEU K 87 -2.28 -13.61 34.12
N THR K 88 -2.92 -13.48 35.28
CA THR K 88 -2.41 -12.57 36.31
C THR K 88 -1.07 -13.08 36.85
N TYR K 89 -0.99 -14.39 37.05
CA TYR K 89 0.22 -14.97 37.58
C TYR K 89 1.39 -14.78 36.61
N ILE K 90 1.19 -15.12 35.33
CA ILE K 90 2.27 -14.99 34.36
C ILE K 90 2.76 -13.56 34.25
N LYS K 91 1.82 -12.62 34.20
CA LYS K 91 2.14 -11.21 34.08
C LYS K 91 3.04 -10.74 35.23
N GLN K 92 2.82 -11.28 36.43
N GLN K 92 2.79 -11.31 36.42
CA GLN K 92 3.63 -10.87 37.58
CA GLN K 92 3.52 -10.96 37.65
C GLN K 92 4.94 -11.64 37.72
C GLN K 92 4.79 -11.79 37.88
N HIS K 93 5.08 -12.74 36.99
CA HIS K 93 6.28 -13.60 37.12
C HIS K 93 7.03 -13.86 35.80
N HIS K 94 7.09 -12.84 34.95
CA HIS K 94 7.73 -12.97 33.65
C HIS K 94 8.96 -12.06 33.53
N PRO K 95 10.01 -12.53 32.83
CA PRO K 95 11.18 -11.66 32.67
C PRO K 95 10.84 -10.36 31.92
N TYR K 96 9.82 -10.37 31.03
CA TYR K 96 9.46 -9.16 30.30
C TYR K 96 8.44 -8.33 31.06
N GLN K 97 8.46 -7.01 30.85
N GLN K 97 8.45 -7.01 30.83
CA GLN K 97 7.47 -6.13 31.46
CA GLN K 97 7.49 -6.11 31.46
C GLN K 97 6.11 -6.37 30.81
C GLN K 97 6.11 -6.26 30.80
N THR K 98 6.12 -6.53 29.49
CA THR K 98 4.90 -6.72 28.73
C THR K 98 4.97 -8.03 27.94
N PRO K 99 4.78 -9.17 28.63
CA PRO K 99 4.87 -10.43 27.89
C PRO K 99 3.69 -10.71 26.98
N GLU K 100 3.95 -11.50 25.95
CA GLU K 100 2.91 -11.98 25.07
C GLU K 100 1.99 -12.88 25.89
N LEU K 101 0.69 -12.61 25.82
CA LEU K 101 -0.31 -13.44 26.50
C LEU K 101 -1.53 -13.48 25.65
N LEU K 102 -1.68 -14.56 24.91
CA LEU K 102 -2.82 -14.69 23.98
C LEU K 102 -3.56 -15.97 24.27
N VAL K 103 -4.86 -15.86 24.57
CA VAL K 103 -5.63 -17.03 24.92
C VAL K 103 -6.35 -17.57 23.70
N LEU K 104 -5.99 -18.79 23.30
CA LEU K 104 -6.64 -19.42 22.17
C LEU K 104 -7.76 -20.29 22.72
N PRO K 105 -8.98 -20.18 22.15
CA PRO K 105 -10.08 -21.04 22.59
C PRO K 105 -9.95 -22.45 22.03
N VAL K 106 -10.44 -23.43 22.78
CA VAL K 106 -10.43 -24.80 22.33
C VAL K 106 -11.87 -25.19 22.07
N ARG K 107 -12.12 -25.65 20.86
N ARG K 107 -12.15 -25.64 20.86
CA ARG K 107 -13.44 -26.04 20.38
CA ARG K 107 -13.49 -26.03 20.46
C ARG K 107 -13.93 -27.40 20.88
C ARG K 107 -13.93 -27.36 21.05
N ASP K 108 -13.00 -28.32 21.12
CA ASP K 108 -13.32 -29.66 21.60
C ASP K 108 -12.04 -30.41 21.86
N GLY K 109 -12.15 -31.59 22.43
CA GLY K 109 -10.99 -32.43 22.70
C GLY K 109 -11.39 -33.81 23.15
N ASP K 110 -10.40 -34.67 23.34
CA ASP K 110 -10.66 -36.00 23.82
C ASP K 110 -11.21 -35.90 25.24
N LYS K 111 -12.29 -36.62 25.51
CA LYS K 111 -12.91 -36.62 26.86
C LYS K 111 -11.93 -37.01 27.98
N ASP K 112 -11.14 -38.06 27.77
CA ASP K 112 -10.19 -38.50 28.79
C ASP K 112 -9.08 -37.46 29.04
N TYR K 113 -8.58 -36.84 27.97
CA TYR K 113 -7.56 -35.82 28.13
C TYR K 113 -8.12 -34.60 28.85
N LEU K 114 -9.31 -34.15 28.43
CA LEU K 114 -9.96 -32.98 29.06
C LEU K 114 -10.24 -33.24 30.54
N SER K 115 -10.64 -34.48 30.87
CA SER K 115 -10.89 -34.85 32.24
C SER K 115 -9.59 -34.75 33.08
N TRP K 116 -8.47 -35.22 32.51
CA TRP K 116 -7.17 -35.09 33.20
C TRP K 116 -6.77 -33.61 33.36
N LEU K 117 -6.93 -32.84 32.29
CA LEU K 117 -6.60 -31.42 32.32
C LEU K 117 -7.39 -30.69 33.40
N ASN K 118 -8.70 -30.91 33.42
CA ASN K 118 -9.56 -30.25 34.41
C ASN K 118 -9.26 -30.64 35.84
N ALA K 119 -9.01 -31.93 36.07
CA ALA K 119 -8.72 -32.41 37.41
C ALA K 119 -7.36 -31.96 37.93
N SER K 120 -6.45 -31.61 37.02
N SER K 120 -6.44 -31.62 37.04
CA SER K 120 -5.10 -31.17 37.38
CA SER K 120 -5.11 -31.18 37.45
C SER K 120 -5.06 -29.74 37.92
C SER K 120 -5.12 -29.77 38.03
N LEU K 121 -6.13 -28.99 37.68
CA LEU K 121 -6.19 -27.59 38.10
C LEU K 121 -6.70 -27.31 39.53
N LEU K 122 -6.33 -26.14 40.04
CA LEU K 122 -6.69 -25.74 41.41
C LEU K 122 -8.20 -25.76 41.64
N TYR L 18 -16.87 -19.08 12.12
CA TYR L 18 -15.52 -19.40 11.55
C TYR L 18 -15.63 -19.97 10.14
N SER L 19 -14.52 -20.58 9.71
CA SER L 19 -14.47 -21.36 8.49
C SER L 19 -14.72 -22.75 9.07
N ASN L 20 -14.51 -23.80 8.30
CA ASN L 20 -14.69 -25.11 8.88
C ASN L 20 -13.36 -25.85 9.14
N ALA L 21 -12.23 -25.18 8.90
CA ALA L 21 -10.93 -25.80 9.17
C ALA L 21 -10.68 -25.86 10.66
N ILE L 22 -9.81 -26.77 11.08
CA ILE L 22 -9.44 -26.93 12.49
C ILE L 22 -7.96 -27.28 12.57
N VAL L 23 -7.35 -26.99 13.71
CA VAL L 23 -5.97 -27.39 13.95
C VAL L 23 -5.99 -28.18 15.26
N VAL L 24 -5.62 -29.45 15.19
CA VAL L 24 -5.66 -30.28 16.39
C VAL L 24 -4.25 -30.40 16.97
N LEU L 25 -4.11 -30.02 18.24
CA LEU L 25 -2.84 -30.14 18.93
C LEU L 25 -2.75 -31.51 19.57
N CYS L 26 -1.56 -32.09 19.49
CA CYS L 26 -1.29 -33.43 20.03
C CYS L 26 0.21 -33.50 20.26
N THR L 27 0.66 -34.30 21.24
CA THR L 27 2.11 -34.49 21.43
C THR L 27 2.46 -35.99 21.32
N ALA L 28 3.69 -36.26 20.96
CA ALA L 28 4.18 -37.62 20.86
C ALA L 28 5.53 -37.67 21.59
N PRO L 29 5.92 -38.86 22.10
CA PRO L 29 7.18 -38.96 22.84
C PRO L 29 8.44 -38.78 21.99
N ASP L 30 8.34 -39.03 20.68
CA ASP L 30 9.52 -38.94 19.81
C ASP L 30 9.13 -38.77 18.33
N GLU L 31 10.11 -38.47 17.49
CA GLU L 31 9.83 -38.27 16.08
C GLU L 31 9.30 -39.50 15.36
N ALA L 32 9.87 -40.67 15.68
CA ALA L 32 9.45 -41.93 15.05
C ALA L 32 7.96 -42.18 15.20
N SER L 33 7.47 -42.11 16.45
CA SER L 33 6.05 -42.32 16.72
C SER L 33 5.21 -41.21 16.10
N ALA L 34 5.72 -39.98 16.12
CA ALA L 34 4.99 -38.86 15.54
C ALA L 34 4.83 -39.02 14.01
N GLN L 35 5.93 -39.42 13.34
CA GLN L 35 5.86 -39.63 11.87
C GLN L 35 4.92 -40.78 11.49
N ASN L 36 5.01 -41.89 12.23
CA ASN L 36 4.16 -43.04 11.98
C ASN L 36 2.68 -42.67 12.11
N LEU L 37 2.35 -41.94 13.18
CA LEU L 37 0.97 -41.51 13.40
C LEU L 37 0.49 -40.57 12.28
N ALA L 38 1.35 -39.64 11.89
CA ALA L 38 1.01 -38.70 10.80
C ALA L 38 0.75 -39.45 9.50
N ALA L 39 1.64 -40.39 9.16
CA ALA L 39 1.49 -41.18 7.94
C ALA L 39 0.18 -41.93 7.93
N GLN L 40 -0.17 -42.52 9.06
CA GLN L 40 -1.44 -43.27 9.17
C GLN L 40 -2.67 -42.37 9.00
N VAL L 41 -2.66 -41.24 9.70
CA VAL L 41 -3.75 -40.28 9.62
C VAL L 41 -3.97 -39.78 8.19
N LEU L 42 -2.86 -39.48 7.51
CA LEU L 42 -2.91 -38.98 6.14
C LEU L 42 -3.40 -40.06 5.17
N GLY L 43 -2.94 -41.29 5.35
CA GLY L 43 -3.40 -42.40 4.50
C GLY L 43 -4.92 -42.61 4.65
N GLU L 44 -5.42 -42.39 5.86
CA GLU L 44 -6.85 -42.49 6.15
C GLU L 44 -7.57 -41.22 5.67
N LYS L 45 -6.80 -40.23 5.23
CA LYS L 45 -7.37 -38.97 4.74
C LYS L 45 -8.21 -38.29 5.84
N LEU L 46 -7.68 -38.30 7.06
CA LEU L 46 -8.37 -37.68 8.20
C LEU L 46 -7.78 -36.31 8.55
N ALA L 47 -6.67 -35.96 7.88
CA ALA L 47 -6.03 -34.65 8.00
C ALA L 47 -5.44 -34.35 6.64
N ALA L 48 -5.26 -33.07 6.31
CA ALA L 48 -4.68 -32.69 5.04
C ALA L 48 -3.16 -32.51 5.20
N CYS L 49 -2.75 -32.01 6.36
CA CYS L 49 -1.34 -31.77 6.63
C CYS L 49 -1.09 -31.98 8.11
N VAL L 50 0.04 -32.59 8.44
CA VAL L 50 0.42 -32.77 9.83
C VAL L 50 1.79 -32.20 9.99
N THR L 51 1.93 -31.25 10.91
CA THR L 51 3.22 -30.62 11.15
C THR L 51 3.75 -31.01 12.51
N LEU L 52 5.03 -31.45 12.51
CA LEU L 52 5.73 -31.90 13.70
C LEU L 52 6.76 -30.86 14.16
N LEU L 53 6.75 -30.55 15.47
CA LEU L 53 7.69 -29.61 16.06
C LEU L 53 8.50 -30.41 17.07
N PRO L 54 9.62 -30.99 16.63
CA PRO L 54 10.42 -31.83 17.51
C PRO L 54 11.25 -31.06 18.53
N GLY L 55 11.76 -31.77 19.53
CA GLY L 55 12.62 -31.16 20.54
C GLY L 55 11.93 -30.23 21.53
N ALA L 56 10.62 -30.38 21.65
CA ALA L 56 9.88 -29.57 22.59
C ALA L 56 10.08 -30.16 23.98
N THR L 57 9.82 -29.35 25.01
CA THR L 57 9.87 -29.81 26.38
C THR L 57 8.51 -29.56 26.98
N SER L 58 7.93 -30.58 27.60
CA SER L 58 6.65 -30.41 28.28
C SER L 58 6.85 -30.62 29.76
N LEU L 59 6.27 -29.72 30.57
CA LEU L 59 6.25 -29.87 32.04
C LEU L 59 4.79 -30.09 32.46
N TYR L 60 4.58 -30.98 33.44
CA TYR L 60 3.24 -31.30 33.92
C TYR L 60 3.39 -32.21 35.13
N TYR L 61 2.35 -32.24 35.95
CA TYR L 61 2.33 -33.17 37.08
C TYR L 61 1.70 -34.47 36.61
N TRP L 62 2.31 -35.60 36.96
CA TRP L 62 1.78 -36.91 36.60
C TRP L 62 1.93 -37.79 37.82
N GLU L 63 0.79 -38.21 38.38
CA GLU L 63 0.79 -39.02 39.61
C GLU L 63 1.52 -38.34 40.78
N GLY L 64 1.27 -37.05 40.94
CA GLY L 64 1.84 -36.27 42.03
C GLY L 64 3.25 -35.74 41.86
N LYS L 65 3.92 -36.09 40.76
CA LYS L 65 5.31 -35.63 40.53
C LYS L 65 5.43 -34.70 39.32
N LEU L 66 6.26 -33.68 39.44
CA LEU L 66 6.50 -32.74 38.34
C LEU L 66 7.49 -33.37 37.35
N GLU L 67 7.03 -33.63 36.14
CA GLU L 67 7.85 -34.20 35.10
C GLU L 67 8.25 -33.13 34.09
N GLN L 68 9.41 -33.32 33.48
CA GLN L 68 9.90 -32.44 32.43
C GLN L 68 10.44 -33.41 31.39
N GLU L 69 9.72 -33.54 30.28
CA GLU L 69 10.06 -34.53 29.26
C GLU L 69 10.11 -33.94 27.89
N TYR L 70 10.95 -34.52 27.05
CA TYR L 70 11.03 -34.09 25.65
C TYR L 70 9.86 -34.70 24.91
N GLU L 71 9.27 -33.91 24.03
CA GLU L 71 8.16 -34.36 23.21
C GLU L 71 8.21 -33.68 21.84
N VAL L 72 7.40 -34.21 20.94
CA VAL L 72 7.17 -33.61 19.63
C VAL L 72 5.77 -33.01 19.71
N GLN L 73 5.64 -31.71 19.43
CA GLN L 73 4.32 -31.07 19.39
C GLN L 73 3.77 -31.21 17.97
N LEU L 74 2.60 -31.83 17.83
CA LEU L 74 2.01 -31.97 16.51
C LEU L 74 0.82 -31.04 16.28
N LEU L 75 0.65 -30.66 15.01
N LEU L 75 0.64 -30.64 15.01
CA LEU L 75 -0.49 -29.85 14.58
CA LEU L 75 -0.52 -29.85 14.59
C LEU L 75 -1.13 -30.60 13.40
C LEU L 75 -1.16 -30.54 13.39
N PHE L 76 -2.36 -31.07 13.59
CA PHE L 76 -3.09 -31.73 12.50
C PHE L 76 -4.02 -30.70 11.91
N LYS L 77 -3.85 -30.42 10.62
CA LYS L 77 -4.67 -29.43 9.93
C LYS L 77 -5.74 -30.21 9.19
N SER L 78 -7.01 -29.98 9.57
CA SER L 78 -8.13 -30.76 9.03
C SER L 78 -9.37 -29.86 8.96
N ASN L 79 -10.57 -30.47 8.98
CA ASN L 79 -11.82 -29.68 9.03
C ASN L 79 -12.85 -30.31 9.98
N THR L 80 -13.92 -29.57 10.29
CA THR L 80 -14.94 -30.02 11.24
C THR L 80 -15.64 -31.32 10.83
N ASP L 81 -15.83 -31.52 9.52
CA ASP L 81 -16.46 -32.77 9.03
C ASP L 81 -15.69 -34.05 9.42
N HIS L 82 -14.38 -33.93 9.54
CA HIS L 82 -13.54 -35.08 9.86
C HIS L 82 -12.95 -35.03 11.28
N GLN L 83 -13.38 -34.04 12.06
CA GLN L 83 -12.89 -33.86 13.43
C GLN L 83 -13.05 -35.09 14.33
N GLN L 84 -14.27 -35.61 14.45
CA GLN L 84 -14.49 -36.75 15.34
C GLN L 84 -13.74 -38.01 14.89
N ALA L 85 -13.74 -38.25 13.59
CA ALA L 85 -13.01 -39.40 13.01
C ALA L 85 -11.52 -39.28 13.33
N LEU L 86 -10.99 -38.07 13.17
CA LEU L 86 -9.58 -37.82 13.44
C LEU L 86 -9.23 -38.06 14.92
N LEU L 87 -10.01 -37.46 15.82
N LEU L 87 -9.98 -37.46 15.84
CA LEU L 87 -9.78 -37.61 17.26
CA LEU L 87 -9.68 -37.66 17.27
C LEU L 87 -9.80 -39.08 17.68
C LEU L 87 -9.79 -39.11 17.68
N THR L 88 -10.80 -39.81 17.17
CA THR L 88 -10.96 -41.22 17.50
C THR L 88 -9.78 -42.03 16.95
N TYR L 89 -9.37 -41.74 15.71
CA TYR L 89 -8.24 -42.48 15.14
C TYR L 89 -6.97 -42.28 15.96
N ILE L 90 -6.63 -41.02 16.26
CA ILE L 90 -5.40 -40.72 17.02
C ILE L 90 -5.44 -41.41 18.39
N LYS L 91 -6.59 -41.31 19.07
CA LYS L 91 -6.77 -41.92 20.37
C LYS L 91 -6.46 -43.43 20.34
N GLN L 92 -6.88 -44.10 19.27
N GLN L 92 -6.89 -44.09 19.26
CA GLN L 92 -6.66 -45.54 19.15
CA GLN L 92 -6.71 -45.53 19.09
C GLN L 92 -5.29 -45.92 18.58
C GLN L 92 -5.35 -45.93 18.48
N HIS L 93 -4.58 -44.94 18.04
CA HIS L 93 -3.26 -45.19 17.42
C HIS L 93 -2.15 -44.31 17.97
N HIS L 94 -2.11 -44.14 19.29
CA HIS L 94 -1.12 -43.28 19.88
C HIS L 94 -0.33 -44.09 20.88
N PRO L 95 0.97 -43.77 21.04
CA PRO L 95 1.76 -44.49 22.04
C PRO L 95 1.26 -44.27 23.49
N TYR L 96 0.67 -43.10 23.76
CA TYR L 96 0.16 -42.81 25.09
C TYR L 96 -1.26 -43.31 25.25
N GLN L 97 -1.65 -43.62 26.48
N GLN L 97 -1.64 -43.63 26.49
CA GLN L 97 -3.00 -44.06 26.80
CA GLN L 97 -2.99 -44.06 26.82
C GLN L 97 -3.93 -42.85 26.73
C GLN L 97 -3.93 -42.86 26.76
N THR L 98 -3.46 -41.71 27.26
CA THR L 98 -4.27 -40.48 27.26
C THR L 98 -3.52 -39.36 26.52
N PRO L 99 -3.55 -39.38 25.17
CA PRO L 99 -2.83 -38.31 24.50
C PRO L 99 -3.55 -36.98 24.52
N GLU L 100 -2.76 -35.92 24.45
CA GLU L 100 -3.27 -34.57 24.30
C GLU L 100 -4.01 -34.49 22.98
N LEU L 101 -5.28 -34.07 23.02
CA LEU L 101 -6.07 -33.89 21.81
C LEU L 101 -6.96 -32.67 22.01
N LEU L 102 -6.48 -31.52 21.52
CA LEU L 102 -7.19 -30.25 21.67
C LEU L 102 -7.49 -29.65 20.30
N VAL L 103 -8.77 -29.41 20.03
CA VAL L 103 -9.17 -28.85 18.74
C VAL L 103 -9.27 -27.31 18.73
N LEU L 104 -8.40 -26.66 17.97
CA LEU L 104 -8.45 -25.21 17.82
C LEU L 104 -9.31 -24.87 16.62
N PRO L 105 -10.22 -23.90 16.78
CA PRO L 105 -11.04 -23.47 15.66
C PRO L 105 -10.25 -22.53 14.74
N VAL L 106 -10.64 -22.46 13.49
CA VAL L 106 -10.01 -21.56 12.53
C VAL L 106 -11.11 -20.61 12.05
N ARG L 107 -10.92 -19.31 12.23
CA ARG L 107 -11.96 -18.36 11.85
C ARG L 107 -11.95 -17.99 10.37
N ASP L 108 -10.78 -18.10 9.74
CA ASP L 108 -10.66 -17.72 8.33
C ASP L 108 -9.38 -18.31 7.75
N GLY L 109 -9.25 -18.27 6.43
CA GLY L 109 -8.06 -18.75 5.77
C GLY L 109 -8.05 -18.36 4.30
N ASP L 110 -6.90 -18.57 3.65
CA ASP L 110 -6.80 -18.31 2.23
C ASP L 110 -7.73 -19.30 1.52
N LYS L 111 -8.56 -18.80 0.63
CA LYS L 111 -9.52 -19.63 -0.11
C LYS L 111 -8.88 -20.80 -0.82
N ASP L 112 -7.76 -20.54 -1.51
CA ASP L 112 -7.07 -21.59 -2.26
C ASP L 112 -6.55 -22.69 -1.34
N TYR L 113 -5.98 -22.29 -0.21
CA TYR L 113 -5.47 -23.25 0.74
C TYR L 113 -6.61 -24.09 1.35
N LEU L 114 -7.70 -23.45 1.74
CA LEU L 114 -8.83 -24.18 2.31
C LEU L 114 -9.46 -25.14 1.30
N SER L 115 -9.45 -24.76 0.02
N SER L 115 -9.44 -24.77 0.03
CA SER L 115 -9.99 -25.62 -1.02
CA SER L 115 -9.99 -25.63 -1.03
C SER L 115 -9.13 -26.88 -1.12
C SER L 115 -9.14 -26.88 -1.18
N TRP L 116 -7.81 -26.72 -1.06
CA TRP L 116 -6.90 -27.86 -1.14
C TRP L 116 -7.07 -28.72 0.12
N LEU L 117 -7.20 -28.07 1.28
CA LEU L 117 -7.35 -28.79 2.52
C LEU L 117 -8.64 -29.62 2.48
N ASN L 118 -9.75 -29.00 2.10
CA ASN L 118 -11.04 -29.70 2.01
C ASN L 118 -11.01 -30.86 1.01
N ALA L 119 -10.45 -30.61 -0.18
CA ALA L 119 -10.37 -31.65 -1.21
C ALA L 119 -9.51 -32.86 -0.82
N SER L 120 -8.56 -32.65 0.09
CA SER L 120 -7.65 -33.72 0.54
C SER L 120 -8.28 -34.75 1.46
N LEU L 121 -9.43 -34.41 2.05
CA LEU L 121 -10.06 -35.25 3.06
C LEU L 121 -11.01 -36.33 2.56
N LEU L 122 -11.20 -37.37 3.39
CA LEU L 122 -12.05 -38.52 3.06
C LEU L 122 -13.44 -38.11 2.59
#